data_3OFS
#
_entry.id   3OFS
#
_cell.length_a   56.655
_cell.length_b   146.662
_cell.length_c   191.086
_cell.angle_alpha   90.000
_cell.angle_beta   90.000
_cell.angle_gamma   90.000
#
_symmetry.space_group_name_H-M   'P 21 21 21'
#
loop_
_entity.id
_entity.type
_entity.pdbx_description
1 polymer 'ADP-ribosyl cyclase 1'
2 non-polymer '[(2R,3S,4R,5R)-5-(6-amino-9H-purin-9-yl)-3,4-dihydroxytetrahydrofuran-2-yl]methyl [(2R,3R,4R)-4-fluoro-3-hydroxytetrahydrofuran-2-yl]methyl dihydrogen diphosphate'
3 water water
#
_entity_poly.entity_id   1
_entity_poly.type   'polypeptide(L)'
_entity_poly.pdbx_seq_one_letter_code
;EFWRQTWSGPGTTKRFPETVLARCVKYTEIHPEMRHVDCQSVWDAFKGAFISKHPCDITEEDYQPLMKLGTQTVPCNKIL
LWSRIKDLAHQFTQVQRDMFTLADTLLGYLADDLTWCGEFDTSKINYQSCPDWRKDCSNNPVSVFWKTVSRRFAEAACDV
VHVMLDGSRSKIFDKDSTFGSVEVHNLQPEKVQTLEAWVIHGGREDSRDLCQDPTIKELESIISKRNIQFSCKNIYRPDK
FLQCVKNPEDSSCTSEI
;
_entity_poly.pdbx_strand_id   A,B,C,D,E,F
#
loop_
_chem_comp.id
_chem_comp.type
_chem_comp.name
_chem_comp.formula
AVU non-polymer '[(2R,3S,4R,5R)-5-(6-amino-9H-purin-9-yl)-3,4-dihydroxytetrahydrofuran-2-yl]methyl [(2R,3R,4R)-4-fluoro-3-hydroxytetrahydrofuran-2-yl]methyl dihydrogen diphosphate' 'C15 H22 F N5 O12 P2'
#
# COMPACT_ATOMS: atom_id res chain seq x y z
N TRP A 3 6.67 24.75 -8.21
CA TRP A 3 5.83 24.43 -7.03
C TRP A 3 6.70 23.81 -5.95
N ARG A 4 6.46 24.18 -4.70
CA ARG A 4 7.26 23.71 -3.57
C ARG A 4 6.64 22.48 -2.94
N GLN A 5 7.47 21.64 -2.33
CA GLN A 5 7.02 20.52 -1.55
C GLN A 5 7.54 20.64 -0.11
N THR A 6 6.84 20.03 0.83
CA THR A 6 7.31 19.87 2.21
C THR A 6 8.36 18.76 2.24
N TRP A 7 9.44 18.99 2.97
CA TRP A 7 10.52 18.01 3.11
C TRP A 7 10.48 17.32 4.47
N SER A 8 11.31 16.31 4.64
CA SER A 8 11.29 15.46 5.84
C SER A 8 12.29 15.90 6.92
N GLY A 9 13.26 16.73 6.54
CA GLY A 9 14.27 17.23 7.48
C GLY A 9 14.02 18.62 8.00
N PRO A 10 14.71 19.01 9.09
CA PRO A 10 14.54 20.36 9.64
C PRO A 10 14.79 21.45 8.59
N GLY A 11 14.11 22.60 8.74
CA GLY A 11 14.33 23.75 7.88
C GLY A 11 15.62 24.51 8.21
N THR A 12 15.85 25.59 7.49
CA THR A 12 17.06 26.38 7.65
C THR A 12 17.18 26.94 9.05
N THR A 13 18.40 26.86 9.63
CA THR A 13 18.67 27.35 10.98
C THR A 13 18.20 28.78 11.08
N LYS A 14 17.53 29.11 12.19
CA LYS A 14 17.06 30.47 12.44
C LYS A 14 18.24 31.47 12.43
N ARG A 15 18.01 32.65 11.89
CA ARG A 15 19.04 33.69 11.81
C ARG A 15 20.24 33.26 10.94
N PHE A 16 19.99 32.44 9.92
CA PHE A 16 21.07 31.89 9.13
C PHE A 16 21.98 32.96 8.50
N PRO A 17 21.39 33.98 7.86
CA PRO A 17 22.23 35.01 7.24
C PRO A 17 23.12 35.74 8.23
N GLU A 18 22.53 36.21 9.33
CA GLU A 18 23.27 36.93 10.34
C GLU A 18 24.36 36.08 11.00
N THR A 19 24.08 34.80 11.19
CA THR A 19 25.05 33.89 11.80
C THR A 19 26.26 33.69 10.90
N VAL A 20 26.04 33.54 9.60
CA VAL A 20 27.12 33.31 8.64
C VAL A 20 28.00 34.57 8.54
N LEU A 21 27.36 35.72 8.33
CA LEU A 21 28.04 37.02 8.33
C LEU A 21 28.85 37.27 9.62
N ALA A 22 28.22 37.06 10.78
CA ALA A 22 28.89 37.31 12.08
C ALA A 22 30.10 36.36 12.30
N ARG A 23 29.93 35.11 11.88
CA ARG A 23 31.03 34.13 11.93
C ARG A 23 32.18 34.53 10.99
N CYS A 24 31.85 34.98 9.79
CA CYS A 24 32.85 35.47 8.85
C CYS A 24 33.65 36.69 9.38
N VAL A 25 32.93 37.64 9.98
CA VAL A 25 33.55 38.80 10.58
C VAL A 25 34.46 38.40 11.75
N LYS A 26 33.99 37.47 12.58
CA LYS A 26 34.77 36.97 13.71
C LYS A 26 36.04 36.24 13.26
N TYR A 27 35.90 35.43 12.21
CA TYR A 27 37.01 34.64 11.68
C TYR A 27 38.07 35.56 11.07
N THR A 28 37.64 36.53 10.27
CA THR A 28 38.60 37.43 9.60
C THR A 28 39.29 38.40 10.58
N GLU A 29 38.66 38.63 11.73
CA GLU A 29 39.27 39.41 12.80
C GLU A 29 40.40 38.61 13.46
N ILE A 30 40.13 37.36 13.81
CA ILE A 30 41.13 36.53 14.50
C ILE A 30 42.29 36.15 13.59
N HIS A 31 41.99 35.78 12.34
CA HIS A 31 43.02 35.35 11.39
C HIS A 31 43.35 36.46 10.38
N PRO A 32 44.50 37.14 10.57
CA PRO A 32 44.84 38.31 9.76
C PRO A 32 45.13 37.99 8.30
N GLU A 33 45.65 36.79 8.07
CA GLU A 33 45.83 36.24 6.72
C GLU A 33 44.58 36.31 5.82
N MET A 34 43.43 36.69 6.36
CA MET A 34 42.18 36.66 5.60
C MET A 34 41.48 38.03 5.48
N ARG A 35 42.23 39.11 5.61
CA ARG A 35 41.65 40.46 5.48
C ARG A 35 41.19 40.78 4.04
N HIS A 36 41.79 40.09 3.07
CA HIS A 36 41.43 40.22 1.66
C HIS A 36 40.02 39.69 1.33
N VAL A 37 39.38 39.04 2.31
CA VAL A 37 38.00 38.56 2.19
C VAL A 37 36.99 39.59 2.70
N ASP A 38 36.02 39.93 1.86
CA ASP A 38 34.88 40.75 2.26
C ASP A 38 33.77 39.81 2.61
N CYS A 39 33.30 39.89 3.86
CA CYS A 39 32.28 38.95 4.30
C CYS A 39 30.92 39.13 3.58
N GLN A 40 30.63 40.33 3.11
CA GLN A 40 29.46 40.54 2.27
C GLN A 40 29.58 39.73 0.97
N SER A 41 30.79 39.68 0.41
CA SER A 41 31.01 38.95 -0.83
C SER A 41 30.89 37.46 -0.59
N VAL A 42 31.33 37.01 0.59
CA VAL A 42 31.30 35.62 0.96
C VAL A 42 29.86 35.16 1.08
N TRP A 43 29.04 36.00 1.72
CA TRP A 43 27.63 35.71 1.90
C TRP A 43 26.89 35.70 0.53
N ASP A 44 27.20 36.66 -0.34
CA ASP A 44 26.61 36.65 -1.68
C ASP A 44 26.88 35.34 -2.41
N ALA A 45 28.13 34.88 -2.37
CA ALA A 45 28.51 33.66 -3.07
C ALA A 45 27.83 32.44 -2.44
N PHE A 46 27.75 32.42 -1.11
CA PHE A 46 27.11 31.34 -0.38
C PHE A 46 25.66 31.23 -0.85
N LYS A 47 24.99 32.37 -0.89
CA LYS A 47 23.59 32.47 -1.26
C LYS A 47 23.38 31.95 -2.68
N GLY A 48 24.22 32.40 -3.61
CA GLY A 48 24.12 32.00 -5.00
C GLY A 48 24.31 30.50 -5.24
N ALA A 49 24.90 29.79 -4.28
CA ALA A 49 25.01 28.33 -4.39
C ALA A 49 23.66 27.60 -4.29
N PHE A 50 22.72 28.11 -3.49
CA PHE A 50 21.47 27.35 -3.19
C PHE A 50 20.13 28.11 -3.34
N ILE A 51 20.15 29.43 -3.28
CA ILE A 51 18.94 30.23 -3.45
C ILE A 51 18.39 30.07 -4.87
N SER A 52 17.07 30.05 -5.00
CA SER A 52 16.39 29.91 -6.29
C SER A 52 16.76 28.63 -7.05
N LYS A 53 17.09 27.59 -6.30
CA LYS A 53 17.42 26.29 -6.88
C LYS A 53 16.63 25.22 -6.16
N HIS A 54 16.26 24.18 -6.89
CA HIS A 54 15.57 23.05 -6.29
C HIS A 54 16.56 22.34 -5.37
N PRO A 55 16.18 22.09 -4.11
CA PRO A 55 17.17 21.59 -3.19
C PRO A 55 17.57 20.11 -3.31
N CYS A 56 17.18 19.43 -4.40
CA CYS A 56 17.71 18.10 -4.72
C CYS A 56 18.55 18.12 -6.02
N ASP A 57 18.76 19.31 -6.58
CA ASP A 57 19.49 19.47 -7.83
C ASP A 57 20.78 20.27 -7.62
N ILE A 58 21.27 20.32 -6.37
CA ILE A 58 22.48 21.09 -6.06
C ILE A 58 23.69 20.33 -6.58
N THR A 59 24.65 21.03 -7.19
CA THR A 59 25.90 20.41 -7.68
C THR A 59 27.10 21.03 -6.98
N GLU A 60 28.22 20.32 -6.99
CA GLU A 60 29.45 20.85 -6.41
C GLU A 60 29.86 22.12 -7.16
N GLU A 61 29.55 22.16 -8.45
CA GLU A 61 29.77 23.35 -9.28
C GLU A 61 29.05 24.60 -8.73
N ASP A 62 27.84 24.42 -8.17
CA ASP A 62 27.12 25.52 -7.53
C ASP A 62 27.94 26.19 -6.42
N TYR A 63 28.79 25.43 -5.75
CA TYR A 63 29.58 25.96 -4.65
C TYR A 63 30.94 26.53 -5.05
N GLN A 64 31.25 26.51 -6.34
CA GLN A 64 32.57 26.95 -6.79
C GLN A 64 32.89 28.41 -6.53
N PRO A 65 31.93 29.32 -6.75
CA PRO A 65 32.20 30.70 -6.38
C PRO A 65 32.55 30.88 -4.90
N LEU A 66 31.85 30.17 -4.01
CA LEU A 66 32.13 30.25 -2.59
C LEU A 66 33.49 29.62 -2.25
N MET A 67 33.81 28.49 -2.91
CA MET A 67 35.12 27.86 -2.71
C MET A 67 36.25 28.81 -3.12
N LYS A 68 36.04 29.56 -4.18
CA LYS A 68 37.04 30.49 -4.72
C LYS A 68 37.30 31.67 -3.79
N LEU A 69 36.24 32.23 -3.21
CA LEU A 69 36.39 33.32 -2.24
C LEU A 69 36.91 32.84 -0.90
N GLY A 70 36.53 31.61 -0.51
CA GLY A 70 36.98 30.99 0.74
C GLY A 70 38.27 30.17 0.64
N THR A 71 39.03 30.37 -0.44
CA THR A 71 40.33 29.69 -0.62
C THR A 71 41.31 30.21 0.40
N GLN A 72 42.08 29.29 0.97
CA GLN A 72 42.87 29.54 2.14
C GLN A 72 44.02 28.55 2.15
N THR A 73 45.26 29.02 2.19
CA THR A 73 46.37 28.09 2.37
C THR A 73 46.20 27.45 3.75
N VAL A 74 46.66 26.21 3.90
CA VAL A 74 46.61 25.53 5.19
C VAL A 74 47.95 24.85 5.48
N PRO A 75 48.23 24.58 6.77
CA PRO A 75 49.44 23.78 7.06
C PRO A 75 49.21 22.31 6.68
N CYS A 76 49.48 22.00 5.42
CA CYS A 76 49.09 20.71 4.81
C CYS A 76 49.67 19.49 5.49
N ASN A 77 50.78 19.64 6.19
CA ASN A 77 51.43 18.52 6.88
C ASN A 77 50.91 18.24 8.31
N LYS A 78 49.85 18.93 8.71
CA LYS A 78 49.32 18.84 10.06
C LYS A 78 47.79 18.67 10.05
N ILE A 79 47.25 18.11 8.97
CA ILE A 79 45.81 17.96 8.84
C ILE A 79 45.38 16.78 9.73
N LEU A 80 44.33 17.00 10.54
CA LEU A 80 43.64 15.91 11.23
C LEU A 80 42.25 15.75 10.61
N LEU A 81 42.05 14.64 9.91
CA LEU A 81 40.74 14.25 9.41
C LEU A 81 40.07 13.43 10.49
N TRP A 82 38.76 13.24 10.35
CA TRP A 82 38.01 12.38 11.28
C TRP A 82 36.76 11.82 10.62
N SER A 83 36.25 10.70 11.14
CA SER A 83 34.97 10.14 10.67
C SER A 83 34.04 9.80 11.84
N ARG A 84 32.88 10.46 11.88
CA ARG A 84 31.85 10.18 12.89
C ARG A 84 32.30 10.45 14.34
N ILE A 85 33.26 11.36 14.53
CA ILE A 85 33.81 11.67 15.86
C ILE A 85 34.33 13.14 15.88
N LYS A 86 33.44 14.04 15.50
CA LYS A 86 33.76 15.44 15.31
C LYS A 86 34.19 16.11 16.62
N ASP A 87 33.34 16.03 17.65
CA ASP A 87 33.59 16.75 18.91
C ASP A 87 34.89 16.31 19.59
N LEU A 88 35.19 15.02 19.57
CA LEU A 88 36.42 14.53 20.20
C LEU A 88 37.64 14.98 19.39
N ALA A 89 37.52 14.96 18.06
CA ALA A 89 38.55 15.45 17.16
C ALA A 89 38.93 16.91 17.47
N HIS A 90 37.92 17.78 17.47
CA HIS A 90 38.09 19.19 17.81
C HIS A 90 38.78 19.36 19.17
N GLN A 91 38.29 18.60 20.14
CA GLN A 91 38.82 18.60 21.52
C GLN A 91 40.28 18.14 21.59
N PHE A 92 40.68 17.25 20.68
CA PHE A 92 42.07 16.81 20.61
C PHE A 92 43.01 17.93 20.12
N THR A 93 42.51 18.77 19.21
CA THR A 93 43.29 19.86 18.62
C THR A 93 43.29 21.14 19.45
N GLN A 94 42.46 21.20 20.50
CA GLN A 94 42.54 22.31 21.46
C GLN A 94 43.69 22.06 22.46
N VAL A 95 44.02 20.79 22.71
CA VAL A 95 45.20 20.44 23.50
C VAL A 95 46.46 20.34 22.61
N GLN A 96 46.44 19.47 21.59
CA GLN A 96 47.55 19.39 20.63
C GLN A 96 47.37 20.48 19.57
N ARG A 97 47.63 21.72 19.97
CA ARG A 97 47.24 22.92 19.22
C ARG A 97 47.72 23.01 17.76
N ASP A 98 48.86 22.38 17.46
CA ASP A 98 49.47 22.50 16.14
C ASP A 98 48.79 21.66 15.06
N MET A 99 47.76 20.90 15.40
CA MET A 99 47.00 20.15 14.39
C MET A 99 45.77 20.93 13.94
N PHE A 100 45.39 20.70 12.68
CA PHE A 100 44.50 21.58 11.93
C PHE A 100 43.39 20.75 11.30
N THR A 101 42.13 21.06 11.62
CA THR A 101 40.97 20.39 11.02
C THR A 101 40.16 21.31 10.10
N LEU A 102 39.15 20.74 9.46
CA LEU A 102 38.27 21.49 8.55
C LEU A 102 37.50 22.59 9.28
N ALA A 103 37.13 22.31 10.52
CA ALA A 103 36.47 23.31 11.38
C ALA A 103 37.35 24.54 11.65
N ASP A 104 38.67 24.42 11.49
CA ASP A 104 39.57 25.57 11.66
C ASP A 104 39.70 26.45 10.41
N THR A 105 39.14 26.00 9.28
CA THR A 105 39.14 26.81 8.06
C THR A 105 37.92 27.73 8.08
N LEU A 106 38.01 28.82 7.33
CA LEU A 106 36.92 29.75 7.20
C LEU A 106 35.59 29.05 6.85
N LEU A 107 35.60 28.31 5.75
CA LEU A 107 34.37 27.70 5.25
C LEU A 107 33.78 26.70 6.26
N GLY A 108 34.63 25.85 6.84
CA GLY A 108 34.19 24.93 7.89
C GLY A 108 33.69 25.64 9.14
N TYR A 109 34.32 26.75 9.51
CA TYR A 109 33.86 27.55 10.66
C TYR A 109 32.51 28.21 10.36
N LEU A 110 32.34 28.78 9.17
CA LEU A 110 31.07 29.41 8.79
C LEU A 110 29.91 28.45 8.90
N ALA A 111 30.10 27.24 8.41
CA ALA A 111 29.01 26.29 8.14
C ALA A 111 28.70 25.32 9.28
N ASP A 112 29.52 25.31 10.33
CA ASP A 112 29.41 24.34 11.43
C ASP A 112 28.01 24.23 12.08
N ASP A 113 27.45 23.02 12.06
CA ASP A 113 26.18 22.68 12.71
C ASP A 113 24.99 23.49 12.19
N LEU A 114 25.08 24.08 11.01
CA LEU A 114 23.94 24.83 10.45
C LEU A 114 23.25 23.99 9.39
N THR A 115 21.98 24.30 9.16
CA THR A 115 21.20 23.71 8.07
C THR A 115 20.64 24.82 7.20
N TRP A 116 20.60 24.60 5.89
CA TRP A 116 20.08 25.59 4.95
C TRP A 116 19.59 24.97 3.66
N CYS A 117 18.59 25.61 3.07
CA CYS A 117 18.15 25.30 1.71
C CYS A 117 17.32 26.45 1.14
N GLY A 118 17.03 26.38 -0.14
CA GLY A 118 16.14 27.34 -0.78
C GLY A 118 15.07 26.59 -1.55
N GLU A 119 14.45 27.29 -2.49
CA GLU A 119 13.46 26.64 -3.37
C GLU A 119 13.57 27.14 -4.79
N PHE A 120 13.18 26.30 -5.75
CA PHE A 120 13.25 26.69 -7.15
C PHE A 120 12.49 27.98 -7.45
N ASP A 121 11.29 28.16 -6.91
CA ASP A 121 10.36 29.23 -7.35
C ASP A 121 10.56 30.61 -6.69
N THR A 122 11.47 30.73 -5.74
CA THR A 122 11.59 31.97 -4.96
C THR A 122 13.03 32.29 -4.58
N SER A 123 13.27 33.52 -4.14
CA SER A 123 14.61 33.95 -3.71
C SER A 123 14.76 33.85 -2.20
N LYS A 124 13.82 33.18 -1.55
CA LYS A 124 13.77 33.13 -0.10
C LYS A 124 14.47 31.90 0.43
N ILE A 125 15.01 32.04 1.63
CA ILE A 125 15.52 30.91 2.37
C ILE A 125 14.30 30.11 2.84
N ASN A 126 14.38 28.79 2.77
CA ASN A 126 13.31 27.96 3.26
C ASN A 126 13.56 27.62 4.74
N TYR A 127 12.80 28.26 5.62
CA TYR A 127 12.88 28.03 7.06
C TYR A 127 11.88 26.96 7.54
N GLN A 128 11.06 26.46 6.63
CA GLN A 128 10.02 25.48 6.96
C GLN A 128 10.57 24.06 7.01
N SER A 129 11.26 23.64 5.95
CA SER A 129 11.88 22.33 5.89
C SER A 129 12.95 22.24 4.82
N CYS A 130 13.85 21.28 4.97
CA CYS A 130 14.86 20.99 3.98
C CYS A 130 14.99 19.48 3.81
N PRO A 131 15.46 19.03 2.63
CA PRO A 131 15.56 17.61 2.36
C PRO A 131 16.41 16.83 3.37
N ASP A 132 15.92 15.67 3.79
CA ASP A 132 16.71 14.70 4.57
C ASP A 132 17.55 13.90 3.55
N TRP A 133 18.83 13.69 3.86
CA TRP A 133 19.73 13.02 2.89
C TRP A 133 19.26 11.60 2.57
N ARG A 134 18.73 10.89 3.58
CA ARG A 134 18.27 9.51 3.36
C ARG A 134 16.82 9.42 2.84
N LYS A 135 15.91 10.25 3.37
CA LYS A 135 14.48 10.15 3.03
C LYS A 135 14.08 10.87 1.74
N ASP A 136 14.78 11.97 1.41
CA ASP A 136 14.40 12.82 0.28
C ASP A 136 15.42 12.72 -0.87
N CYS A 137 16.66 13.13 -0.65
CA CYS A 137 17.67 13.19 -1.71
C CYS A 137 19.08 13.47 -1.19
N SER A 138 20.09 12.90 -1.83
CA SER A 138 21.47 13.16 -1.41
C SER A 138 22.05 14.50 -1.88
N ASN A 139 21.51 15.07 -2.97
CA ASN A 139 22.08 16.30 -3.55
C ASN A 139 21.41 17.58 -3.05
N ASN A 140 21.45 17.75 -1.74
CA ASN A 140 20.80 18.85 -1.07
C ASN A 140 21.87 19.88 -0.69
N PRO A 141 21.45 21.12 -0.38
CA PRO A 141 22.45 22.18 -0.19
C PRO A 141 23.55 21.90 0.85
N VAL A 142 23.18 21.25 1.95
CA VAL A 142 24.14 20.99 3.03
C VAL A 142 25.11 19.86 2.69
N SER A 143 24.58 18.73 2.24
CA SER A 143 25.40 17.58 1.88
C SER A 143 26.39 17.92 0.77
N VAL A 144 25.94 18.66 -0.24
CA VAL A 144 26.80 18.96 -1.36
C VAL A 144 27.91 19.97 -0.96
N PHE A 145 27.58 20.91 -0.10
CA PHE A 145 28.57 21.82 0.53
C PHE A 145 29.72 21.05 1.20
N TRP A 146 29.36 20.16 2.13
CA TRP A 146 30.36 19.40 2.88
C TRP A 146 31.15 18.47 1.98
N LYS A 147 30.48 17.91 0.97
CA LYS A 147 31.12 17.07 -0.06
C LYS A 147 32.17 17.87 -0.82
N THR A 148 31.81 19.10 -1.22
CA THR A 148 32.70 19.96 -1.99
C THR A 148 33.92 20.39 -1.21
N VAL A 149 33.73 20.95 -0.02
CA VAL A 149 34.84 21.43 0.80
C VAL A 149 35.74 20.26 1.24
N SER A 150 35.14 19.11 1.53
CA SER A 150 35.89 17.92 1.91
C SER A 150 36.83 17.44 0.81
N ARG A 151 36.32 17.41 -0.44
CA ARG A 151 37.14 16.98 -1.59
C ARG A 151 38.39 17.87 -1.62
N ARG A 152 38.13 19.17 -1.54
CA ARG A 152 39.18 20.18 -1.63
C ARG A 152 40.16 20.09 -0.44
N PHE A 153 39.64 19.83 0.75
CA PHE A 153 40.47 19.72 1.95
C PHE A 153 41.41 18.52 1.87
N ALA A 154 40.87 17.36 1.49
CA ALA A 154 41.69 16.17 1.21
C ALA A 154 42.75 16.41 0.12
N GLU A 155 42.39 17.10 -0.96
CA GLU A 155 43.37 17.52 -1.99
C GLU A 155 44.51 18.41 -1.48
N ALA A 156 44.27 19.15 -0.40
CA ALA A 156 45.27 20.08 0.14
C ALA A 156 46.33 19.38 1.03
N ALA A 157 45.98 18.20 1.56
CA ALA A 157 46.82 17.54 2.57
C ALA A 157 48.13 17.02 2.00
N CYS A 158 49.14 16.91 2.86
CA CYS A 158 50.45 16.45 2.42
C CYS A 158 51.23 15.71 3.52
N ASP A 159 52.30 15.03 3.12
CA ASP A 159 53.19 14.30 4.03
C ASP A 159 52.41 13.26 4.86
N VAL A 160 52.37 13.42 6.18
CA VAL A 160 51.63 12.51 7.06
C VAL A 160 50.27 13.12 7.42
N VAL A 161 49.21 12.41 7.02
CA VAL A 161 47.83 12.80 7.33
C VAL A 161 47.27 11.86 8.40
N HIS A 162 46.64 12.44 9.41
CA HIS A 162 46.05 11.65 10.49
C HIS A 162 44.53 11.67 10.37
N VAL A 163 43.91 10.55 10.76
CA VAL A 163 42.45 10.45 10.84
C VAL A 163 42.03 9.80 12.18
N MET A 164 41.14 10.46 12.89
CA MET A 164 40.54 9.93 14.10
C MET A 164 39.26 9.17 13.72
N LEU A 165 39.17 7.91 14.14
CA LEU A 165 38.01 7.05 13.90
C LEU A 165 37.46 6.58 15.25
N ASP A 166 36.16 6.28 15.27
CA ASP A 166 35.47 5.93 16.49
C ASP A 166 35.31 4.42 16.60
N GLY A 167 35.99 3.83 17.58
CA GLY A 167 35.93 2.38 17.83
C GLY A 167 34.58 1.83 18.27
N SER A 168 33.70 2.70 18.75
CA SER A 168 32.37 2.30 19.22
C SER A 168 31.32 2.22 18.10
N ARG A 169 31.72 2.47 16.84
CA ARG A 169 30.79 2.38 15.72
C ARG A 169 30.81 0.99 15.11
N SER A 170 29.68 0.59 14.56
CA SER A 170 29.55 -0.72 13.92
C SER A 170 30.58 -0.90 12.83
N LYS A 171 30.66 0.10 11.96
CA LYS A 171 31.70 0.19 10.96
C LYS A 171 32.68 1.28 11.40
N ILE A 172 33.83 0.89 11.95
CA ILE A 172 34.81 1.86 12.46
C ILE A 172 35.25 2.75 11.31
N PHE A 173 35.56 2.12 10.18
CA PHE A 173 35.70 2.78 8.90
C PHE A 173 34.47 2.44 8.06
N ASP A 174 33.74 3.48 7.64
CA ASP A 174 32.62 3.28 6.77
C ASP A 174 32.96 3.82 5.37
N LYS A 175 33.13 2.90 4.44
CA LYS A 175 33.42 3.19 3.03
C LYS A 175 32.46 4.23 2.43
N ASP A 176 31.22 4.26 2.91
CA ASP A 176 30.18 5.16 2.37
C ASP A 176 30.05 6.53 3.07
N SER A 177 30.83 6.77 4.12
CA SER A 177 30.85 8.08 4.75
C SER A 177 31.65 9.07 3.91
N THR A 178 31.59 10.34 4.27
CA THR A 178 32.34 11.38 3.58
C THR A 178 33.87 11.15 3.63
N PHE A 179 34.40 10.73 4.77
CA PHE A 179 35.82 10.39 4.86
C PHE A 179 36.14 9.23 3.94
N GLY A 180 35.28 8.21 3.99
CA GLY A 180 35.49 6.97 3.30
C GLY A 180 35.27 7.02 1.80
N SER A 181 34.39 7.90 1.33
CA SER A 181 34.23 8.08 -0.12
C SER A 181 35.11 9.24 -0.56
N VAL A 182 34.69 10.45 -0.29
CA VAL A 182 35.28 11.65 -0.89
C VAL A 182 36.74 11.94 -0.47
N GLU A 183 37.07 11.83 0.80
CA GLU A 183 38.39 12.26 1.25
C GLU A 183 39.46 11.21 0.97
N VAL A 184 39.23 9.97 1.35
CA VAL A 184 40.19 8.90 1.10
C VAL A 184 40.59 8.76 -0.36
N HIS A 185 39.65 8.95 -1.28
CA HIS A 185 39.94 8.81 -2.71
C HIS A 185 40.51 10.09 -3.36
N ASN A 186 40.75 11.13 -2.56
CA ASN A 186 41.35 12.36 -3.06
C ASN A 186 42.60 12.81 -2.30
N LEU A 187 43.13 11.92 -1.47
CA LEU A 187 44.47 12.09 -0.93
C LEU A 187 45.42 11.82 -2.09
N GLN A 188 46.26 12.80 -2.42
CA GLN A 188 47.04 12.73 -3.65
C GLN A 188 48.29 11.88 -3.47
N PRO A 189 48.45 10.84 -4.31
CA PRO A 189 49.54 9.86 -4.20
C PRO A 189 50.94 10.43 -3.97
N GLU A 190 51.31 11.50 -4.67
CA GLU A 190 52.68 12.00 -4.58
C GLU A 190 52.84 12.86 -3.31
N LYS A 191 51.85 13.72 -3.12
CA LYS A 191 51.82 14.73 -2.09
C LYS A 191 51.77 14.14 -0.68
N VAL A 192 50.90 13.17 -0.48
CA VAL A 192 50.75 12.50 0.81
C VAL A 192 51.60 11.24 0.82
N GLN A 193 52.43 11.09 1.86
CA GLN A 193 53.28 9.92 2.03
C GLN A 193 52.62 8.83 2.88
N THR A 194 51.87 9.22 3.90
CA THR A 194 51.29 8.28 4.86
C THR A 194 49.94 8.73 5.37
N LEU A 195 49.03 7.76 5.58
CA LEU A 195 47.79 7.98 6.35
C LEU A 195 47.92 7.21 7.65
N GLU A 196 47.86 7.91 8.77
CA GLU A 196 47.89 7.27 10.08
C GLU A 196 46.50 7.37 10.71
N ALA A 197 45.86 6.20 10.91
CA ALA A 197 44.56 6.12 11.57
C ALA A 197 44.71 5.98 13.08
N TRP A 198 43.89 6.71 13.83
CA TRP A 198 43.81 6.55 15.28
C TRP A 198 42.43 6.01 15.64
N VAL A 199 42.35 4.74 16.03
CA VAL A 199 41.07 4.18 16.43
C VAL A 199 40.83 4.49 17.91
N ILE A 200 39.83 5.33 18.19
CA ILE A 200 39.50 5.72 19.57
C ILE A 200 38.55 4.77 20.32
N HIS A 201 38.97 4.32 21.50
CA HIS A 201 38.11 3.57 22.41
C HIS A 201 37.54 4.50 23.48
N GLY A 202 36.38 4.16 24.01
CA GLY A 202 35.77 4.91 25.11
C GLY A 202 35.12 4.01 26.15
N GLU A 205 32.98 -0.31 24.33
CA GLU A 205 33.18 -1.30 23.27
C GLU A 205 34.33 -2.26 23.60
N ASP A 206 34.63 -3.17 22.67
CA ASP A 206 35.73 -4.12 22.82
C ASP A 206 37.07 -3.38 23.02
N SER A 207 37.78 -3.74 24.08
CA SER A 207 39.10 -3.17 24.38
C SER A 207 40.23 -4.16 24.03
N ARG A 208 40.42 -4.38 22.72
CA ARG A 208 41.51 -5.18 22.18
C ARG A 208 41.99 -4.51 20.88
N ASP A 209 42.83 -5.19 20.10
CA ASP A 209 43.38 -4.60 18.89
C ASP A 209 42.29 -4.38 17.83
N LEU A 210 41.93 -3.12 17.61
CA LEU A 210 40.87 -2.77 16.67
C LEU A 210 41.45 -2.40 15.31
N CYS A 211 42.76 -2.30 15.19
CA CYS A 211 43.40 -2.11 13.89
C CYS A 211 43.29 -3.36 12.99
N GLN A 212 42.92 -4.51 13.54
CA GLN A 212 42.65 -5.68 12.70
C GLN A 212 41.15 -5.82 12.35
N ASP A 213 40.32 -4.82 12.65
CA ASP A 213 38.89 -4.91 12.29
C ASP A 213 38.78 -4.99 10.77
N PRO A 214 37.84 -5.81 10.25
CA PRO A 214 37.70 -5.91 8.79
C PRO A 214 37.62 -4.57 8.07
N THR A 215 36.88 -3.61 8.64
CA THR A 215 36.75 -2.29 8.00
C THR A 215 38.05 -1.48 8.01
N ILE A 216 38.94 -1.73 8.97
CA ILE A 216 40.25 -1.07 8.95
C ILE A 216 41.17 -1.73 7.90
N LYS A 217 41.01 -3.03 7.70
CA LYS A 217 41.74 -3.75 6.62
C LYS A 217 41.29 -3.24 5.25
N GLU A 218 40.01 -2.96 5.13
CA GLU A 218 39.46 -2.32 3.95
C GLU A 218 40.17 -0.99 3.73
N LEU A 219 40.21 -0.17 4.77
CA LEU A 219 40.82 1.16 4.67
C LEU A 219 42.28 1.06 4.26
N GLU A 220 43.00 0.12 4.88
CA GLU A 220 44.40 -0.14 4.52
C GLU A 220 44.58 -0.47 3.04
N SER A 221 43.74 -1.34 2.49
CA SER A 221 43.89 -1.74 1.09
C SER A 221 43.56 -0.57 0.15
N ILE A 222 42.56 0.22 0.51
CA ILE A 222 42.21 1.39 -0.29
C ILE A 222 43.37 2.37 -0.40
N ILE A 223 43.94 2.71 0.74
CA ILE A 223 45.06 3.64 0.83
C ILE A 223 46.28 3.13 0.10
N SER A 224 46.53 1.84 0.27
CA SER A 224 47.68 1.17 -0.29
C SER A 224 47.69 1.20 -1.82
N LYS A 225 46.51 1.24 -2.42
CA LYS A 225 46.42 1.24 -3.88
C LYS A 225 46.72 2.62 -4.46
N ARG A 226 46.62 3.65 -3.61
CA ARG A 226 46.99 5.02 -3.98
C ARG A 226 48.45 5.32 -3.70
N ASN A 227 49.24 4.28 -3.43
CA ASN A 227 50.67 4.41 -3.19
C ASN A 227 50.98 5.23 -1.93
N ILE A 228 50.08 5.18 -0.97
CA ILE A 228 50.28 5.85 0.31
C ILE A 228 50.51 4.78 1.36
N GLN A 229 51.46 5.02 2.25
CA GLN A 229 51.70 4.11 3.37
C GLN A 229 50.57 4.25 4.41
N PHE A 230 50.21 3.14 5.04
CA PHE A 230 49.14 3.18 6.03
C PHE A 230 49.64 2.75 7.40
N SER A 231 49.26 3.51 8.42
CA SER A 231 49.57 3.17 9.79
C SER A 231 48.30 3.23 10.64
N CYS A 232 48.26 2.42 11.69
CA CYS A 232 47.10 2.42 12.58
C CYS A 232 47.53 2.37 14.04
N LYS A 233 46.77 3.05 14.91
CA LYS A 233 47.06 3.07 16.34
C LYS A 233 45.79 2.98 17.15
N ASN A 234 45.80 2.15 18.19
CA ASN A 234 44.73 2.11 19.17
C ASN A 234 44.98 3.15 20.25
N ILE A 235 44.06 4.10 20.41
CA ILE A 235 44.22 5.15 21.39
C ILE A 235 42.99 5.20 22.30
N TYR A 236 43.20 5.47 23.59
CA TYR A 236 42.13 5.44 24.58
C TYR A 236 41.68 6.84 25.02
N ARG A 237 40.39 7.11 24.84
CA ARG A 237 39.78 8.36 25.28
C ARG A 237 39.79 8.46 26.80
N PRO A 238 40.13 9.65 27.33
CA PRO A 238 40.01 9.92 28.77
C PRO A 238 38.57 10.22 29.18
N TRP B 3 50.52 -7.52 -8.81
CA TRP B 3 51.32 -7.22 -10.05
C TRP B 3 50.39 -7.14 -11.25
N ARG B 4 50.83 -6.42 -12.29
CA ARG B 4 50.00 -6.09 -13.46
C ARG B 4 50.50 -6.84 -14.69
N GLN B 5 49.59 -7.30 -15.53
CA GLN B 5 49.96 -7.89 -16.83
C GLN B 5 49.50 -6.98 -17.96
N THR B 6 50.19 -7.02 -19.09
CA THR B 6 49.70 -6.37 -20.29
C THR B 6 48.61 -7.25 -20.91
N TRP B 7 47.58 -6.63 -21.45
CA TRP B 7 46.44 -7.32 -22.05
C TRP B 7 46.50 -7.24 -23.57
N SER B 8 45.61 -8.00 -24.22
CA SER B 8 45.58 -8.12 -25.67
C SER B 8 44.82 -6.99 -26.34
N GLY B 9 43.86 -6.41 -25.63
CA GLY B 9 43.00 -5.37 -26.20
C GLY B 9 43.53 -3.96 -25.97
N PRO B 10 42.96 -2.96 -26.70
CA PRO B 10 43.41 -1.57 -26.55
C PRO B 10 43.12 -1.04 -25.15
N GLY B 11 43.96 -0.13 -24.67
CA GLY B 11 43.76 0.48 -23.37
C GLY B 11 42.57 1.41 -23.34
N THR B 12 42.33 1.99 -22.17
CA THR B 12 41.22 2.90 -21.96
C THR B 12 41.25 4.03 -22.98
N THR B 13 40.07 4.40 -23.47
CA THR B 13 39.93 5.45 -24.47
C THR B 13 40.59 6.70 -23.93
N LYS B 14 41.35 7.37 -24.79
CA LYS B 14 42.04 8.59 -24.42
C LYS B 14 40.99 9.61 -24.03
N ARG B 15 41.19 10.28 -22.90
CA ARG B 15 40.26 11.30 -22.39
C ARG B 15 38.95 10.71 -21.89
N PHE B 16 38.99 9.50 -21.35
CA PHE B 16 37.80 8.81 -20.82
C PHE B 16 37.06 9.63 -19.76
N PRO B 17 37.77 10.05 -18.69
CA PRO B 17 37.10 10.85 -17.67
C PRO B 17 36.38 12.07 -18.23
N GLU B 18 37.08 12.86 -19.04
CA GLU B 18 36.49 14.07 -19.61
C GLU B 18 35.33 13.77 -20.56
N THR B 19 35.48 12.74 -21.38
CA THR B 19 34.43 12.34 -22.29
C THR B 19 33.17 11.89 -21.54
N VAL B 20 33.33 11.06 -20.50
CA VAL B 20 32.17 10.61 -19.70
C VAL B 20 31.46 11.80 -19.01
N LEU B 21 32.23 12.72 -18.44
CA LEU B 21 31.65 13.90 -17.77
C LEU B 21 30.89 14.81 -18.74
N ALA B 22 31.54 15.17 -19.85
CA ALA B 22 30.91 16.01 -20.89
C ALA B 22 29.62 15.40 -21.43
N ARG B 23 29.61 14.09 -21.63
CA ARG B 23 28.40 13.41 -22.08
C ARG B 23 27.28 13.44 -21.01
N CYS B 24 27.66 13.28 -19.75
CA CYS B 24 26.68 13.30 -18.67
C CYS B 24 26.02 14.67 -18.54
N VAL B 25 26.86 15.71 -18.49
CA VAL B 25 26.38 17.08 -18.42
C VAL B 25 25.42 17.41 -19.57
N LYS B 26 25.78 16.98 -20.77
CA LYS B 26 24.92 17.19 -21.94
C LYS B 26 23.58 16.49 -21.78
N TYR B 27 23.63 15.19 -21.42
CA TYR B 27 22.41 14.42 -21.25
C TYR B 27 21.44 15.04 -20.24
N THR B 28 21.96 15.49 -19.10
CA THR B 28 21.13 16.15 -18.08
C THR B 28 20.67 17.53 -18.56
N GLU B 29 21.43 18.15 -19.46
CA GLU B 29 21.03 19.42 -20.08
C GLU B 29 19.87 19.28 -21.08
N ILE B 30 19.70 18.07 -21.63
CA ILE B 30 18.62 17.82 -22.58
C ILE B 30 17.37 17.29 -21.88
N HIS B 31 17.55 16.32 -20.99
CA HIS B 31 16.44 15.58 -20.39
C HIS B 31 16.13 16.05 -18.95
N PRO B 32 15.05 16.85 -18.77
CA PRO B 32 14.75 17.43 -17.45
C PRO B 32 14.60 16.42 -16.30
N GLU B 33 14.03 15.26 -16.56
CA GLU B 33 13.85 14.21 -15.54
C GLU B 33 15.12 13.97 -14.72
N MET B 34 16.27 14.16 -15.34
CA MET B 34 17.56 13.80 -14.74
C MET B 34 18.32 14.97 -14.11
N ARG B 35 17.66 16.10 -13.85
CA ARG B 35 18.31 17.23 -13.19
C ARG B 35 18.80 16.88 -11.77
N HIS B 36 18.18 15.88 -11.15
CA HIS B 36 18.57 15.46 -9.80
C HIS B 36 19.90 14.72 -9.74
N VAL B 37 20.38 14.23 -10.89
CA VAL B 37 21.70 13.56 -10.97
C VAL B 37 22.87 14.55 -11.00
N ASP B 38 23.87 14.30 -10.15
CA ASP B 38 25.14 15.05 -10.15
C ASP B 38 26.13 14.28 -11.00
N CYS B 39 26.63 14.90 -12.06
CA CYS B 39 27.52 14.20 -12.99
C CYS B 39 28.88 13.86 -12.38
N GLN B 40 29.31 14.66 -11.41
CA GLN B 40 30.50 14.32 -10.62
C GLN B 40 30.27 12.98 -9.91
N SER B 41 29.11 12.84 -9.27
CA SER B 41 28.80 11.63 -8.53
C SER B 41 28.68 10.41 -9.43
N VAL B 42 28.11 10.61 -10.62
CA VAL B 42 27.99 9.52 -11.61
C VAL B 42 29.37 9.01 -11.99
N TRP B 43 30.29 9.95 -12.23
CA TRP B 43 31.66 9.60 -12.56
C TRP B 43 32.33 8.90 -11.39
N ASP B 44 32.15 9.42 -10.18
CA ASP B 44 32.69 8.75 -8.99
C ASP B 44 32.28 7.26 -8.96
N ALA B 45 30.98 6.98 -9.14
CA ALA B 45 30.47 5.61 -9.03
C ALA B 45 30.92 4.69 -10.17
N PHE B 46 31.02 5.26 -11.37
CA PHE B 46 31.52 4.57 -12.56
C PHE B 46 32.95 4.16 -12.29
N LYS B 47 33.81 5.13 -11.98
CA LYS B 47 35.19 4.82 -11.64
C LYS B 47 35.21 3.70 -10.62
N GLY B 48 34.34 3.83 -9.62
CA GLY B 48 34.29 2.91 -8.48
C GLY B 48 33.97 1.47 -8.82
N ALA B 49 33.34 1.26 -9.97
CA ALA B 49 33.02 -0.08 -10.45
C ALA B 49 34.26 -0.89 -10.87
N PHE B 50 35.28 -0.23 -11.41
CA PHE B 50 36.40 -0.94 -12.02
C PHE B 50 37.81 -0.53 -11.57
N ILE B 51 37.93 0.64 -10.94
CA ILE B 51 39.20 1.10 -10.40
C ILE B 51 39.65 0.19 -9.25
N SER B 52 40.96 -0.05 -9.16
CA SER B 52 41.56 -0.84 -8.08
C SER B 52 41.06 -2.27 -8.01
N LYS B 53 40.62 -2.79 -9.15
CA LYS B 53 40.14 -4.17 -9.26
C LYS B 53 40.84 -4.85 -10.43
N HIS B 54 41.10 -6.15 -10.30
CA HIS B 54 41.61 -6.92 -11.44
C HIS B 54 40.56 -6.95 -12.56
N PRO B 55 40.93 -6.56 -13.78
CA PRO B 55 39.93 -6.44 -14.82
C PRO B 55 39.40 -7.75 -15.42
N CYS B 56 39.80 -8.92 -14.93
CA CYS B 56 39.11 -10.15 -15.30
C CYS B 56 38.24 -10.69 -14.15
N ASP B 57 38.20 -9.94 -13.06
CA ASP B 57 37.41 -10.34 -11.88
C ASP B 57 36.21 -9.42 -11.64
N ILE B 58 35.75 -8.73 -12.67
CA ILE B 58 34.65 -7.76 -12.52
C ILE B 58 33.32 -8.51 -12.48
N THR B 59 32.44 -8.15 -11.55
CA THR B 59 31.09 -8.69 -11.50
C THR B 59 30.03 -7.62 -11.78
N GLU B 60 28.79 -8.06 -12.00
CA GLU B 60 27.68 -7.12 -12.18
C GLU B 60 27.42 -6.33 -10.92
N GLU B 61 27.61 -6.99 -9.77
CA GLU B 61 27.53 -6.34 -8.47
C GLU B 61 28.42 -5.10 -8.36
N ASP B 62 29.62 -5.16 -8.94
CA ASP B 62 30.54 -4.03 -8.96
C ASP B 62 29.87 -2.78 -9.54
N TYR B 63 28.96 -2.97 -10.49
CA TYR B 63 28.34 -1.86 -11.25
C TYR B 63 27.02 -1.41 -10.63
N GLN B 64 26.68 -1.98 -9.48
CA GLN B 64 25.39 -1.71 -8.85
C GLN B 64 25.22 -0.28 -8.37
N PRO B 65 26.27 0.30 -7.76
CA PRO B 65 26.13 1.70 -7.37
C PRO B 65 25.89 2.63 -8.55
N LEU B 66 26.55 2.37 -9.68
CA LEU B 66 26.38 3.17 -10.89
C LEU B 66 24.99 2.99 -11.47
N MET B 67 24.50 1.75 -11.42
CA MET B 67 23.13 1.47 -11.88
C MET B 67 22.14 2.26 -11.04
N LYS B 68 22.43 2.39 -9.75
CA LYS B 68 21.55 3.07 -8.80
C LYS B 68 21.45 4.57 -9.10
N LEU B 69 22.59 5.22 -9.29
CA LEU B 69 22.65 6.66 -9.59
C LEU B 69 22.15 6.99 -10.99
N GLY B 70 22.47 6.12 -11.95
CA GLY B 70 22.20 6.38 -13.37
C GLY B 70 20.96 5.70 -13.93
N THR B 71 20.08 5.24 -13.04
CA THR B 71 18.82 4.61 -13.44
C THR B 71 17.75 5.67 -13.70
N GLN B 72 17.02 5.51 -14.79
CA GLN B 72 15.90 6.40 -15.11
C GLN B 72 14.68 5.57 -15.48
N THR B 73 13.50 6.11 -15.23
CA THR B 73 12.29 5.50 -15.76
C THR B 73 12.35 5.62 -17.27
N VAL B 74 11.72 4.68 -17.95
CA VAL B 74 11.69 4.66 -19.39
C VAL B 74 10.27 4.37 -19.84
N PRO B 75 9.92 4.76 -21.08
CA PRO B 75 8.64 4.35 -21.62
C PRO B 75 8.68 2.86 -21.97
N CYS B 76 8.37 2.00 -20.99
CA CYS B 76 8.62 0.55 -21.12
C CYS B 76 7.90 -0.13 -22.27
N ASN B 77 6.82 0.48 -22.76
CA ASN B 77 6.03 -0.13 -23.83
C ASN B 77 6.50 0.20 -25.25
N LYS B 78 7.61 0.92 -25.35
CA LYS B 78 8.15 1.35 -26.63
C LYS B 78 9.63 1.01 -26.79
N ILE B 79 10.05 -0.09 -26.16
CA ILE B 79 11.45 -0.50 -26.21
C ILE B 79 11.76 -1.22 -27.53
N LEU B 80 12.82 -0.78 -28.21
CA LEU B 80 13.33 -1.50 -29.38
C LEU B 80 14.67 -2.15 -29.08
N LEU B 81 14.64 -3.49 -29.04
CA LEU B 81 15.85 -4.26 -28.87
C LEU B 81 16.40 -4.61 -30.24
N TRP B 82 17.63 -5.09 -30.28
CA TRP B 82 18.26 -5.51 -31.52
C TRP B 82 19.40 -6.48 -31.26
N SER B 83 19.79 -7.22 -32.30
CA SER B 83 20.91 -8.14 -32.22
C SER B 83 21.76 -7.98 -33.47
N ARG B 84 22.99 -7.49 -33.29
CA ARG B 84 23.98 -7.37 -34.38
C ARG B 84 23.48 -6.49 -35.53
N ILE B 85 22.72 -5.47 -35.19
CA ILE B 85 22.17 -4.54 -36.17
C ILE B 85 21.94 -3.15 -35.54
N LYS B 86 22.88 -2.76 -34.68
CA LYS B 86 22.87 -1.52 -33.91
C LYS B 86 22.55 -0.26 -34.73
N ASP B 87 23.34 -0.03 -35.77
CA ASP B 87 23.23 1.20 -36.56
C ASP B 87 21.85 1.31 -37.20
N LEU B 88 21.38 0.20 -37.75
CA LEU B 88 20.09 0.19 -38.44
C LEU B 88 18.94 0.41 -37.47
N ALA B 89 19.01 -0.19 -36.28
CA ALA B 89 18.05 0.07 -35.22
C ALA B 89 17.96 1.57 -34.89
N HIS B 90 19.11 2.20 -34.72
CA HIS B 90 19.16 3.64 -34.44
C HIS B 90 18.68 4.48 -35.64
N GLN B 91 18.89 4.00 -36.86
CA GLN B 91 18.36 4.65 -38.05
C GLN B 91 16.83 4.58 -38.05
N PHE B 92 16.27 3.45 -37.63
CA PHE B 92 14.83 3.27 -37.54
C PHE B 92 14.19 4.22 -36.51
N THR B 93 14.84 4.38 -35.35
CA THR B 93 14.31 5.20 -34.26
C THR B 93 14.24 6.67 -34.63
N GLN B 94 15.15 7.12 -35.49
CA GLN B 94 15.16 8.51 -35.97
C GLN B 94 13.93 8.86 -36.80
N VAL B 95 13.36 7.89 -37.50
CA VAL B 95 12.11 8.09 -38.24
C VAL B 95 10.88 7.79 -37.34
N GLN B 96 10.82 6.58 -36.79
CA GLN B 96 9.75 6.25 -35.83
C GLN B 96 10.11 6.79 -34.45
N ARG B 97 9.94 8.10 -34.28
CA ARG B 97 10.47 8.84 -33.13
C ARG B 97 10.10 8.30 -31.75
N ASP B 98 9.01 7.54 -31.65
CA ASP B 98 8.50 7.12 -30.34
C ASP B 98 9.22 5.93 -29.68
N MET B 99 9.98 5.15 -30.44
CA MET B 99 10.63 3.95 -29.88
C MET B 99 11.98 4.26 -29.21
N PHE B 100 12.30 3.47 -28.19
CA PHE B 100 13.30 3.81 -27.16
C PHE B 100 14.39 2.73 -27.10
N THR B 101 15.64 3.10 -27.37
CA THR B 101 16.77 2.15 -27.35
C THR B 101 17.69 2.36 -26.16
N LEU B 102 18.59 1.39 -25.93
CA LEU B 102 19.55 1.49 -24.83
C LEU B 102 20.44 2.72 -25.01
N ALA B 103 20.80 3.01 -26.25
CA ALA B 103 21.56 4.20 -26.59
C ALA B 103 20.88 5.52 -26.16
N ASP B 104 19.56 5.51 -25.98
CA ASP B 104 18.83 6.69 -25.51
C ASP B 104 18.75 6.78 -23.99
N THR B 105 19.31 5.81 -23.28
CA THR B 105 19.40 5.92 -21.83
C THR B 105 20.68 6.66 -21.49
N LEU B 106 20.74 7.19 -20.27
CA LEU B 106 21.92 7.92 -19.79
C LEU B 106 23.18 7.04 -19.81
N LEU B 107 23.07 5.86 -19.20
CA LEU B 107 24.20 4.92 -19.15
C LEU B 107 24.62 4.47 -20.53
N GLY B 108 23.65 4.15 -21.38
CA GLY B 108 23.95 3.79 -22.76
C GLY B 108 24.68 4.90 -23.48
N TYR B 109 24.20 6.13 -23.32
CA TYR B 109 24.82 7.30 -23.94
C TYR B 109 26.25 7.56 -23.42
N LEU B 110 26.45 7.37 -22.12
CA LEU B 110 27.76 7.64 -21.51
C LEU B 110 28.86 6.72 -22.03
N ALA B 111 28.55 5.44 -22.19
CA ALA B 111 29.56 4.41 -22.46
C ALA B 111 29.71 4.07 -23.93
N ASP B 112 28.86 4.65 -24.77
CA ASP B 112 28.87 4.33 -26.19
C ASP B 112 30.28 4.42 -26.81
N ASP B 113 30.71 3.30 -27.41
CA ASP B 113 31.97 3.21 -28.14
C ASP B 113 33.19 3.59 -27.29
N LEU B 114 33.15 3.29 -26.00
CA LEU B 114 34.32 3.52 -25.16
C LEU B 114 34.88 2.21 -24.66
N THR B 115 36.15 2.24 -24.30
CA THR B 115 36.83 1.13 -23.63
C THR B 115 37.46 1.68 -22.36
N TRP B 116 37.42 0.89 -21.28
CA TRP B 116 38.01 1.28 -20.01
C TRP B 116 38.37 0.03 -19.21
N CYS B 117 39.36 0.20 -18.33
CA CYS B 117 39.73 -0.76 -17.32
C CYS B 117 40.75 -0.13 -16.38
N GLY B 118 40.91 -0.74 -15.21
CA GLY B 118 41.96 -0.39 -14.25
C GLY B 118 42.82 -1.60 -13.90
N GLU B 119 43.43 -1.55 -12.72
CA GLU B 119 44.33 -2.61 -12.24
C GLU B 119 44.17 -2.78 -10.72
N PHE B 120 44.39 -4.00 -10.23
CA PHE B 120 44.20 -4.30 -8.80
C PHE B 120 45.11 -3.46 -7.86
N ASP B 121 46.37 -3.26 -8.26
CA ASP B 121 47.38 -2.66 -7.38
C ASP B 121 47.34 -1.13 -7.23
N THR B 122 46.68 -0.43 -8.15
CA THR B 122 46.65 1.04 -8.10
C THR B 122 45.25 1.60 -8.25
N SER B 123 45.13 2.92 -8.02
CA SER B 123 43.87 3.62 -8.19
C SER B 123 43.83 4.36 -9.54
N LYS B 124 44.67 3.94 -10.47
CA LYS B 124 44.75 4.63 -11.76
C LYS B 124 43.99 3.89 -12.84
N ILE B 125 43.58 4.67 -13.84
CA ILE B 125 42.99 4.15 -15.03
C ILE B 125 44.10 3.61 -15.93
N ASN B 126 43.89 2.45 -16.54
CA ASN B 126 44.87 1.81 -17.44
C ASN B 126 44.66 2.25 -18.89
N TYR B 127 45.51 3.17 -19.36
CA TYR B 127 45.47 3.59 -20.76
C TYR B 127 46.37 2.70 -21.65
N GLN B 128 47.14 1.81 -21.02
CA GLN B 128 48.09 0.95 -21.73
C GLN B 128 47.40 -0.17 -22.54
N SER B 129 46.67 -1.02 -21.83
CA SER B 129 45.90 -2.07 -22.46
C SER B 129 44.76 -2.53 -21.55
N CYS B 130 43.74 -3.15 -22.15
CA CYS B 130 42.64 -3.76 -21.42
C CYS B 130 42.33 -5.15 -22.01
N PRO B 131 41.71 -6.02 -21.20
CA PRO B 131 41.44 -7.40 -21.61
C PRO B 131 40.51 -7.51 -22.82
N ASP B 132 40.90 -8.34 -23.78
CA ASP B 132 40.03 -8.73 -24.89
C ASP B 132 39.07 -9.84 -24.42
N TRP B 133 37.79 -9.66 -24.75
CA TRP B 133 36.73 -10.60 -24.42
C TRP B 133 37.06 -12.06 -24.80
N ARG B 134 37.66 -12.27 -25.97
CA ARG B 134 37.96 -13.63 -26.46
C ARG B 134 39.32 -14.15 -25.96
N LYS B 135 40.38 -13.37 -26.21
CA LYS B 135 41.75 -13.81 -25.91
C LYS B 135 42.05 -13.85 -24.41
N ASP B 136 41.53 -12.88 -23.66
CA ASP B 136 41.87 -12.73 -22.24
C ASP B 136 40.80 -13.29 -21.30
N CYS B 137 39.63 -12.65 -21.26
CA CYS B 137 38.60 -12.97 -20.27
C CYS B 137 37.29 -12.22 -20.53
N SER B 138 36.16 -12.87 -20.26
CA SER B 138 34.83 -12.27 -20.45
C SER B 138 34.35 -11.32 -19.34
N ASN B 139 34.88 -11.45 -18.12
CA ASN B 139 34.42 -10.59 -17.01
C ASN B 139 35.30 -9.37 -16.85
N ASN B 140 35.44 -8.65 -17.95
CA ASN B 140 36.19 -7.42 -18.01
C ASN B 140 35.25 -6.21 -17.85
N PRO B 141 35.80 -5.06 -17.45
CA PRO B 141 34.91 -3.95 -17.10
C PRO B 141 33.91 -3.51 -18.19
N VAL B 142 34.30 -3.55 -19.47
CA VAL B 142 33.39 -3.15 -20.55
C VAL B 142 32.27 -4.16 -20.75
N SER B 143 32.62 -5.44 -20.89
CA SER B 143 31.61 -6.45 -21.19
C SER B 143 30.62 -6.58 -20.03
N VAL B 144 31.14 -6.56 -18.80
CA VAL B 144 30.28 -6.73 -17.65
C VAL B 144 29.34 -5.52 -17.51
N PHE B 145 29.81 -4.33 -17.84
CA PHE B 145 28.95 -3.15 -17.87
C PHE B 145 27.76 -3.36 -18.78
N TRP B 146 28.05 -3.75 -20.02
CA TRP B 146 27.02 -3.90 -21.01
C TRP B 146 26.05 -5.02 -20.65
N LYS B 147 26.58 -6.11 -20.12
CA LYS B 147 25.76 -7.21 -19.65
C LYS B 147 24.86 -6.77 -18.50
N THR B 148 25.39 -5.94 -17.61
CA THR B 148 24.63 -5.39 -16.48
C THR B 148 23.49 -4.46 -16.91
N VAL B 149 23.80 -3.46 -17.71
CA VAL B 149 22.76 -2.57 -18.23
C VAL B 149 21.74 -3.29 -19.11
N SER B 150 22.19 -4.25 -19.90
CA SER B 150 21.32 -5.00 -20.79
C SER B 150 20.28 -5.83 -20.04
N ARG B 151 20.75 -6.55 -19.01
CA ARG B 151 19.87 -7.31 -18.14
C ARG B 151 18.80 -6.40 -17.53
N ARG B 152 19.20 -5.23 -17.05
CA ARG B 152 18.29 -4.32 -16.38
C ARG B 152 17.28 -3.70 -17.38
N PHE B 153 17.74 -3.40 -18.59
CA PHE B 153 16.89 -2.82 -19.61
C PHE B 153 15.84 -3.84 -20.06
N ALA B 154 16.24 -5.11 -20.24
CA ALA B 154 15.27 -6.18 -20.51
C ALA B 154 14.23 -6.29 -19.40
N GLU B 155 14.68 -6.21 -18.15
CA GLU B 155 13.78 -6.28 -17.00
C GLU B 155 12.79 -5.14 -16.93
N ALA B 156 13.17 -3.97 -17.44
CA ALA B 156 12.28 -2.82 -17.45
C ALA B 156 11.20 -2.91 -18.53
N ALA B 157 11.44 -3.66 -19.60
CA ALA B 157 10.54 -3.71 -20.74
C ALA B 157 9.13 -4.18 -20.35
N CYS B 158 8.11 -3.71 -21.09
CA CYS B 158 6.73 -4.12 -20.83
C CYS B 158 5.87 -4.20 -22.07
N ASP B 159 4.68 -4.78 -21.90
CA ASP B 159 3.67 -4.89 -22.98
C ASP B 159 4.21 -5.54 -24.27
N VAL B 160 4.27 -4.80 -25.37
CA VAL B 160 4.84 -5.32 -26.61
C VAL B 160 6.28 -4.79 -26.75
N VAL B 161 7.24 -5.72 -26.76
CA VAL B 161 8.65 -5.43 -27.00
C VAL B 161 9.01 -5.81 -28.46
N HIS B 162 9.77 -4.95 -29.12
CA HIS B 162 10.17 -5.20 -30.48
C HIS B 162 11.68 -5.45 -30.53
N VAL B 163 12.09 -6.37 -31.43
CA VAL B 163 13.50 -6.66 -31.62
C VAL B 163 13.82 -6.71 -33.08
N MET B 164 14.81 -5.92 -33.50
CA MET B 164 15.28 -5.93 -34.87
C MET B 164 16.40 -6.95 -35.04
N LEU B 165 16.21 -7.88 -36.00
CA LEU B 165 17.22 -8.91 -36.33
C LEU B 165 17.72 -8.79 -37.78
N ASP B 166 18.98 -9.17 -38.01
CA ASP B 166 19.62 -9.07 -39.35
C ASP B 166 19.50 -10.37 -40.14
N GLY B 167 18.58 -10.37 -41.10
CA GLY B 167 18.22 -11.58 -41.83
C GLY B 167 19.26 -12.07 -42.81
N SER B 168 20.26 -11.24 -43.11
CA SER B 168 21.33 -11.64 -44.02
C SER B 168 22.53 -12.24 -43.25
N ARG B 169 22.31 -12.56 -41.98
CA ARG B 169 23.35 -13.13 -41.11
C ARG B 169 23.27 -14.66 -41.12
N SER B 170 24.40 -15.31 -40.86
CA SER B 170 24.48 -16.77 -40.78
C SER B 170 23.45 -17.29 -39.78
N LYS B 171 23.54 -16.76 -38.57
CA LYS B 171 22.56 -17.05 -37.52
C LYS B 171 21.75 -15.79 -37.31
N ILE B 172 20.47 -15.83 -37.64
CA ILE B 172 19.60 -14.67 -37.50
C ILE B 172 19.38 -14.45 -36.02
N PHE B 173 18.99 -15.51 -35.30
CA PHE B 173 18.94 -15.46 -33.86
C PHE B 173 20.07 -16.30 -33.28
N ASP B 174 20.86 -15.68 -32.41
CA ASP B 174 22.00 -16.35 -31.78
C ASP B 174 21.75 -16.38 -30.27
N LYS B 175 21.42 -17.57 -29.76
CA LYS B 175 21.23 -17.76 -28.33
C LYS B 175 22.43 -17.29 -27.48
N ASP B 176 23.62 -17.25 -28.09
CA ASP B 176 24.85 -16.85 -27.38
C ASP B 176 25.12 -15.34 -27.32
N SER B 177 24.44 -14.54 -28.14
CA SER B 177 24.59 -13.08 -28.12
C SER B 177 23.98 -12.42 -26.87
N THR B 178 24.19 -11.11 -26.70
CA THR B 178 23.67 -10.43 -25.51
C THR B 178 22.14 -10.45 -25.55
N PHE B 179 21.55 -10.28 -26.73
CA PHE B 179 20.11 -10.33 -26.84
C PHE B 179 19.58 -11.72 -26.50
N GLY B 180 20.25 -12.75 -27.03
CA GLY B 180 19.75 -14.11 -26.99
C GLY B 180 19.99 -14.81 -25.67
N SER B 181 20.98 -14.33 -24.91
CA SER B 181 21.21 -14.85 -23.57
C SER B 181 20.52 -13.92 -22.58
N VAL B 182 21.19 -12.86 -22.18
CA VAL B 182 20.74 -12.02 -21.06
C VAL B 182 19.36 -11.35 -21.22
N GLU B 183 19.02 -10.87 -22.42
CA GLU B 183 17.81 -10.08 -22.58
C GLU B 183 16.55 -10.93 -22.71
N VAL B 184 16.57 -11.89 -23.62
CA VAL B 184 15.41 -12.72 -23.87
C VAL B 184 15.03 -13.52 -22.63
N HIS B 185 16.01 -13.94 -21.84
CA HIS B 185 15.75 -14.67 -20.62
C HIS B 185 15.44 -13.78 -19.39
N ASN B 186 15.33 -12.46 -19.60
CA ASN B 186 14.92 -11.54 -18.52
C ASN B 186 13.76 -10.61 -18.87
N LEU B 187 13.07 -10.90 -19.96
CA LEU B 187 11.74 -10.34 -20.25
C LEU B 187 10.79 -11.01 -19.26
N GLN B 188 10.10 -10.21 -18.47
CA GLN B 188 9.31 -10.73 -17.38
C GLN B 188 7.95 -11.17 -17.91
N PRO B 189 7.50 -12.40 -17.55
CA PRO B 189 6.17 -12.82 -17.93
C PRO B 189 5.12 -11.87 -17.35
N GLU B 190 4.00 -11.72 -18.07
CA GLU B 190 2.87 -10.86 -17.65
C GLU B 190 3.17 -9.36 -17.79
N LYS B 191 4.31 -8.91 -17.26
CA LYS B 191 4.80 -7.57 -17.57
C LYS B 191 4.88 -7.36 -19.09
N VAL B 192 5.54 -8.29 -19.77
CA VAL B 192 5.64 -8.29 -21.21
C VAL B 192 4.60 -9.25 -21.77
N GLN B 193 3.79 -8.82 -22.73
CA GLN B 193 2.80 -9.72 -23.34
C GLN B 193 3.30 -10.38 -24.59
N THR B 194 4.07 -9.62 -25.39
CA THR B 194 4.45 -10.03 -26.74
C THR B 194 5.87 -9.57 -27.05
N LEU B 195 6.65 -10.47 -27.62
CA LEU B 195 7.89 -10.06 -28.26
C LEU B 195 7.65 -10.14 -29.75
N GLU B 196 7.88 -9.04 -30.44
CA GLU B 196 7.71 -9.03 -31.89
C GLU B 196 9.05 -8.83 -32.56
N ALA B 197 9.45 -9.83 -33.37
CA ALA B 197 10.71 -9.78 -34.07
C ALA B 197 10.51 -9.22 -35.48
N TRP B 198 11.39 -8.29 -35.83
CA TRP B 198 11.48 -7.76 -37.17
C TRP B 198 12.76 -8.30 -37.80
N VAL B 199 12.62 -9.18 -38.78
CA VAL B 199 13.77 -9.73 -39.49
C VAL B 199 14.01 -8.91 -40.76
N ILE B 200 15.11 -8.16 -40.75
CA ILE B 200 15.42 -7.23 -41.81
C ILE B 200 16.12 -7.94 -42.95
N HIS B 201 15.50 -7.94 -44.12
CA HIS B 201 16.06 -8.56 -45.32
C HIS B 201 17.13 -7.66 -45.94
N GLY B 202 17.90 -8.22 -46.89
CA GLY B 202 18.91 -7.47 -47.64
C GLY B 202 18.33 -6.59 -48.74
N GLU B 205 15.07 -7.39 -51.00
CA GLU B 205 13.99 -7.90 -51.85
C GLU B 205 14.11 -9.40 -52.16
N ASP B 206 15.14 -10.06 -51.60
CA ASP B 206 15.25 -11.52 -51.64
C ASP B 206 14.08 -12.10 -50.85
N SER B 207 13.05 -12.56 -51.57
CA SER B 207 11.74 -12.84 -50.96
C SER B 207 11.50 -14.33 -50.62
N ARG B 208 11.73 -14.66 -49.35
CA ARG B 208 11.33 -15.91 -48.72
C ARG B 208 11.01 -15.66 -47.23
N ASP B 209 10.30 -16.59 -46.59
CA ASP B 209 9.78 -16.37 -45.25
C ASP B 209 10.83 -16.68 -44.18
N LEU B 210 11.58 -15.64 -43.80
CA LEU B 210 12.67 -15.80 -42.84
C LEU B 210 12.18 -16.00 -41.41
N CYS B 211 10.88 -15.87 -41.18
CA CYS B 211 10.30 -16.19 -39.88
C CYS B 211 10.19 -17.69 -39.63
N GLN B 212 10.32 -18.50 -40.69
CA GLN B 212 10.38 -19.95 -40.56
C GLN B 212 11.82 -20.46 -40.45
N ASP B 213 12.79 -19.55 -40.50
CA ASP B 213 14.21 -19.90 -40.32
C ASP B 213 14.36 -20.68 -39.02
N PRO B 214 15.17 -21.76 -39.03
CA PRO B 214 15.39 -22.58 -37.84
C PRO B 214 15.72 -21.79 -36.56
N THR B 215 16.54 -20.75 -36.67
CA THR B 215 16.92 -19.98 -35.49
C THR B 215 15.76 -19.16 -34.94
N ILE B 216 14.82 -18.76 -35.79
CA ILE B 216 13.65 -18.00 -35.32
C ILE B 216 12.65 -18.93 -34.62
N LYS B 217 12.45 -20.14 -35.14
CA LYS B 217 11.66 -21.15 -34.43
C LYS B 217 12.23 -21.44 -33.03
N GLU B 218 13.55 -21.35 -32.88
CA GLU B 218 14.18 -21.45 -31.57
C GLU B 218 13.80 -20.26 -30.69
N LEU B 219 13.82 -19.06 -31.25
CA LEU B 219 13.45 -17.86 -30.50
C LEU B 219 11.99 -17.97 -30.02
N GLU B 220 11.10 -18.27 -30.96
CA GLU B 220 9.69 -18.49 -30.66
C GLU B 220 9.49 -19.46 -29.51
N SER B 221 10.17 -20.60 -29.58
CA SER B 221 10.07 -21.61 -28.54
C SER B 221 10.46 -21.05 -27.18
N ILE B 222 11.62 -20.39 -27.13
CA ILE B 222 12.15 -19.84 -25.89
C ILE B 222 11.17 -18.84 -25.30
N ILE B 223 10.71 -17.91 -26.13
CA ILE B 223 9.78 -16.87 -25.69
C ILE B 223 8.44 -17.46 -25.29
N SER B 224 8.00 -18.47 -26.01
CA SER B 224 6.73 -19.12 -25.72
C SER B 224 6.71 -19.83 -24.36
N LYS B 225 7.87 -20.33 -23.92
CA LYS B 225 8.01 -20.94 -22.58
C LYS B 225 7.76 -19.93 -21.48
N ARG B 226 8.16 -18.70 -21.74
CA ARG B 226 8.08 -17.63 -20.76
C ARG B 226 6.66 -17.09 -20.65
N ASN B 227 5.71 -17.73 -21.34
CA ASN B 227 4.32 -17.34 -21.30
C ASN B 227 4.13 -16.00 -21.98
N ILE B 228 4.96 -15.75 -23.01
CA ILE B 228 4.95 -14.52 -23.79
C ILE B 228 4.64 -14.89 -25.25
N GLN B 229 3.74 -14.12 -25.86
CA GLN B 229 3.35 -14.33 -27.26
C GLN B 229 4.53 -13.99 -28.17
N PHE B 230 4.84 -14.86 -29.13
CA PHE B 230 5.85 -14.52 -30.14
C PHE B 230 5.16 -14.16 -31.47
N SER B 231 5.70 -13.13 -32.11
CA SER B 231 5.18 -12.59 -33.35
C SER B 231 6.37 -12.21 -34.21
N CYS B 232 6.40 -12.67 -35.45
CA CYS B 232 7.53 -12.37 -36.33
C CYS B 232 7.04 -11.75 -37.62
N LYS B 233 7.82 -10.83 -38.17
CA LYS B 233 7.50 -10.14 -39.43
C LYS B 233 8.74 -10.04 -40.28
N ASN B 234 8.57 -10.25 -41.57
CA ASN B 234 9.61 -10.01 -42.55
C ASN B 234 9.52 -8.53 -42.93
N ILE B 235 10.61 -7.79 -42.74
CA ILE B 235 10.70 -6.37 -43.05
C ILE B 235 11.82 -6.10 -44.05
N TYR B 236 11.56 -5.22 -45.01
CA TYR B 236 12.54 -4.83 -46.03
C TYR B 236 12.94 -3.38 -45.84
N ARG B 237 14.23 -3.11 -46.03
CA ARG B 237 14.79 -1.77 -45.85
C ARG B 237 14.59 -0.97 -47.12
N PRO B 238 14.49 0.37 -47.01
CA PRO B 238 14.38 1.21 -48.21
C PRO B 238 15.57 1.11 -49.18
N TRP C 3 -38.50 5.61 -33.60
CA TRP C 3 -39.05 6.98 -33.52
C TRP C 3 -38.05 7.89 -32.82
N ARG C 4 -37.64 8.97 -33.49
CA ARG C 4 -36.64 9.89 -32.95
C ARG C 4 -37.19 10.72 -31.78
N GLN C 5 -36.32 10.98 -30.79
CA GLN C 5 -36.62 11.78 -29.60
C GLN C 5 -35.62 12.92 -29.50
N THR C 6 -36.08 14.14 -29.21
CA THR C 6 -35.15 15.24 -28.96
C THR C 6 -34.67 15.19 -27.52
N TRP C 7 -33.41 15.53 -27.31
CA TRP C 7 -32.73 15.34 -26.03
C TRP C 7 -32.71 16.65 -25.22
N SER C 8 -32.15 16.57 -24.01
CA SER C 8 -32.14 17.72 -23.09
C SER C 8 -30.91 18.60 -23.24
N GLY C 9 -29.76 18.00 -23.51
CA GLY C 9 -28.49 18.72 -23.57
C GLY C 9 -28.25 19.34 -24.93
N PRO C 10 -27.23 20.22 -25.04
CA PRO C 10 -26.92 20.89 -26.32
C PRO C 10 -26.53 19.93 -27.42
N GLY C 11 -26.81 20.32 -28.66
CA GLY C 11 -26.45 19.52 -29.83
C GLY C 11 -24.95 19.55 -30.09
N THR C 12 -24.51 18.72 -31.03
CA THR C 12 -23.12 18.66 -31.43
C THR C 12 -22.55 20.05 -31.70
N THR C 13 -21.38 20.34 -31.16
CA THR C 13 -20.71 21.64 -31.40
C THR C 13 -20.63 21.95 -32.87
N LYS C 14 -20.99 23.18 -33.25
CA LYS C 14 -20.95 23.60 -34.65
C LYS C 14 -19.57 23.36 -35.28
N ARG C 15 -19.56 22.80 -36.48
CA ARG C 15 -18.34 22.56 -37.26
C ARG C 15 -17.42 21.54 -36.59
N PHE C 16 -18.04 20.56 -35.93
CA PHE C 16 -17.37 19.51 -35.16
C PHE C 16 -16.38 18.70 -36.00
N PRO C 17 -16.80 18.24 -37.19
CA PRO C 17 -15.86 17.46 -38.02
C PRO C 17 -14.60 18.27 -38.40
N GLU C 18 -14.80 19.51 -38.81
CA GLU C 18 -13.69 20.37 -39.21
C GLU C 18 -12.80 20.75 -38.03
N THR C 19 -13.40 20.94 -36.85
CA THR C 19 -12.66 21.23 -35.63
C THR C 19 -11.79 20.06 -35.18
N VAL C 20 -12.32 18.85 -35.25
CA VAL C 20 -11.57 17.67 -34.82
C VAL C 20 -10.39 17.39 -35.75
N LEU C 21 -10.61 17.56 -37.05
CA LEU C 21 -9.57 17.29 -38.05
C LEU C 21 -8.44 18.33 -37.98
N ALA C 22 -8.81 19.60 -37.78
CA ALA C 22 -7.83 20.68 -37.56
C ALA C 22 -7.05 20.54 -36.23
N ARG C 23 -7.71 20.06 -35.18
CA ARG C 23 -7.02 19.77 -33.92
C ARG C 23 -6.05 18.60 -34.09
N CYS C 24 -6.44 17.56 -34.82
CA CYS C 24 -5.56 16.43 -35.08
C CYS C 24 -4.34 16.85 -35.89
N VAL C 25 -4.51 17.75 -36.85
CA VAL C 25 -3.39 18.23 -37.65
C VAL C 25 -2.51 19.15 -36.81
N LYS C 26 -3.12 20.02 -36.01
CA LYS C 26 -2.35 20.91 -35.14
C LYS C 26 -1.55 20.09 -34.13
N TYR C 27 -2.18 19.07 -33.54
CA TYR C 27 -1.50 18.21 -32.56
C TYR C 27 -0.23 17.58 -33.12
N THR C 28 -0.34 17.01 -34.32
CA THR C 28 0.75 16.31 -34.97
C THR C 28 1.90 17.24 -35.35
N GLU C 29 1.59 18.51 -35.58
CA GLU C 29 2.60 19.55 -35.83
C GLU C 29 3.33 20.00 -34.56
N ILE C 30 2.59 20.13 -33.47
CA ILE C 30 3.12 20.50 -32.16
C ILE C 30 3.99 19.41 -31.54
N HIS C 31 3.73 18.15 -31.87
CA HIS C 31 4.42 17.01 -31.26
C HIS C 31 5.18 16.14 -32.28
N PRO C 32 6.26 16.65 -32.87
CA PRO C 32 7.03 15.87 -33.84
C PRO C 32 7.36 14.44 -33.37
N GLU C 33 7.83 14.32 -32.12
CA GLU C 33 8.33 13.04 -31.59
C GLU C 33 7.27 11.95 -31.36
N MET C 34 6.01 12.24 -31.63
CA MET C 34 4.96 11.23 -31.52
C MET C 34 5.04 10.27 -32.72
N ARG C 35 4.43 9.11 -32.56
CA ARG C 35 4.28 8.17 -33.68
C ARG C 35 3.38 8.78 -34.75
N HIS C 36 3.61 8.40 -35.99
CA HIS C 36 2.80 8.91 -37.10
C HIS C 36 1.34 8.44 -36.95
N VAL C 37 0.41 9.40 -37.05
CA VAL C 37 -1.01 9.08 -37.19
C VAL C 37 -1.56 9.71 -38.46
N ASP C 38 -2.55 9.05 -39.06
CA ASP C 38 -3.30 9.61 -40.17
C ASP C 38 -4.57 10.28 -39.62
N CYS C 39 -4.63 11.60 -39.74
CA CYS C 39 -5.72 12.37 -39.14
C CYS C 39 -7.10 12.06 -39.77
N GLN C 40 -7.13 11.80 -41.08
CA GLN C 40 -8.38 11.39 -41.73
C GLN C 40 -8.86 10.08 -41.13
N SER C 41 -7.96 9.09 -41.02
CA SER C 41 -8.27 7.80 -40.36
C SER C 41 -8.79 7.94 -38.95
N VAL C 42 -8.15 8.79 -38.16
CA VAL C 42 -8.57 9.03 -36.80
C VAL C 42 -9.98 9.62 -36.75
N TRP C 43 -10.25 10.61 -37.58
CA TRP C 43 -11.60 11.17 -37.66
C TRP C 43 -12.65 10.13 -38.11
N ASP C 44 -12.31 9.31 -39.11
CA ASP C 44 -13.25 8.29 -39.59
C ASP C 44 -13.60 7.26 -38.53
N ALA C 45 -12.61 6.87 -37.72
CA ALA C 45 -12.85 5.97 -36.58
C ALA C 45 -13.70 6.62 -35.50
N PHE C 46 -13.51 7.92 -35.30
CA PHE C 46 -14.22 8.67 -34.25
C PHE C 46 -15.70 8.73 -34.65
N LYS C 47 -15.93 9.18 -35.86
CA LYS C 47 -17.26 9.21 -36.49
C LYS C 47 -17.94 7.83 -36.40
N GLY C 48 -17.20 6.76 -36.70
CA GLY C 48 -17.77 5.41 -36.79
C GLY C 48 -18.25 4.88 -35.45
N ALA C 49 -17.70 5.43 -34.36
CA ALA C 49 -18.13 5.17 -32.99
C ALA C 49 -19.58 5.56 -32.67
N PHE C 50 -20.07 6.65 -33.24
CA PHE C 50 -21.38 7.16 -32.83
C PHE C 50 -22.38 7.45 -33.94
N ILE C 51 -21.93 7.64 -35.17
CA ILE C 51 -22.84 7.90 -36.30
C ILE C 51 -23.70 6.65 -36.61
N SER C 52 -24.97 6.88 -36.96
CA SER C 52 -25.97 5.82 -37.19
C SER C 52 -26.17 4.89 -35.98
N LYS C 53 -26.08 5.46 -34.79
CA LYS C 53 -26.27 4.69 -33.57
C LYS C 53 -27.13 5.48 -32.62
N HIS C 54 -27.94 4.76 -31.86
CA HIS C 54 -28.76 5.37 -30.83
C HIS C 54 -27.83 5.86 -29.73
N PRO C 55 -27.89 7.17 -29.43
CA PRO C 55 -26.95 7.75 -28.49
C PRO C 55 -27.19 7.42 -27.01
N CYS C 56 -28.05 6.45 -26.71
CA CYS C 56 -28.13 5.91 -25.35
C CYS C 56 -27.60 4.48 -25.30
N ASP C 57 -27.12 3.98 -26.43
CA ASP C 57 -26.62 2.60 -26.57
C ASP C 57 -25.13 2.54 -26.97
N ILE C 58 -24.36 3.58 -26.68
CA ILE C 58 -22.93 3.55 -27.00
C ILE C 58 -22.18 2.68 -26.00
N THR C 59 -21.25 1.87 -26.50
CA THR C 59 -20.37 1.03 -25.67
C THR C 59 -18.89 1.44 -25.85
N GLU C 60 -18.02 0.98 -24.97
CA GLU C 60 -16.58 1.18 -25.12
C GLU C 60 -16.07 0.50 -26.40
N GLU C 61 -16.64 -0.65 -26.76
CA GLU C 61 -16.27 -1.32 -28.02
C GLU C 61 -16.55 -0.47 -29.26
N ASP C 62 -17.56 0.40 -29.23
CA ASP C 62 -17.81 1.32 -30.35
C ASP C 62 -16.61 2.26 -30.60
N TYR C 63 -15.92 2.59 -29.52
CA TYR C 63 -14.75 3.46 -29.60
C TYR C 63 -13.44 2.72 -29.79
N GLN C 64 -13.47 1.41 -29.86
CA GLN C 64 -12.22 0.66 -29.95
C GLN C 64 -11.41 0.90 -31.23
N PRO C 65 -12.06 1.05 -32.39
CA PRO C 65 -11.23 1.41 -33.57
C PRO C 65 -10.50 2.75 -33.40
N LEU C 66 -11.16 3.71 -32.75
CA LEU C 66 -10.54 4.99 -32.45
C LEU C 66 -9.39 4.85 -31.46
N MET C 67 -9.61 4.08 -30.38
CA MET C 67 -8.54 3.83 -29.39
C MET C 67 -7.33 3.15 -30.05
N LYS C 68 -7.60 2.20 -30.94
CA LYS C 68 -6.55 1.47 -31.63
C LYS C 68 -5.67 2.41 -32.47
N LEU C 69 -6.30 3.33 -33.20
CA LEU C 69 -5.57 4.33 -34.00
C LEU C 69 -5.00 5.51 -33.19
N GLY C 70 -5.65 5.84 -32.08
CA GLY C 70 -5.46 7.14 -31.42
C GLY C 70 -4.74 7.19 -30.10
N THR C 71 -4.56 6.05 -29.43
CA THR C 71 -3.87 6.03 -28.14
C THR C 71 -2.37 5.85 -28.33
N GLN C 72 -1.64 5.81 -27.22
CA GLN C 72 -0.19 5.62 -27.20
C GLN C 72 0.54 6.76 -27.92
N THR C 73 0.12 7.99 -27.63
CA THR C 73 0.74 9.18 -28.22
C THR C 73 1.68 9.91 -27.25
N VAL C 74 1.67 9.52 -25.97
CA VAL C 74 2.61 10.09 -24.99
C VAL C 74 3.39 8.99 -24.25
N PRO C 75 4.59 9.32 -23.73
CA PRO C 75 5.38 8.32 -23.05
C PRO C 75 4.69 7.80 -21.79
N CYS C 76 4.60 6.48 -21.63
CA CYS C 76 3.80 5.93 -20.51
C CYS C 76 4.35 6.25 -19.14
N ASN C 77 5.64 6.61 -19.06
CA ASN C 77 6.28 6.94 -17.80
C ASN C 77 6.20 8.41 -17.39
N LYS C 78 5.42 9.21 -18.12
CA LYS C 78 5.30 10.64 -17.84
C LYS C 78 3.86 11.07 -17.74
N ILE C 79 3.01 10.18 -17.25
CA ILE C 79 1.59 10.49 -17.13
C ILE C 79 1.31 11.24 -15.81
N LEU C 80 0.51 12.30 -15.92
CA LEU C 80 -0.02 13.02 -14.77
C LEU C 80 -1.53 12.87 -14.77
N LEU C 81 -2.03 12.07 -13.84
CA LEU C 81 -3.47 12.00 -13.65
C LEU C 81 -3.85 13.13 -12.73
N TRP C 82 -5.15 13.39 -12.64
CA TRP C 82 -5.64 14.42 -11.73
C TRP C 82 -7.08 14.12 -11.36
N SER C 83 -7.51 14.64 -10.20
CA SER C 83 -8.91 14.55 -9.84
C SER C 83 -9.46 15.91 -9.39
N ARG C 84 -10.32 16.48 -10.22
CA ARG C 84 -11.05 17.72 -9.91
C ARG C 84 -10.12 18.91 -9.68
N ILE C 85 -9.05 18.96 -10.47
CA ILE C 85 -8.13 20.08 -10.47
C ILE C 85 -7.53 20.16 -11.89
N LYS C 86 -8.42 20.10 -12.88
CA LYS C 86 -8.07 20.02 -14.31
C LYS C 86 -7.17 21.15 -14.79
N ASP C 87 -7.55 22.38 -14.47
CA ASP C 87 -6.85 23.54 -15.03
C ASP C 87 -5.46 23.75 -14.41
N LEU C 88 -5.31 23.49 -13.12
CA LEU C 88 -4.00 23.53 -12.45
C LEU C 88 -3.08 22.38 -12.90
N ALA C 89 -3.65 21.21 -13.18
CA ALA C 89 -2.87 20.12 -13.78
C ALA C 89 -2.38 20.54 -15.17
N HIS C 90 -3.28 21.11 -15.98
CA HIS C 90 -2.90 21.65 -17.30
C HIS C 90 -1.80 22.71 -17.15
N GLN C 91 -2.02 23.70 -16.29
CA GLN C 91 -1.02 24.73 -16.03
C GLN C 91 0.36 24.16 -15.70
N PHE C 92 0.39 23.11 -14.87
CA PHE C 92 1.65 22.47 -14.48
C PHE C 92 2.43 21.91 -15.67
N THR C 93 1.72 21.25 -16.58
CA THR C 93 2.39 20.64 -17.74
C THR C 93 2.67 21.65 -18.85
N GLN C 94 1.99 22.79 -18.84
CA GLN C 94 2.35 23.87 -19.77
C GLN C 94 3.76 24.41 -19.46
N VAL C 95 4.16 24.36 -18.19
CA VAL C 95 5.52 24.76 -17.80
C VAL C 95 6.47 23.57 -17.83
N GLN C 96 6.10 22.49 -17.16
CA GLN C 96 6.91 21.28 -17.07
C GLN C 96 7.18 20.70 -18.48
N ARG C 97 6.10 20.39 -19.21
CA ARG C 97 6.16 20.02 -20.64
C ARG C 97 6.73 18.63 -21.01
N ASP C 98 7.48 18.00 -20.10
CA ASP C 98 7.82 16.58 -20.28
C ASP C 98 6.78 15.65 -19.63
N MET C 99 5.83 16.21 -18.88
CA MET C 99 4.69 15.44 -18.34
C MET C 99 3.38 15.73 -19.06
N PHE C 100 2.49 14.74 -19.11
CA PHE C 100 1.27 14.77 -19.93
C PHE C 100 0.01 14.40 -19.15
N THR C 101 -0.95 15.31 -19.15
CA THR C 101 -2.31 15.02 -18.69
C THR C 101 -3.10 14.49 -19.89
N LEU C 102 -4.34 14.07 -19.65
CA LEU C 102 -5.18 13.54 -20.75
C LEU C 102 -5.36 14.57 -21.86
N ALA C 103 -5.58 15.82 -21.46
CA ALA C 103 -5.74 16.95 -22.39
C ALA C 103 -4.51 17.16 -23.31
N ASP C 104 -3.36 16.66 -22.87
CA ASP C 104 -2.13 16.68 -23.68
C ASP C 104 -1.94 15.44 -24.56
N THR C 105 -2.79 14.42 -24.43
CA THR C 105 -2.77 13.29 -25.38
C THR C 105 -3.49 13.69 -26.66
N LEU C 106 -3.32 12.92 -27.72
CA LEU C 106 -3.99 13.23 -29.00
C LEU C 106 -5.50 13.24 -28.81
N LEU C 107 -6.04 12.16 -28.25
CA LEU C 107 -7.48 12.06 -28.17
C LEU C 107 -8.07 13.05 -27.17
N GLY C 108 -7.40 13.27 -26.05
CA GLY C 108 -7.88 14.25 -25.07
C GLY C 108 -7.83 15.67 -25.64
N TYR C 109 -6.82 15.94 -26.45
CA TYR C 109 -6.70 17.21 -27.14
C TYR C 109 -7.82 17.38 -28.18
N LEU C 110 -8.08 16.36 -28.97
CA LEU C 110 -9.13 16.43 -30.01
C LEU C 110 -10.50 16.79 -29.44
N ALA C 111 -10.90 16.07 -28.40
CA ALA C 111 -12.25 16.12 -27.87
C ALA C 111 -12.48 17.20 -26.81
N ASP C 112 -11.40 17.82 -26.31
CA ASP C 112 -11.55 18.77 -25.20
C ASP C 112 -12.67 19.80 -25.42
N ASP C 113 -13.59 19.86 -24.46
CA ASP C 113 -14.66 20.87 -24.43
C ASP C 113 -15.64 20.79 -25.62
N LEU C 114 -15.72 19.64 -26.28
CA LEU C 114 -16.67 19.46 -27.39
C LEU C 114 -17.85 18.56 -26.99
N THR C 115 -18.93 18.65 -27.76
CA THR C 115 -20.10 17.81 -27.57
C THR C 115 -20.44 17.18 -28.91
N TRP C 116 -20.89 15.92 -28.91
CA TRP C 116 -21.28 15.27 -30.16
C TRP C 116 -22.26 14.14 -29.92
N CYS C 117 -23.05 13.86 -30.96
CA CYS C 117 -23.90 12.68 -31.00
C CYS C 117 -24.52 12.50 -32.40
N GLY C 118 -25.01 11.30 -32.65
CA GLY C 118 -25.78 10.98 -33.83
C GLY C 118 -27.11 10.32 -33.48
N GLU C 119 -27.68 9.62 -34.45
CA GLU C 119 -28.99 9.00 -34.30
C GLU C 119 -29.02 7.66 -35.02
N PHE C 120 -29.81 6.72 -34.51
CA PHE C 120 -29.93 5.40 -35.13
C PHE C 120 -30.56 5.52 -36.53
N ASP C 121 -31.50 6.46 -36.61
CA ASP C 121 -32.33 6.69 -37.78
C ASP C 121 -31.57 7.12 -39.06
N THR C 122 -30.40 7.74 -38.93
CA THR C 122 -29.71 8.30 -40.10
C THR C 122 -28.20 8.39 -39.90
N SER C 123 -27.47 8.75 -40.94
CA SER C 123 -26.01 8.88 -40.87
C SER C 123 -25.51 10.28 -40.51
N LYS C 124 -26.41 11.19 -40.20
CA LYS C 124 -26.06 12.58 -39.91
C LYS C 124 -25.67 12.76 -38.45
N ILE C 125 -24.81 13.73 -38.22
CA ILE C 125 -24.50 14.22 -36.89
C ILE C 125 -25.69 15.06 -36.41
N ASN C 126 -26.04 14.95 -35.13
CA ASN C 126 -27.15 15.71 -34.56
C ASN C 126 -26.60 17.01 -33.96
N TYR C 127 -26.91 18.12 -34.63
CA TYR C 127 -26.51 19.45 -34.16
C TYR C 127 -27.63 20.15 -33.38
N GLN C 128 -28.76 19.47 -33.20
CA GLN C 128 -29.92 20.03 -32.54
C GLN C 128 -29.87 19.78 -31.04
N SER C 129 -29.58 18.54 -30.65
CA SER C 129 -29.55 18.17 -29.24
C SER C 129 -28.83 16.84 -29.04
N CYS C 130 -28.24 16.66 -27.87
CA CYS C 130 -27.58 15.42 -27.52
C CYS C 130 -27.94 15.03 -26.09
N PRO C 131 -27.89 13.73 -25.78
CA PRO C 131 -28.32 13.35 -24.42
C PRO C 131 -27.57 14.04 -23.28
N ASP C 132 -28.30 14.53 -22.27
CA ASP C 132 -27.69 14.94 -21.01
C ASP C 132 -27.46 13.68 -20.19
N TRP C 133 -26.31 13.57 -19.54
CA TRP C 133 -25.93 12.31 -18.89
C TRP C 133 -26.84 11.97 -17.70
N ARG C 134 -27.35 12.99 -17.01
CA ARG C 134 -28.25 12.78 -15.88
C ARG C 134 -29.74 12.71 -16.28
N LYS C 135 -30.14 13.53 -17.26
CA LYS C 135 -31.56 13.68 -17.62
C LYS C 135 -32.04 12.66 -18.63
N ASP C 136 -31.14 12.21 -19.50
CA ASP C 136 -31.52 11.33 -20.60
C ASP C 136 -30.92 9.94 -20.44
N CYS C 137 -29.60 9.82 -20.54
CA CYS C 137 -28.93 8.52 -20.42
C CYS C 137 -27.42 8.65 -20.22
N SER C 138 -26.85 7.70 -19.49
CA SER C 138 -25.41 7.70 -19.16
C SER C 138 -24.50 7.14 -20.26
N ASN C 139 -25.02 6.27 -21.12
CA ASN C 139 -24.19 5.62 -22.14
C ASN C 139 -24.29 6.37 -23.47
N ASN C 140 -23.96 7.66 -23.42
CA ASN C 140 -24.03 8.57 -24.58
C ASN C 140 -22.66 8.75 -25.20
N PRO C 141 -22.59 9.32 -26.43
CA PRO C 141 -21.30 9.37 -27.14
C PRO C 141 -20.16 10.08 -26.40
N VAL C 142 -20.47 11.19 -25.76
CA VAL C 142 -19.47 11.95 -25.01
C VAL C 142 -19.07 11.22 -23.73
N SER C 143 -20.04 10.77 -22.95
CA SER C 143 -19.75 10.12 -21.68
C SER C 143 -18.92 8.84 -21.84
N VAL C 144 -19.27 8.04 -22.84
CA VAL C 144 -18.63 6.74 -23.03
C VAL C 144 -17.22 6.97 -23.57
N PHE C 145 -17.06 8.01 -24.39
CA PHE C 145 -15.76 8.38 -24.91
C PHE C 145 -14.80 8.71 -23.75
N TRP C 146 -15.24 9.55 -22.82
CA TRP C 146 -14.35 9.95 -21.73
C TRP C 146 -14.03 8.77 -20.82
N LYS C 147 -15.01 7.90 -20.55
CA LYS C 147 -14.76 6.68 -19.79
C LYS C 147 -13.76 5.75 -20.49
N THR C 148 -13.91 5.58 -21.80
CA THR C 148 -13.02 4.71 -22.58
C THR C 148 -11.58 5.20 -22.61
N VAL C 149 -11.39 6.48 -22.98
CA VAL C 149 -10.06 7.05 -22.98
C VAL C 149 -9.43 7.07 -21.61
N SER C 150 -10.24 7.34 -20.59
CA SER C 150 -9.75 7.34 -19.23
C SER C 150 -9.22 5.97 -18.84
N ARG C 151 -9.98 4.93 -19.16
CA ARG C 151 -9.57 3.57 -18.87
C ARG C 151 -8.26 3.26 -19.64
N ARG C 152 -8.22 3.57 -20.93
CA ARG C 152 -7.03 3.31 -21.74
C ARG C 152 -5.81 4.08 -21.23
N PHE C 153 -6.03 5.29 -20.76
CA PHE C 153 -4.94 6.14 -20.27
C PHE C 153 -4.36 5.52 -19.02
N ALA C 154 -5.20 5.10 -18.08
CA ALA C 154 -4.72 4.36 -16.90
C ALA C 154 -3.98 3.05 -17.28
N GLU C 155 -4.47 2.32 -18.28
CA GLU C 155 -3.85 1.06 -18.74
C GLU C 155 -2.48 1.25 -19.41
N ALA C 156 -2.31 2.39 -20.07
CA ALA C 156 -1.04 2.75 -20.67
C ALA C 156 0.06 3.06 -19.64
N ALA C 157 -0.32 3.72 -18.54
CA ALA C 157 0.66 4.29 -17.61
C ALA C 157 1.65 3.27 -17.09
N CYS C 158 2.89 3.71 -16.86
CA CYS C 158 3.96 2.83 -16.45
C CYS C 158 4.95 3.51 -15.51
N ASP C 159 5.71 2.69 -14.79
CA ASP C 159 6.72 3.15 -13.84
C ASP C 159 6.10 3.99 -12.71
N VAL C 160 6.44 5.27 -12.59
CA VAL C 160 5.89 6.13 -11.55
C VAL C 160 4.79 6.98 -12.17
N VAL C 161 3.55 6.76 -11.73
CA VAL C 161 2.42 7.53 -12.22
C VAL C 161 2.14 8.60 -11.18
N HIS C 162 1.86 9.81 -11.63
CA HIS C 162 1.62 10.93 -10.74
C HIS C 162 0.16 11.27 -10.79
N VAL C 163 -0.38 11.72 -9.67
CA VAL C 163 -1.75 12.20 -9.62
C VAL C 163 -1.85 13.50 -8.83
N MET C 164 -2.36 14.57 -9.44
CA MET C 164 -2.60 15.84 -8.74
C MET C 164 -3.99 15.85 -8.09
N LEU C 165 -4.05 16.19 -6.80
CA LEU C 165 -5.33 16.24 -6.06
C LEU C 165 -5.50 17.62 -5.41
N ASP C 166 -6.76 18.05 -5.25
CA ASP C 166 -7.07 19.37 -4.69
C ASP C 166 -7.24 19.31 -3.16
N GLY C 167 -6.21 19.80 -2.47
CA GLY C 167 -6.19 19.81 -1.01
C GLY C 167 -7.18 20.75 -0.35
N SER C 168 -7.84 21.60 -1.13
CA SER C 168 -8.88 22.51 -0.59
C SER C 168 -10.28 21.89 -0.50
N ARG C 169 -10.49 20.74 -1.13
CA ARG C 169 -11.81 20.09 -1.14
C ARG C 169 -12.09 19.47 0.23
N SER C 170 -13.35 19.45 0.63
CA SER C 170 -13.74 18.73 1.84
C SER C 170 -13.57 17.23 1.64
N LYS C 171 -13.57 16.79 0.39
CA LYS C 171 -13.32 15.40 0.04
C LYS C 171 -12.25 15.37 -1.04
N ILE C 172 -11.00 15.12 -0.64
CA ILE C 172 -9.84 15.33 -1.51
C ILE C 172 -9.70 14.19 -2.52
N PHE C 173 -9.79 12.96 -2.03
CA PHE C 173 -9.89 11.79 -2.91
C PHE C 173 -11.29 11.27 -2.74
N ASP C 174 -11.94 10.97 -3.85
CA ASP C 174 -13.28 10.44 -3.87
C ASP C 174 -13.25 9.14 -4.67
N LYS C 175 -13.54 8.02 -3.99
CA LYS C 175 -13.44 6.70 -4.62
C LYS C 175 -14.40 6.49 -5.80
N ASP C 176 -15.47 7.27 -5.84
CA ASP C 176 -16.48 7.20 -6.89
C ASP C 176 -16.24 8.15 -8.08
N SER C 177 -15.20 8.98 -8.02
CA SER C 177 -14.87 9.86 -9.15
C SER C 177 -14.28 9.03 -10.29
N THR C 178 -14.10 9.62 -11.47
CA THR C 178 -13.48 8.89 -12.59
C THR C 178 -12.06 8.44 -12.21
N PHE C 179 -11.36 9.26 -11.43
CA PHE C 179 -10.02 8.90 -11.03
C PHE C 179 -10.04 7.65 -10.14
N GLY C 180 -10.91 7.67 -9.14
CA GLY C 180 -10.98 6.61 -8.14
C GLY C 180 -11.62 5.29 -8.57
N SER C 181 -12.58 5.35 -9.48
CA SER C 181 -13.32 4.15 -9.89
C SER C 181 -12.73 3.54 -11.14
N VAL C 182 -12.49 4.36 -12.17
CA VAL C 182 -11.99 3.88 -13.44
C VAL C 182 -10.45 3.83 -13.49
N GLU C 183 -9.80 4.92 -13.14
CA GLU C 183 -8.37 4.99 -13.38
C GLU C 183 -7.55 4.17 -12.39
N VAL C 184 -7.84 4.29 -11.10
CA VAL C 184 -7.14 3.52 -10.09
C VAL C 184 -7.29 2.01 -10.30
N HIS C 185 -8.48 1.54 -10.67
CA HIS C 185 -8.71 0.10 -10.85
C HIS C 185 -8.16 -0.44 -12.18
N ASN C 186 -7.71 0.44 -13.07
CA ASN C 186 -7.15 -0.01 -14.34
C ASN C 186 -5.68 0.28 -14.50
N LEU C 187 -5.04 0.75 -13.44
CA LEU C 187 -3.57 0.74 -13.41
C LEU C 187 -3.12 -0.71 -13.48
N GLN C 188 -1.95 -0.95 -14.06
CA GLN C 188 -1.49 -2.30 -14.29
C GLN C 188 -0.27 -2.56 -13.40
N PRO C 189 -0.46 -3.24 -12.25
CA PRO C 189 0.61 -3.45 -11.26
C PRO C 189 1.87 -4.04 -11.84
N GLU C 190 1.69 -5.00 -12.75
CA GLU C 190 2.83 -5.60 -13.48
C GLU C 190 3.77 -4.55 -14.10
N LYS C 191 3.26 -3.38 -14.49
CA LYS C 191 4.16 -2.35 -15.02
C LYS C 191 4.18 -1.02 -14.28
N VAL C 192 3.36 -0.85 -13.24
CA VAL C 192 3.33 0.40 -12.47
C VAL C 192 4.01 0.17 -11.11
N GLN C 193 5.09 0.87 -10.86
CA GLN C 193 5.85 0.67 -9.64
C GLN C 193 5.19 1.41 -8.49
N THR C 194 4.83 2.66 -8.76
CA THR C 194 4.40 3.60 -7.73
C THR C 194 3.37 4.55 -8.31
N LEU C 195 2.36 4.87 -7.50
CA LEU C 195 1.49 6.03 -7.72
C LEU C 195 1.85 7.09 -6.67
N GLU C 196 2.35 8.23 -7.13
CA GLU C 196 2.72 9.36 -6.28
C GLU C 196 1.63 10.44 -6.29
N ALA C 197 0.96 10.64 -5.16
CA ALA C 197 -0.04 11.70 -5.01
C ALA C 197 0.60 13.05 -4.69
N TRP C 198 0.21 14.06 -5.46
CA TRP C 198 0.54 15.46 -5.21
C TRP C 198 -0.72 16.15 -4.67
N VAL C 199 -0.73 16.45 -3.37
CA VAL C 199 -1.85 17.13 -2.74
C VAL C 199 -1.58 18.63 -2.74
N ILE C 200 -2.30 19.36 -3.59
CA ILE C 200 -2.05 20.77 -3.81
C ILE C 200 -2.80 21.59 -2.76
N HIS C 201 -2.06 22.31 -1.94
CA HIS C 201 -2.68 23.14 -0.91
C HIS C 201 -3.25 24.40 -1.52
N GLY C 202 -4.26 24.97 -0.86
CA GLY C 202 -4.95 26.15 -1.36
C GLY C 202 -4.16 27.43 -1.17
N GLY C 203 -3.29 27.46 -0.18
CA GLY C 203 -2.57 28.69 0.18
C GLY C 203 -1.10 28.63 -0.16
N ARG C 204 -0.40 29.73 0.08
CA ARG C 204 1.04 29.79 -0.16
C ARG C 204 1.76 28.88 0.83
N GLU C 205 1.25 28.86 2.07
CA GLU C 205 1.83 28.05 3.12
C GLU C 205 0.80 27.70 4.19
N ASP C 206 1.09 26.62 4.90
CA ASP C 206 0.35 26.22 6.10
C ASP C 206 1.14 25.09 6.77
N SER C 207 0.66 24.62 7.93
CA SER C 207 1.35 23.53 8.63
C SER C 207 0.53 22.24 8.72
N ARG C 208 -0.21 21.92 7.66
CA ARG C 208 -1.04 20.72 7.67
C ARG C 208 -0.41 19.66 6.76
N ASP C 209 -0.24 18.45 7.29
CA ASP C 209 0.19 17.32 6.49
C ASP C 209 -1.07 16.73 5.90
N LEU C 210 -1.46 17.22 4.71
CA LEU C 210 -2.66 16.72 4.04
C LEU C 210 -2.47 15.28 3.55
N CYS C 211 -1.25 14.75 3.61
CA CYS C 211 -1.04 13.34 3.27
C CYS C 211 -1.55 12.40 4.36
N GLN C 212 -1.93 12.96 5.51
CA GLN C 212 -2.57 12.18 6.56
C GLN C 212 -4.09 12.38 6.58
N ASP C 213 -4.64 13.12 5.62
CA ASP C 213 -6.10 13.26 5.49
C ASP C 213 -6.73 11.88 5.29
N PRO C 214 -7.87 11.63 5.94
CA PRO C 214 -8.53 10.31 5.88
C PRO C 214 -8.81 9.79 4.47
N THR C 215 -9.09 10.66 3.50
CA THR C 215 -9.36 10.18 2.14
C THR C 215 -8.06 9.78 1.45
N ILE C 216 -6.96 10.38 1.89
CA ILE C 216 -5.67 10.04 1.32
C ILE C 216 -5.16 8.70 1.86
N LYS C 217 -5.42 8.42 3.13
CA LYS C 217 -5.11 7.09 3.69
C LYS C 217 -5.95 6.01 3.01
N GLU C 218 -7.18 6.37 2.64
CA GLU C 218 -8.10 5.45 1.96
C GLU C 218 -7.48 5.06 0.64
N LEU C 219 -7.07 6.09 -0.11
CA LEU C 219 -6.37 5.90 -1.38
C LEU C 219 -5.11 5.05 -1.22
N GLU C 220 -4.30 5.36 -0.22
CA GLU C 220 -3.08 4.58 0.09
C GLU C 220 -3.41 3.09 0.31
N SER C 221 -4.48 2.82 1.05
CA SER C 221 -4.89 1.45 1.33
C SER C 221 -5.33 0.73 0.06
N ILE C 222 -6.07 1.42 -0.79
CA ILE C 222 -6.53 0.87 -2.06
C ILE C 222 -5.32 0.54 -2.94
N ILE C 223 -4.43 1.51 -3.10
CA ILE C 223 -3.28 1.37 -3.98
C ILE C 223 -2.37 0.24 -3.56
N SER C 224 -2.06 0.15 -2.27
CA SER C 224 -1.18 -0.90 -1.79
C SER C 224 -1.83 -2.26 -1.99
N LYS C 225 -3.16 -2.32 -1.85
CA LYS C 225 -3.91 -3.55 -2.08
C LYS C 225 -4.02 -3.92 -3.57
N ARG C 226 -3.66 -3.00 -4.45
CA ARG C 226 -3.51 -3.32 -5.85
C ARG C 226 -2.06 -3.68 -6.17
N ASN C 227 -1.27 -3.96 -5.12
CA ASN C 227 0.15 -4.31 -5.23
C ASN C 227 0.98 -3.23 -5.98
N ILE C 228 0.64 -1.96 -5.75
CA ILE C 228 1.42 -0.81 -6.23
C ILE C 228 1.88 0.03 -5.03
N GLN C 229 3.10 0.57 -5.11
CA GLN C 229 3.62 1.44 -4.03
C GLN C 229 2.92 2.80 -4.04
N PHE C 230 2.54 3.30 -2.86
CA PHE C 230 1.94 4.62 -2.75
C PHE C 230 2.92 5.61 -2.16
N SER C 231 3.01 6.76 -2.81
CA SER C 231 3.82 7.86 -2.31
C SER C 231 2.94 9.11 -2.28
N CYS C 232 3.11 9.95 -1.26
CA CYS C 232 2.31 11.19 -1.15
C CYS C 232 3.17 12.38 -0.78
N LYS C 233 2.94 13.51 -1.45
CA LYS C 233 3.67 14.76 -1.16
C LYS C 233 2.69 15.94 -0.99
N ASN C 234 2.98 16.79 -0.01
CA ASN C 234 2.32 18.10 0.13
C ASN C 234 2.97 19.13 -0.79
N ILE C 235 2.17 19.70 -1.69
CA ILE C 235 2.66 20.67 -2.67
C ILE C 235 2.01 22.03 -2.47
N TYR C 236 2.81 23.08 -2.60
CA TYR C 236 2.31 24.46 -2.51
C TYR C 236 2.53 25.16 -3.84
N ARG C 237 1.45 25.73 -4.36
CA ARG C 237 1.47 26.44 -5.64
C ARG C 237 2.12 27.81 -5.46
N PRO C 238 2.82 28.31 -6.49
CA PRO C 238 3.45 29.62 -6.42
C PRO C 238 2.43 30.77 -6.42
N TRP D 3 -2.67 -8.09 -0.38
CA TRP D 3 -1.89 -9.29 -0.79
C TRP D 3 -2.88 -10.37 -1.14
N ARG D 4 -2.65 -11.04 -2.27
CA ARG D 4 -3.59 -12.03 -2.77
C ARG D 4 -3.58 -13.30 -1.92
N GLN D 5 -4.76 -13.91 -1.77
CA GLN D 5 -4.91 -15.22 -1.17
C GLN D 5 -5.62 -16.16 -2.13
N THR D 6 -5.29 -17.45 -2.09
CA THR D 6 -6.10 -18.43 -2.82
C THR D 6 -7.31 -18.78 -1.98
N TRP D 7 -8.37 -19.23 -2.65
CA TRP D 7 -9.68 -19.42 -2.05
C TRP D 7 -10.05 -20.90 -2.06
N SER D 8 -11.14 -21.24 -1.39
CA SER D 8 -11.55 -22.66 -1.23
C SER D 8 -12.50 -23.15 -2.31
N GLY D 9 -13.26 -22.25 -2.91
CA GLY D 9 -14.24 -22.64 -3.89
C GLY D 9 -13.63 -22.80 -5.28
N PRO D 10 -14.39 -23.37 -6.21
CA PRO D 10 -13.88 -23.50 -7.58
C PRO D 10 -13.70 -22.14 -8.27
N GLY D 11 -12.78 -22.09 -9.23
CA GLY D 11 -12.52 -20.87 -9.98
C GLY D 11 -13.59 -20.64 -11.05
N THR D 12 -13.46 -19.52 -11.75
CA THR D 12 -14.44 -19.11 -12.74
C THR D 12 -14.68 -20.19 -13.80
N THR D 13 -15.93 -20.38 -14.18
CA THR D 13 -16.25 -21.37 -15.19
C THR D 13 -15.46 -21.08 -16.46
N LYS D 14 -14.91 -22.13 -17.05
CA LYS D 14 -14.08 -21.97 -18.24
C LYS D 14 -14.96 -21.45 -19.36
N ARG D 15 -14.43 -20.52 -20.15
CA ARG D 15 -15.14 -19.88 -21.25
C ARG D 15 -16.33 -19.03 -20.78
N PHE D 16 -16.20 -18.46 -19.58
CA PHE D 16 -17.23 -17.63 -18.95
C PHE D 16 -17.69 -16.47 -19.84
N PRO D 17 -16.76 -15.61 -20.30
CA PRO D 17 -17.17 -14.47 -21.10
C PRO D 17 -17.95 -14.89 -22.36
N GLU D 18 -17.41 -15.85 -23.10
CA GLU D 18 -18.07 -16.35 -24.32
C GLU D 18 -19.43 -16.94 -24.00
N THR D 19 -19.50 -17.68 -22.90
CA THR D 19 -20.72 -18.35 -22.49
C THR D 19 -21.80 -17.34 -22.10
N VAL D 20 -21.45 -16.29 -21.36
CA VAL D 20 -22.44 -15.29 -20.97
C VAL D 20 -22.99 -14.56 -22.21
N LEU D 21 -22.13 -14.23 -23.17
CA LEU D 21 -22.56 -13.52 -24.36
C LEU D 21 -23.44 -14.42 -25.23
N ALA D 22 -22.99 -15.66 -25.49
CA ALA D 22 -23.79 -16.61 -26.27
C ALA D 22 -25.17 -16.78 -25.64
N ARG D 23 -25.22 -16.88 -24.31
CA ARG D 23 -26.50 -17.04 -23.61
C ARG D 23 -27.40 -15.82 -23.76
N CYS D 24 -26.78 -14.64 -23.84
CA CYS D 24 -27.52 -13.40 -24.01
C CYS D 24 -28.14 -13.35 -25.39
N VAL D 25 -27.35 -13.65 -26.43
CA VAL D 25 -27.86 -13.65 -27.81
C VAL D 25 -29.00 -14.68 -27.94
N LYS D 26 -28.74 -15.92 -27.54
CA LYS D 26 -29.76 -16.95 -27.47
C LYS D 26 -31.05 -16.47 -26.78
N TYR D 27 -30.90 -15.87 -25.59
CA TYR D 27 -32.07 -15.37 -24.86
C TYR D 27 -32.90 -14.39 -25.70
N THR D 28 -32.22 -13.43 -26.32
CA THR D 28 -32.91 -12.45 -27.19
C THR D 28 -33.62 -13.12 -28.38
N GLU D 29 -33.05 -14.22 -28.89
CA GLU D 29 -33.64 -14.98 -30.01
C GLU D 29 -34.86 -15.81 -29.57
N ILE D 30 -34.80 -16.35 -28.35
CA ILE D 30 -35.89 -17.14 -27.77
C ILE D 30 -37.09 -16.29 -27.38
N HIS D 31 -36.84 -15.00 -27.14
CA HIS D 31 -37.87 -14.08 -26.66
C HIS D 31 -38.01 -12.87 -27.58
N PRO D 32 -38.71 -13.05 -28.71
CA PRO D 32 -38.94 -11.93 -29.64
C PRO D 32 -39.67 -10.73 -29.03
N GLU D 33 -40.56 -10.98 -28.06
CA GLU D 33 -41.48 -9.96 -27.55
C GLU D 33 -40.87 -9.06 -26.46
N MET D 34 -39.70 -9.42 -25.96
CA MET D 34 -39.03 -8.62 -24.93
C MET D 34 -38.46 -7.31 -25.50
N ARG D 35 -38.31 -6.32 -24.62
CA ARG D 35 -37.62 -5.07 -24.97
C ARG D 35 -36.17 -5.34 -25.38
N HIS D 36 -35.73 -4.66 -26.44
CA HIS D 36 -34.38 -4.86 -26.98
C HIS D 36 -33.31 -4.67 -25.90
N VAL D 37 -32.32 -5.56 -25.90
CA VAL D 37 -31.16 -5.41 -25.04
C VAL D 37 -29.93 -5.51 -25.93
N ASP D 38 -28.92 -4.70 -25.63
CA ASP D 38 -27.63 -4.86 -26.24
C ASP D 38 -26.76 -5.78 -25.37
N CYS D 39 -26.52 -6.98 -25.88
CA CYS D 39 -25.80 -8.02 -25.14
C CYS D 39 -24.37 -7.63 -24.72
N GLN D 40 -23.70 -6.88 -25.57
CA GLN D 40 -22.36 -6.39 -25.29
C GLN D 40 -22.39 -5.41 -24.12
N SER D 41 -23.39 -4.51 -24.08
CA SER D 41 -23.59 -3.60 -22.94
C SER D 41 -23.81 -4.41 -21.66
N VAL D 42 -24.59 -5.48 -21.78
CA VAL D 42 -24.92 -6.34 -20.65
C VAL D 42 -23.67 -7.03 -20.12
N TRP D 43 -22.87 -7.63 -21.01
CA TRP D 43 -21.61 -8.25 -20.61
C TRP D 43 -20.64 -7.26 -19.95
N ASP D 44 -20.47 -6.07 -20.54
CA ASP D 44 -19.56 -5.06 -19.99
C ASP D 44 -19.99 -4.66 -18.56
N ALA D 45 -21.29 -4.55 -18.34
CA ALA D 45 -21.84 -4.19 -17.04
C ALA D 45 -21.59 -5.32 -16.03
N PHE D 46 -21.76 -6.55 -16.49
CA PHE D 46 -21.53 -7.75 -15.65
C PHE D 46 -20.06 -7.81 -15.21
N LYS D 47 -19.17 -7.81 -16.19
CA LYS D 47 -17.73 -7.83 -15.97
C LYS D 47 -17.24 -6.73 -15.01
N GLY D 48 -17.79 -5.52 -15.19
CA GLY D 48 -17.41 -4.37 -14.37
C GLY D 48 -17.89 -4.48 -12.94
N ALA D 49 -18.85 -5.36 -12.68
CA ALA D 49 -19.28 -5.63 -11.32
C ALA D 49 -18.15 -6.24 -10.47
N PHE D 50 -17.25 -7.02 -11.06
CA PHE D 50 -16.34 -7.85 -10.24
C PHE D 50 -14.84 -7.86 -10.65
N ILE D 51 -14.51 -7.43 -11.86
CA ILE D 51 -13.13 -7.36 -12.31
C ILE D 51 -12.42 -6.23 -11.53
N SER D 52 -11.17 -6.46 -11.14
CA SER D 52 -10.38 -5.49 -10.38
C SER D 52 -10.99 -5.13 -9.04
N LYS D 53 -11.70 -6.08 -8.45
CA LYS D 53 -12.25 -5.90 -7.12
C LYS D 53 -11.92 -7.11 -6.31
N HIS D 54 -11.71 -6.88 -5.01
CA HIS D 54 -11.55 -7.96 -4.04
C HIS D 54 -12.86 -8.72 -3.93
N PRO D 55 -12.81 -10.04 -4.15
CA PRO D 55 -14.00 -10.84 -4.23
C PRO D 55 -14.65 -11.18 -2.89
N CYS D 56 -14.27 -10.53 -1.80
CA CYS D 56 -15.02 -10.61 -0.57
C CYS D 56 -15.65 -9.27 -0.17
N ASP D 57 -15.40 -8.23 -0.98
CA ASP D 57 -15.95 -6.87 -0.76
C ASP D 57 -16.99 -6.42 -1.82
N ILE D 58 -17.54 -7.36 -2.59
CA ILE D 58 -18.54 -7.03 -3.63
C ILE D 58 -19.82 -6.60 -2.92
N THR D 59 -20.41 -5.50 -3.40
CA THR D 59 -21.67 -4.99 -2.88
C THR D 59 -22.75 -5.03 -3.97
N GLU D 60 -24.00 -4.84 -3.56
CA GLU D 60 -25.10 -4.75 -4.52
C GLU D 60 -24.94 -3.61 -5.51
N GLU D 61 -24.46 -2.46 -5.05
CA GLU D 61 -24.16 -1.35 -5.94
C GLU D 61 -23.22 -1.74 -7.10
N ASP D 62 -22.31 -2.70 -6.88
CA ASP D 62 -21.40 -3.11 -7.94
C ASP D 62 -22.20 -3.67 -9.13
N TYR D 63 -23.33 -4.32 -8.83
CA TYR D 63 -24.14 -4.94 -9.88
C TYR D 63 -25.24 -4.00 -10.41
N GLN D 64 -25.31 -2.77 -9.91
CA GLN D 64 -26.38 -1.83 -10.28
C GLN D 64 -26.44 -1.51 -11.78
N PRO D 65 -25.29 -1.20 -12.40
CA PRO D 65 -25.32 -1.02 -13.85
C PRO D 65 -25.87 -2.24 -14.60
N LEU D 66 -25.51 -3.45 -14.17
CA LEU D 66 -26.05 -4.65 -14.81
C LEU D 66 -27.57 -4.81 -14.59
N MET D 67 -28.06 -4.46 -13.40
CA MET D 67 -29.50 -4.54 -13.12
C MET D 67 -30.26 -3.55 -14.00
N LYS D 68 -29.69 -2.34 -14.15
CA LYS D 68 -30.32 -1.27 -14.91
C LYS D 68 -30.60 -1.73 -16.34
N LEU D 69 -29.60 -2.40 -16.92
CA LEU D 69 -29.67 -2.90 -18.29
C LEU D 69 -30.43 -4.20 -18.43
N GLY D 70 -30.32 -5.07 -17.43
CA GLY D 70 -30.74 -6.47 -17.57
C GLY D 70 -32.04 -6.86 -16.91
N THR D 71 -32.65 -5.91 -16.20
CA THR D 71 -33.88 -6.20 -15.45
C THR D 71 -35.14 -5.87 -16.25
N GLN D 72 -36.30 -6.24 -15.70
CA GLN D 72 -37.61 -5.99 -16.33
C GLN D 72 -37.75 -6.66 -17.72
N THR D 73 -37.36 -7.94 -17.80
CA THR D 73 -37.45 -8.74 -19.04
C THR D 73 -38.63 -9.72 -19.12
N VAL D 74 -39.33 -9.96 -18.01
CA VAL D 74 -40.56 -10.77 -18.03
C VAL D 74 -41.73 -9.97 -17.41
N PRO D 75 -42.99 -10.33 -17.76
CA PRO D 75 -44.16 -9.61 -17.23
C PRO D 75 -44.29 -9.70 -15.71
N CYS D 76 -44.53 -8.57 -15.05
CA CYS D 76 -44.53 -8.56 -13.58
C CYS D 76 -45.65 -9.39 -12.95
N ASN D 77 -46.77 -9.55 -13.65
CA ASN D 77 -47.93 -10.28 -13.16
C ASN D 77 -47.90 -11.80 -13.43
N LYS D 78 -46.75 -12.33 -13.85
CA LYS D 78 -46.66 -13.76 -14.25
C LYS D 78 -45.42 -14.40 -13.67
N ILE D 79 -45.06 -13.93 -12.48
CA ILE D 79 -43.86 -14.37 -11.80
C ILE D 79 -44.17 -15.59 -10.93
N LEU D 80 -43.26 -16.57 -11.00
CA LEU D 80 -43.33 -17.75 -10.19
C LEU D 80 -42.05 -17.85 -9.39
N LEU D 81 -42.14 -17.45 -8.13
CA LEU D 81 -41.07 -17.69 -7.18
C LEU D 81 -41.09 -19.16 -6.77
N TRP D 82 -40.05 -19.59 -6.07
CA TRP D 82 -40.01 -20.93 -5.54
C TRP D 82 -38.98 -21.03 -4.44
N SER D 83 -39.09 -22.06 -3.61
CA SER D 83 -38.10 -22.29 -2.58
C SER D 83 -37.74 -23.78 -2.46
N ARG D 84 -36.45 -24.08 -2.67
CA ARG D 84 -35.91 -25.45 -2.58
C ARG D 84 -36.57 -26.44 -3.56
N ILE D 85 -37.10 -25.92 -4.67
CA ILE D 85 -37.82 -26.75 -5.65
C ILE D 85 -37.57 -26.18 -7.07
N LYS D 86 -36.29 -25.99 -7.39
CA LYS D 86 -35.86 -25.28 -8.59
C LYS D 86 -36.26 -26.00 -9.88
N ASP D 87 -35.91 -27.28 -9.98
CA ASP D 87 -36.13 -28.07 -11.18
C ASP D 87 -37.64 -28.21 -11.49
N LEU D 88 -38.45 -28.57 -10.49
CA LEU D 88 -39.90 -28.74 -10.70
C LEU D 88 -40.60 -27.44 -11.10
N ALA D 89 -40.18 -26.31 -10.52
CA ALA D 89 -40.72 -25.01 -10.90
C ALA D 89 -40.41 -24.70 -12.36
N HIS D 90 -39.20 -25.04 -12.77
CA HIS D 90 -38.76 -24.86 -14.16
C HIS D 90 -39.57 -25.77 -15.09
N GLN D 91 -39.77 -27.02 -14.68
CA GLN D 91 -40.59 -27.96 -15.46
C GLN D 91 -42.01 -27.46 -15.65
N PHE D 92 -42.60 -26.92 -14.59
CA PHE D 92 -43.90 -26.26 -14.68
C PHE D 92 -43.94 -25.16 -15.74
N THR D 93 -42.95 -24.26 -15.73
CA THR D 93 -42.95 -23.16 -16.71
C THR D 93 -42.53 -23.60 -18.11
N GLN D 94 -41.83 -24.72 -18.21
CA GLN D 94 -41.45 -25.25 -19.51
C GLN D 94 -42.68 -25.77 -20.25
N VAL D 95 -43.70 -26.18 -19.51
CA VAL D 95 -44.99 -26.57 -20.10
C VAL D 95 -45.92 -25.37 -20.14
N GLN D 96 -46.15 -24.76 -18.98
CA GLN D 96 -46.90 -23.51 -18.88
C GLN D 96 -45.98 -22.32 -19.17
N ARG D 97 -45.83 -21.98 -20.46
CA ARG D 97 -44.93 -20.88 -20.87
C ARG D 97 -45.50 -19.48 -20.57
N ASP D 98 -46.69 -19.44 -19.98
CA ASP D 98 -47.35 -18.20 -19.52
C ASP D 98 -46.67 -17.61 -18.28
N MET D 99 -45.92 -18.42 -17.52
CA MET D 99 -45.30 -17.99 -16.27
C MET D 99 -43.78 -18.11 -16.29
N PHE D 100 -43.12 -17.36 -15.44
CA PHE D 100 -41.68 -17.19 -15.50
C PHE D 100 -41.02 -17.28 -14.12
N THR D 101 -40.06 -18.19 -13.98
CA THR D 101 -39.17 -18.21 -12.82
C THR D 101 -37.95 -17.31 -13.07
N LEU D 102 -37.11 -17.16 -12.06
CA LEU D 102 -35.90 -16.36 -12.22
C LEU D 102 -35.03 -16.89 -13.36
N ALA D 103 -34.99 -18.22 -13.48
CA ALA D 103 -34.24 -18.88 -14.54
C ALA D 103 -34.76 -18.58 -15.95
N ASP D 104 -35.97 -18.03 -16.03
CA ASP D 104 -36.58 -17.64 -17.31
C ASP D 104 -36.42 -16.14 -17.59
N THR D 105 -35.81 -15.39 -16.67
CA THR D 105 -35.40 -13.99 -16.93
C THR D 105 -34.05 -13.98 -17.62
N LEU D 106 -33.71 -12.86 -18.26
CA LEU D 106 -32.41 -12.73 -18.94
C LEU D 106 -31.26 -13.00 -17.98
N LEU D 107 -31.25 -12.29 -16.85
CA LEU D 107 -30.15 -12.41 -15.87
C LEU D 107 -30.08 -13.79 -15.19
N GLY D 108 -31.21 -14.37 -14.85
CA GLY D 108 -31.20 -15.73 -14.27
C GLY D 108 -30.69 -16.75 -15.29
N TYR D 109 -31.08 -16.56 -16.54
CA TYR D 109 -30.66 -17.42 -17.64
C TYR D 109 -29.14 -17.30 -17.93
N LEU D 110 -28.61 -16.08 -17.88
CA LEU D 110 -27.18 -15.86 -18.16
C LEU D 110 -26.30 -16.58 -17.13
N ALA D 111 -26.64 -16.40 -15.85
CA ALA D 111 -25.76 -16.77 -14.74
C ALA D 111 -25.95 -18.21 -14.26
N ASP D 112 -27.04 -18.85 -14.69
CA ASP D 112 -27.41 -20.15 -14.13
C ASP D 112 -26.25 -21.16 -14.12
N ASP D 113 -25.94 -21.68 -12.92
CA ASP D 113 -24.93 -22.71 -12.74
C ASP D 113 -23.49 -22.29 -13.09
N LEU D 114 -23.24 -21.00 -13.26
CA LEU D 114 -21.88 -20.51 -13.48
C LEU D 114 -21.24 -19.98 -12.19
N THR D 115 -19.91 -19.99 -12.18
CA THR D 115 -19.11 -19.37 -11.14
C THR D 115 -18.17 -18.34 -11.75
N TRP D 116 -17.93 -17.25 -11.03
CA TRP D 116 -16.99 -16.22 -11.48
C TRP D 116 -16.41 -15.40 -10.33
N CYS D 117 -15.21 -14.89 -10.57
CA CYS D 117 -14.61 -13.88 -9.73
C CYS D 117 -13.38 -13.25 -10.39
N GLY D 118 -12.93 -12.16 -9.77
CA GLY D 118 -11.70 -11.48 -10.16
C GLY D 118 -10.86 -11.28 -8.90
N GLU D 119 -9.84 -10.42 -9.00
CA GLU D 119 -8.94 -10.12 -7.90
C GLU D 119 -8.59 -8.64 -7.96
N PHE D 120 -8.37 -8.05 -6.78
CA PHE D 120 -8.17 -6.62 -6.67
C PHE D 120 -6.94 -6.14 -7.44
N ASP D 121 -5.89 -6.95 -7.43
CA ASP D 121 -4.61 -6.55 -7.99
C ASP D 121 -4.43 -6.95 -9.47
N THR D 122 -5.53 -7.23 -10.17
CA THR D 122 -5.45 -7.54 -11.58
C THR D 122 -6.68 -7.05 -12.32
N SER D 123 -6.64 -7.10 -13.65
CA SER D 123 -7.82 -6.75 -14.44
C SER D 123 -8.32 -7.95 -15.24
N LYS D 124 -8.11 -9.15 -14.70
CA LYS D 124 -8.58 -10.36 -15.34
C LYS D 124 -9.40 -11.24 -14.43
N ILE D 125 -10.12 -12.15 -15.08
CA ILE D 125 -10.97 -13.11 -14.39
C ILE D 125 -10.06 -14.15 -13.74
N ASN D 126 -10.44 -14.59 -12.55
CA ASN D 126 -9.70 -15.60 -11.85
C ASN D 126 -10.30 -16.97 -12.15
N TYR D 127 -9.57 -17.78 -12.93
CA TYR D 127 -9.99 -19.13 -13.29
C TYR D 127 -9.45 -20.24 -12.38
N GLN D 128 -8.70 -19.86 -11.34
CA GLN D 128 -8.04 -20.82 -10.44
C GLN D 128 -8.96 -21.15 -9.25
N SER D 129 -9.37 -20.12 -8.51
CA SER D 129 -10.26 -20.31 -7.36
C SER D 129 -11.09 -19.07 -7.10
N CYS D 130 -12.23 -19.26 -6.45
CA CYS D 130 -13.12 -18.18 -6.03
C CYS D 130 -13.63 -18.44 -4.61
N PRO D 131 -14.01 -17.39 -3.87
CA PRO D 131 -14.42 -17.60 -2.50
C PRO D 131 -15.56 -18.60 -2.31
N ASP D 132 -15.35 -19.62 -1.49
CA ASP D 132 -16.47 -20.41 -1.03
C ASP D 132 -17.29 -19.55 -0.09
N TRP D 133 -18.60 -19.53 -0.32
CA TRP D 133 -19.55 -18.76 0.47
C TRP D 133 -19.39 -19.01 1.98
N ARG D 134 -19.12 -20.24 2.37
CA ARG D 134 -19.04 -20.63 3.79
C ARG D 134 -17.63 -20.48 4.41
N LYS D 135 -16.63 -21.04 3.74
CA LYS D 135 -15.27 -21.09 4.28
C LYS D 135 -14.54 -19.75 4.15
N ASP D 136 -14.85 -18.99 3.12
CA ASP D 136 -14.11 -17.78 2.79
C ASP D 136 -14.91 -16.53 3.17
N CYS D 137 -15.93 -16.20 2.37
CA CYS D 137 -16.70 -14.99 2.59
C CYS D 137 -18.04 -14.98 1.84
N SER D 138 -19.01 -14.29 2.42
CA SER D 138 -20.35 -14.19 1.87
C SER D 138 -20.52 -13.14 0.77
N ASN D 139 -19.83 -12.00 0.88
CA ASN D 139 -19.95 -10.95 -0.13
C ASN D 139 -19.06 -11.22 -1.32
N ASN D 140 -19.28 -12.35 -1.97
CA ASN D 140 -18.47 -12.74 -3.12
C ASN D 140 -19.30 -12.48 -4.37
N PRO D 141 -18.65 -12.50 -5.55
CA PRO D 141 -19.36 -12.06 -6.74
C PRO D 141 -20.60 -12.88 -7.12
N VAL D 142 -20.55 -14.19 -6.94
CA VAL D 142 -21.68 -15.07 -7.21
C VAL D 142 -22.81 -14.85 -6.20
N SER D 143 -22.53 -14.93 -4.91
CA SER D 143 -23.60 -14.74 -3.91
C SER D 143 -24.23 -13.36 -3.98
N VAL D 144 -23.41 -12.35 -4.12
CA VAL D 144 -23.94 -11.00 -4.24
C VAL D 144 -24.80 -10.84 -5.49
N PHE D 145 -24.43 -11.49 -6.58
CA PHE D 145 -25.24 -11.46 -7.80
C PHE D 145 -26.62 -12.02 -7.57
N TRP D 146 -26.71 -13.23 -7.03
CA TRP D 146 -28.02 -13.89 -6.80
C TRP D 146 -28.82 -13.17 -5.74
N LYS D 147 -28.16 -12.62 -4.74
CA LYS D 147 -28.87 -11.79 -3.78
C LYS D 147 -29.46 -10.54 -4.42
N THR D 148 -28.69 -9.85 -5.26
CA THR D 148 -29.17 -8.63 -5.93
C THR D 148 -30.34 -8.91 -6.88
N VAL D 149 -30.18 -9.89 -7.78
CA VAL D 149 -31.25 -10.18 -8.75
C VAL D 149 -32.49 -10.70 -8.03
N SER D 150 -32.30 -11.48 -6.96
CA SER D 150 -33.43 -11.97 -6.18
C SER D 150 -34.26 -10.84 -5.59
N ARG D 151 -33.59 -9.85 -4.99
CA ARG D 151 -34.28 -8.64 -4.51
C ARG D 151 -34.99 -7.89 -5.64
N ARG D 152 -34.30 -7.64 -6.75
CA ARG D 152 -34.92 -6.94 -7.90
C ARG D 152 -36.14 -7.65 -8.46
N PHE D 153 -36.05 -8.97 -8.59
CA PHE D 153 -37.13 -9.81 -9.13
C PHE D 153 -38.36 -9.70 -8.22
N ALA D 154 -38.14 -9.82 -6.92
CA ALA D 154 -39.24 -9.64 -5.95
C ALA D 154 -39.83 -8.22 -5.99
N GLU D 155 -38.97 -7.22 -6.17
CA GLU D 155 -39.41 -5.82 -6.26
C GLU D 155 -40.21 -5.56 -7.53
N ALA D 156 -39.91 -6.28 -8.60
CA ALA D 156 -40.64 -6.12 -9.88
C ALA D 156 -42.03 -6.74 -9.79
N ALA D 157 -42.15 -7.86 -9.08
CA ALA D 157 -43.41 -8.62 -9.04
C ALA D 157 -44.64 -7.74 -8.78
N CYS D 158 -45.74 -8.05 -9.46
CA CYS D 158 -46.97 -7.30 -9.30
C CYS D 158 -48.20 -8.20 -9.31
N ASP D 159 -49.33 -7.64 -8.85
CA ASP D 159 -50.66 -8.27 -8.87
C ASP D 159 -50.72 -9.58 -8.05
N VAL D 160 -50.86 -10.74 -8.68
CA VAL D 160 -50.83 -12.03 -7.97
C VAL D 160 -49.47 -12.67 -8.23
N VAL D 161 -48.69 -12.85 -7.17
CA VAL D 161 -47.38 -13.49 -7.27
C VAL D 161 -47.56 -14.92 -6.79
N HIS D 162 -47.00 -15.87 -7.52
CA HIS D 162 -47.03 -17.27 -7.07
C HIS D 162 -45.68 -17.74 -6.56
N VAL D 163 -45.75 -18.67 -5.61
CA VAL D 163 -44.55 -19.34 -5.13
C VAL D 163 -44.82 -20.84 -5.00
N MET D 164 -43.92 -21.65 -5.58
CA MET D 164 -43.95 -23.10 -5.46
C MET D 164 -43.10 -23.51 -4.27
N LEU D 165 -43.63 -24.40 -3.43
CA LEU D 165 -42.94 -24.93 -2.24
C LEU D 165 -43.01 -26.45 -2.20
N ASP D 166 -42.01 -27.07 -1.58
CA ASP D 166 -41.90 -28.51 -1.54
C ASP D 166 -42.58 -29.06 -0.28
N GLY D 167 -43.75 -29.67 -0.48
CA GLY D 167 -44.53 -30.26 0.61
C GLY D 167 -43.90 -31.48 1.29
N SER D 168 -42.84 -32.03 0.69
CA SER D 168 -42.14 -33.20 1.25
C SER D 168 -41.05 -32.87 2.25
N ARG D 169 -40.68 -31.60 2.35
CA ARG D 169 -39.58 -31.19 3.24
C ARG D 169 -40.05 -31.11 4.68
N SER D 170 -39.17 -31.41 5.63
CA SER D 170 -39.49 -31.25 7.05
C SER D 170 -39.81 -29.77 7.34
N LYS D 171 -39.22 -28.86 6.59
CA LYS D 171 -39.55 -27.44 6.67
C LYS D 171 -39.90 -26.90 5.27
N ILE D 172 -41.20 -26.77 5.00
CA ILE D 172 -41.69 -26.41 3.65
C ILE D 172 -41.36 -24.95 3.35
N PHE D 173 -41.55 -24.10 4.35
CA PHE D 173 -41.14 -22.71 4.26
C PHE D 173 -40.11 -22.44 5.32
N ASP D 174 -39.01 -21.83 4.89
CA ASP D 174 -37.91 -21.52 5.76
C ASP D 174 -37.70 -20.01 5.71
N LYS D 175 -37.96 -19.36 6.83
CA LYS D 175 -37.84 -17.91 6.94
C LYS D 175 -36.44 -17.39 6.61
N ASP D 176 -35.42 -18.25 6.81
CA ASP D 176 -34.04 -17.90 6.56
C ASP D 176 -33.57 -18.15 5.12
N SER D 177 -34.41 -18.78 4.29
CA SER D 177 -34.08 -19.03 2.89
C SER D 177 -34.00 -17.71 2.13
N THR D 178 -33.47 -17.77 0.90
CA THR D 178 -33.43 -16.59 0.06
C THR D 178 -34.85 -16.12 -0.19
N PHE D 179 -35.77 -17.06 -0.42
CA PHE D 179 -37.16 -16.68 -0.66
C PHE D 179 -37.75 -15.98 0.55
N GLY D 180 -37.54 -16.57 1.72
CA GLY D 180 -38.17 -16.09 2.93
C GLY D 180 -37.57 -14.84 3.52
N SER D 181 -36.28 -14.64 3.35
CA SER D 181 -35.65 -13.41 3.83
C SER D 181 -35.73 -12.34 2.74
N VAL D 182 -34.86 -12.42 1.74
CA VAL D 182 -34.77 -11.36 0.71
C VAL D 182 -36.05 -11.14 -0.10
N GLU D 183 -36.67 -12.18 -0.65
CA GLU D 183 -37.79 -11.97 -1.59
C GLU D 183 -39.11 -11.58 -0.95
N VAL D 184 -39.50 -12.32 0.08
CA VAL D 184 -40.76 -12.06 0.74
C VAL D 184 -40.79 -10.64 1.27
N HIS D 185 -39.68 -10.20 1.85
CA HIS D 185 -39.57 -8.86 2.43
C HIS D 185 -39.34 -7.72 1.40
N ASN D 186 -39.38 -8.03 0.12
CA ASN D 186 -39.30 -7.01 -0.91
C ASN D 186 -40.46 -7.07 -1.91
N LEU D 187 -41.50 -7.82 -1.58
CA LEU D 187 -42.79 -7.71 -2.28
C LEU D 187 -43.42 -6.42 -1.81
N GLN D 188 -43.75 -5.56 -2.77
CA GLN D 188 -44.25 -4.23 -2.47
C GLN D 188 -45.77 -4.28 -2.34
N PRO D 189 -46.30 -4.00 -1.13
CA PRO D 189 -47.76 -4.01 -0.91
C PRO D 189 -48.51 -3.11 -1.86
N GLU D 190 -47.84 -2.07 -2.33
CA GLU D 190 -48.45 -1.11 -3.24
C GLU D 190 -48.96 -1.75 -4.53
N LYS D 191 -48.21 -2.69 -5.10
CA LYS D 191 -48.57 -3.28 -6.39
C LYS D 191 -48.76 -4.81 -6.37
N VAL D 192 -48.46 -5.44 -5.25
CA VAL D 192 -48.76 -6.84 -5.07
C VAL D 192 -50.04 -6.94 -4.24
N GLN D 193 -51.09 -7.50 -4.80
CA GLN D 193 -52.33 -7.74 -4.05
C GLN D 193 -52.24 -9.04 -3.24
N THR D 194 -51.68 -10.07 -3.85
CA THR D 194 -51.74 -11.42 -3.28
C THR D 194 -50.50 -12.26 -3.58
N LEU D 195 -50.05 -13.01 -2.57
CA LEU D 195 -49.07 -14.07 -2.77
C LEU D 195 -49.76 -15.42 -2.64
N GLU D 196 -49.71 -16.20 -3.71
CA GLU D 196 -50.30 -17.50 -3.75
C GLU D 196 -49.26 -18.62 -3.71
N ALA D 197 -49.29 -19.41 -2.63
CA ALA D 197 -48.41 -20.56 -2.44
C ALA D 197 -49.03 -21.85 -2.98
N TRP D 198 -48.21 -22.59 -3.71
CA TRP D 198 -48.54 -23.88 -4.27
C TRP D 198 -47.68 -24.90 -3.53
N VAL D 199 -48.29 -25.64 -2.60
CA VAL D 199 -47.59 -26.65 -1.85
C VAL D 199 -47.71 -27.97 -2.59
N ILE D 200 -46.57 -28.41 -3.15
CA ILE D 200 -46.50 -29.60 -3.99
C ILE D 200 -46.35 -30.83 -3.10
N HIS D 201 -47.29 -31.75 -3.20
CA HIS D 201 -47.24 -32.98 -2.45
C HIS D 201 -46.28 -33.97 -3.09
N GLY D 202 -45.92 -34.98 -2.31
CA GLY D 202 -44.99 -36.00 -2.75
C GLY D 202 -45.54 -36.92 -3.82
N GLY D 203 -46.80 -37.34 -3.66
CA GLY D 203 -47.47 -38.24 -4.62
C GLY D 203 -48.96 -37.99 -4.71
N ASP D 206 -52.58 -38.53 -1.42
CA ASP D 206 -52.81 -38.45 0.03
C ASP D 206 -53.99 -37.53 0.37
N SER D 207 -54.32 -37.41 1.65
CA SER D 207 -55.42 -36.54 2.09
C SER D 207 -54.98 -35.59 3.21
N ARG D 208 -53.82 -34.96 3.03
CA ARG D 208 -53.31 -33.98 4.00
C ARG D 208 -53.42 -32.56 3.45
N ASP D 209 -53.86 -31.64 4.29
CA ASP D 209 -53.94 -30.23 3.93
C ASP D 209 -52.66 -29.56 4.40
N LEU D 210 -51.64 -29.58 3.54
CA LEU D 210 -50.33 -29.05 3.91
C LEU D 210 -50.33 -27.52 4.00
N CYS D 211 -51.40 -26.88 3.55
CA CYS D 211 -51.60 -25.45 3.78
C CYS D 211 -51.84 -25.11 5.25
N GLN D 212 -52.15 -26.11 6.08
CA GLN D 212 -52.24 -25.91 7.54
C GLN D 212 -50.92 -26.26 8.27
N ASP D 213 -49.88 -26.62 7.52
CA ASP D 213 -48.55 -26.88 8.09
C ASP D 213 -48.08 -25.66 8.87
N PRO D 214 -47.39 -25.88 10.00
CA PRO D 214 -46.90 -24.75 10.79
C PRO D 214 -46.04 -23.75 10.03
N THR D 215 -45.16 -24.22 9.13
CA THR D 215 -44.33 -23.27 8.38
C THR D 215 -45.14 -22.43 7.40
N ILE D 216 -46.31 -22.91 6.99
CA ILE D 216 -47.15 -22.16 6.04
C ILE D 216 -47.97 -21.07 6.75
N LYS D 217 -48.44 -21.37 7.97
CA LYS D 217 -49.07 -20.35 8.81
C LYS D 217 -48.09 -19.22 9.07
N GLU D 218 -46.81 -19.55 9.21
CA GLU D 218 -45.79 -18.54 9.47
C GLU D 218 -45.63 -17.64 8.25
N LEU D 219 -45.51 -18.24 7.07
CA LEU D 219 -45.47 -17.49 5.82
C LEU D 219 -46.70 -16.59 5.68
N GLU D 220 -47.87 -17.13 6.04
CA GLU D 220 -49.13 -16.38 5.99
C GLU D 220 -49.09 -15.12 6.87
N SER D 221 -48.59 -15.26 8.09
CA SER D 221 -48.51 -14.12 8.98
C SER D 221 -47.54 -13.08 8.40
N ILE D 222 -46.34 -13.53 8.07
CA ILE D 222 -45.32 -12.67 7.43
C ILE D 222 -45.89 -11.85 6.28
N ILE D 223 -46.54 -12.53 5.33
CA ILE D 223 -47.12 -11.88 4.15
C ILE D 223 -48.24 -10.92 4.55
N SER D 224 -49.10 -11.39 5.46
CA SER D 224 -50.20 -10.58 5.97
C SER D 224 -49.70 -9.32 6.68
N LYS D 225 -48.63 -9.45 7.44
CA LYS D 225 -48.04 -8.32 8.17
C LYS D 225 -47.28 -7.36 7.25
N ARG D 226 -47.22 -7.68 5.96
CA ARG D 226 -46.79 -6.72 4.92
C ARG D 226 -48.00 -6.08 4.23
N ASN D 227 -49.20 -6.37 4.72
CA ASN D 227 -50.43 -5.87 4.11
C ASN D 227 -50.66 -6.40 2.67
N ILE D 228 -50.36 -7.68 2.47
CA ILE D 228 -50.60 -8.36 1.21
C ILE D 228 -51.43 -9.60 1.52
N GLN D 229 -52.33 -9.97 0.63
CA GLN D 229 -53.20 -11.14 0.86
C GLN D 229 -52.43 -12.43 0.62
N PHE D 230 -52.76 -13.46 1.38
CA PHE D 230 -52.13 -14.77 1.24
C PHE D 230 -53.17 -15.83 0.91
N SER D 231 -52.85 -16.67 -0.06
CA SER D 231 -53.67 -17.85 -0.35
C SER D 231 -52.74 -19.03 -0.59
N CYS D 232 -53.22 -20.21 -0.26
CA CYS D 232 -52.44 -21.43 -0.37
C CYS D 232 -53.29 -22.52 -1.01
N LYS D 233 -52.62 -23.38 -1.78
CA LYS D 233 -53.25 -24.47 -2.50
C LYS D 233 -52.42 -25.75 -2.37
N ASN D 234 -53.12 -26.86 -2.16
CA ASN D 234 -52.52 -28.19 -2.17
C ASN D 234 -52.48 -28.70 -3.61
N ILE D 235 -51.27 -28.88 -4.14
CA ILE D 235 -51.07 -29.24 -5.54
C ILE D 235 -50.43 -30.61 -5.64
N TYR D 236 -50.93 -31.41 -6.58
CA TYR D 236 -50.39 -32.71 -6.87
C TYR D 236 -49.79 -32.76 -8.26
N ARG D 237 -48.55 -33.24 -8.34
CA ARG D 237 -47.84 -33.37 -9.61
C ARG D 237 -48.20 -34.70 -10.25
N TRP E 3 36.53 -17.64 37.13
CA TRP E 3 37.35 -17.53 35.90
C TRP E 3 36.44 -17.43 34.69
N ARG E 4 36.95 -16.81 33.64
CA ARG E 4 36.12 -16.42 32.49
C ARG E 4 36.54 -17.21 31.26
N GLN E 5 35.58 -17.70 30.46
CA GLN E 5 35.91 -18.32 29.17
C GLN E 5 35.50 -17.43 28.02
N THR E 6 36.21 -17.52 26.91
CA THR E 6 35.78 -16.92 25.64
C THR E 6 34.60 -17.72 25.07
N TRP E 7 33.63 -16.99 24.51
CA TRP E 7 32.45 -17.62 23.93
C TRP E 7 32.55 -17.63 22.40
N SER E 8 31.61 -18.32 21.77
CA SER E 8 31.61 -18.48 20.31
C SER E 8 30.92 -17.33 19.60
N GLY E 9 30.00 -16.66 20.30
CA GLY E 9 29.19 -15.61 19.66
C GLY E 9 29.70 -14.18 19.85
N PRO E 10 29.17 -13.25 19.04
CA PRO E 10 29.55 -11.84 19.17
C PRO E 10 29.38 -11.35 20.60
N GLY E 11 30.22 -10.41 21.01
CA GLY E 11 30.06 -9.77 22.30
C GLY E 11 28.94 -8.76 22.32
N THR E 12 28.76 -8.11 23.45
CA THR E 12 27.67 -7.16 23.63
C THR E 12 27.79 -6.05 22.57
N THR E 13 26.65 -5.66 22.01
CA THR E 13 26.59 -4.57 21.06
C THR E 13 27.31 -3.33 21.60
N LYS E 14 28.06 -2.67 20.72
CA LYS E 14 28.76 -1.46 21.08
C LYS E 14 27.73 -0.41 21.45
N ARG E 15 27.98 0.32 22.54
CA ARG E 15 27.09 1.36 23.01
C ARG E 15 25.77 0.84 23.58
N PHE E 16 25.74 -0.41 24.02
CA PHE E 16 24.52 -1.03 24.52
C PHE E 16 23.79 -0.18 25.59
N PRO E 17 24.49 0.23 26.66
CA PRO E 17 23.79 0.98 27.69
C PRO E 17 23.13 2.25 27.16
N GLU E 18 23.88 3.06 26.43
CA GLU E 18 23.29 4.31 25.92
C GLU E 18 22.23 4.04 24.86
N THR E 19 22.38 2.96 24.10
CA THR E 19 21.40 2.56 23.08
C THR E 19 20.06 2.17 23.71
N VAL E 20 20.08 1.34 24.75
CA VAL E 20 18.85 0.93 25.42
C VAL E 20 18.14 2.14 26.03
N LEU E 21 18.93 3.01 26.66
CA LEU E 21 18.40 4.21 27.31
C LEU E 21 17.77 5.17 26.31
N ALA E 22 18.46 5.42 25.19
CA ALA E 22 17.91 6.32 24.17
C ALA E 22 16.67 5.71 23.52
N ARG E 23 16.62 4.38 23.40
CA ARG E 23 15.45 3.74 22.84
C ARG E 23 14.27 3.89 23.77
N CYS E 24 14.53 3.76 25.07
CA CYS E 24 13.48 3.89 26.08
C CYS E 24 12.92 5.30 26.09
N VAL E 25 13.80 6.30 26.12
CA VAL E 25 13.38 7.69 26.12
C VAL E 25 12.55 7.95 24.86
N LYS E 26 13.04 7.45 23.72
CA LYS E 26 12.35 7.63 22.46
C LYS E 26 10.98 6.94 22.46
N TYR E 27 10.91 5.73 23.02
CA TYR E 27 9.63 5.01 23.05
C TYR E 27 8.55 5.81 23.79
N THR E 28 8.88 6.30 24.98
CA THR E 28 7.92 6.99 25.82
C THR E 28 7.46 8.30 25.20
N GLU E 29 8.37 8.98 24.50
CA GLU E 29 8.01 10.20 23.77
C GLU E 29 6.99 9.88 22.69
N ILE E 30 7.24 8.84 21.90
CA ILE E 30 6.34 8.44 20.82
C ILE E 30 5.01 7.87 21.32
N HIS E 31 5.00 7.31 22.54
CA HIS E 31 3.80 6.70 23.11
C HIS E 31 3.39 7.40 24.41
N PRO E 32 2.64 8.50 24.30
CA PRO E 32 2.13 9.27 25.46
C PRO E 32 1.61 8.44 26.65
N GLU E 33 1.15 7.21 26.40
CA GLU E 33 0.73 6.30 27.47
C GLU E 33 1.80 6.02 28.54
N MET E 34 3.07 6.02 28.15
CA MET E 34 4.17 5.51 29.01
C MET E 34 5.06 6.59 29.66
N ARG E 35 4.46 7.54 30.38
CA ARG E 35 5.24 8.52 31.15
C ARG E 35 5.44 8.05 32.60
N HIS E 36 4.72 6.97 32.96
CA HIS E 36 4.92 6.25 34.21
C HIS E 36 6.12 5.28 34.14
N VAL E 37 6.88 5.34 33.05
CA VAL E 37 8.13 4.61 32.92
C VAL E 37 9.32 5.54 33.19
N ASP E 38 10.09 5.26 34.24
CA ASP E 38 11.41 5.88 34.41
C ASP E 38 12.43 5.00 33.67
N CYS E 39 13.07 5.57 32.65
CA CYS E 39 13.98 4.79 31.81
C CYS E 39 15.26 4.38 32.53
N GLN E 40 15.75 5.21 33.45
CA GLN E 40 16.84 4.83 34.32
C GLN E 40 16.49 3.55 35.10
N SER E 41 15.25 3.46 35.58
CA SER E 41 14.81 2.27 36.32
C SER E 41 14.76 1.04 35.42
N VAL E 42 14.30 1.24 34.20
CA VAL E 42 14.21 0.18 33.22
C VAL E 42 15.58 -0.38 32.92
N TRP E 43 16.56 0.51 32.73
CA TRP E 43 17.92 0.09 32.49
C TRP E 43 18.48 -0.66 33.71
N ASP E 44 18.27 -0.14 34.92
CA ASP E 44 18.78 -0.84 36.11
C ASP E 44 18.27 -2.27 36.20
N ALA E 45 16.99 -2.46 35.94
CA ALA E 45 16.38 -3.77 36.02
C ALA E 45 16.89 -4.70 34.90
N PHE E 46 17.16 -4.14 33.72
CA PHE E 46 17.72 -4.88 32.61
C PHE E 46 19.11 -5.36 33.00
N LYS E 47 19.90 -4.43 33.51
CA LYS E 47 21.27 -4.69 33.91
C LYS E 47 21.27 -5.82 34.96
N GLY E 48 20.37 -5.71 35.94
CA GLY E 48 20.28 -6.67 37.04
C GLY E 48 19.91 -8.08 36.60
N ALA E 49 19.31 -8.21 35.43
CA ALA E 49 18.93 -9.51 34.93
C ALA E 49 20.17 -10.37 34.61
N PHE E 50 21.26 -9.76 34.15
CA PHE E 50 22.38 -10.54 33.65
C PHE E 50 23.79 -10.15 34.16
N ILE E 51 23.95 -8.96 34.72
CA ILE E 51 25.25 -8.56 35.26
C ILE E 51 25.64 -9.46 36.43
N SER E 52 26.94 -9.74 36.53
CA SER E 52 27.50 -10.58 37.58
C SER E 52 26.91 -12.01 37.61
N LYS E 53 26.41 -12.48 36.47
CA LYS E 53 25.90 -13.84 36.34
C LYS E 53 26.64 -14.57 35.24
N HIS E 54 26.82 -15.87 35.42
CA HIS E 54 27.36 -16.71 34.39
C HIS E 54 26.30 -16.75 33.30
N PRO E 55 26.69 -16.46 32.04
CA PRO E 55 25.74 -16.27 30.94
C PRO E 55 25.21 -17.56 30.32
N CYS E 56 25.49 -18.71 30.91
CA CYS E 56 24.78 -19.93 30.58
C CYS E 56 23.81 -20.36 31.68
N ASP E 57 23.74 -19.58 32.76
CA ASP E 57 22.89 -19.90 33.90
C ASP E 57 21.72 -18.91 34.08
N ILE E 58 21.34 -18.19 33.02
CA ILE E 58 20.24 -17.21 33.12
C ILE E 58 18.88 -17.89 33.03
N THR E 59 17.92 -17.42 33.84
CA THR E 59 16.56 -17.98 33.87
C THR E 59 15.55 -16.88 33.61
N GLU E 60 14.31 -17.26 33.31
CA GLU E 60 13.23 -16.28 33.11
C GLU E 60 13.04 -15.46 34.38
N GLU E 61 13.09 -16.13 35.52
CA GLU E 61 13.05 -15.46 36.83
C GLU E 61 14.05 -14.28 36.94
N ASP E 62 15.26 -14.41 36.38
CA ASP E 62 16.20 -13.30 36.39
C ASP E 62 15.60 -12.04 35.75
N TYR E 63 14.68 -12.21 34.81
CA TYR E 63 14.11 -11.09 34.06
C TYR E 63 12.77 -10.56 34.61
N GLN E 64 12.20 -11.29 35.57
CA GLN E 64 10.93 -10.87 36.18
C GLN E 64 10.89 -9.41 36.61
N PRO E 65 11.95 -8.88 37.24
CA PRO E 65 11.89 -7.45 37.58
C PRO E 65 11.78 -6.54 36.36
N LEU E 66 12.49 -6.85 35.27
CA LEU E 66 12.36 -6.08 34.02
C LEU E 66 10.98 -6.23 33.37
N MET E 67 10.44 -7.46 33.42
CA MET E 67 9.08 -7.73 32.93
C MET E 67 8.04 -6.90 33.67
N LYS E 68 8.20 -6.80 34.99
CA LYS E 68 7.26 -6.03 35.82
C LYS E 68 7.28 -4.56 35.43
N LEU E 69 8.46 -4.00 35.20
CA LEU E 69 8.60 -2.60 34.82
C LEU E 69 8.20 -2.32 33.37
N GLY E 70 8.53 -3.26 32.48
CA GLY E 70 8.26 -3.10 31.04
C GLY E 70 6.91 -3.61 30.58
N THR E 71 6.17 -4.23 31.50
CA THR E 71 4.78 -4.65 31.27
C THR E 71 3.86 -3.48 30.94
N GLN E 72 3.36 -3.44 29.71
CA GLN E 72 2.38 -2.44 29.30
C GLN E 72 1.07 -3.09 28.92
N THR E 73 0.00 -2.35 29.10
CA THR E 73 -1.30 -2.77 28.64
C THR E 73 -1.28 -2.66 27.13
N VAL E 74 -1.73 -3.72 26.46
CA VAL E 74 -1.69 -3.78 25.02
C VAL E 74 -3.07 -4.25 24.50
N PRO E 75 -3.43 -3.90 23.26
CA PRO E 75 -4.71 -4.43 22.69
C PRO E 75 -4.60 -5.90 22.32
N CYS E 76 -5.08 -6.82 23.18
CA CYS E 76 -4.74 -8.25 23.06
C CYS E 76 -5.43 -8.99 21.93
N ASN E 77 -6.40 -8.33 21.30
CA ASN E 77 -7.12 -8.89 20.18
C ASN E 77 -6.63 -8.35 18.82
N LYS E 78 -5.45 -7.72 18.79
CA LYS E 78 -4.87 -7.22 17.54
C LYS E 78 -3.39 -7.61 17.40
N ILE E 79 -3.01 -8.77 17.95
CA ILE E 79 -1.62 -9.20 17.93
C ILE E 79 -1.31 -9.91 16.60
N LEU E 80 -0.17 -9.60 15.97
CA LEU E 80 0.37 -10.38 14.86
C LEU E 80 1.63 -11.09 15.37
N LEU E 81 1.53 -12.40 15.53
CA LEU E 81 2.70 -13.24 15.81
C LEU E 81 3.36 -13.59 14.48
N TRP E 82 4.60 -14.07 14.54
CA TRP E 82 5.26 -14.58 13.33
C TRP E 82 6.33 -15.58 13.72
N SER E 83 6.75 -16.40 12.74
CA SER E 83 7.85 -17.30 12.93
C SER E 83 8.83 -17.23 11.75
N ARG E 84 10.05 -16.77 12.03
CA ARG E 84 11.11 -16.71 11.03
C ARG E 84 10.71 -15.88 9.81
N ILE E 85 9.98 -14.79 10.04
CA ILE E 85 9.61 -13.88 8.98
C ILE E 85 9.32 -12.50 9.58
N LYS E 86 10.30 -12.04 10.35
CA LYS E 86 10.24 -10.85 11.16
C LYS E 86 9.99 -9.57 10.37
N ASP E 87 10.83 -9.36 9.36
CA ASP E 87 10.87 -8.10 8.65
C ASP E 87 9.59 -7.90 7.84
N LEU E 88 9.14 -8.96 7.15
CA LEU E 88 7.92 -8.87 6.36
C LEU E 88 6.67 -8.66 7.22
N ALA E 89 6.63 -9.31 8.39
CA ALA E 89 5.50 -9.12 9.32
C ALA E 89 5.39 -7.66 9.75
N HIS E 90 6.54 -6.99 9.89
CA HIS E 90 6.58 -5.58 10.25
C HIS E 90 6.32 -4.69 9.03
N GLN E 91 6.89 -5.04 7.88
CA GLN E 91 6.56 -4.34 6.62
C GLN E 91 5.08 -4.41 6.29
N PHE E 92 4.40 -5.46 6.76
CA PHE E 92 2.95 -5.61 6.59
C PHE E 92 2.17 -4.68 7.53
N THR E 93 2.41 -4.79 8.83
CA THR E 93 1.67 -4.00 9.83
C THR E 93 1.82 -2.50 9.67
N GLN E 94 2.96 -2.05 9.13
CA GLN E 94 3.17 -0.61 8.91
C GLN E 94 2.25 0.01 7.84
N VAL E 95 1.79 -0.80 6.87
CA VAL E 95 0.74 -0.34 5.96
C VAL E 95 -0.64 -0.59 6.59
N GLN E 96 -0.86 -1.83 7.05
CA GLN E 96 -2.10 -2.18 7.74
C GLN E 96 -1.99 -1.83 9.21
N ARG E 97 -2.20 -0.55 9.55
CA ARG E 97 -1.97 -0.03 10.91
C ARG E 97 -2.80 -0.68 12.02
N ASP E 98 -3.70 -1.58 11.65
CA ASP E 98 -4.56 -2.30 12.59
C ASP E 98 -3.74 -3.06 13.64
N MET E 99 -3.07 -4.13 13.23
CA MET E 99 -2.34 -4.99 14.15
C MET E 99 -0.95 -4.45 14.49
N PHE E 100 -0.30 -5.08 15.45
CA PHE E 100 1.08 -4.78 15.84
C PHE E 100 1.82 -6.07 16.24
N THR E 101 3.16 -6.04 16.14
CA THR E 101 4.00 -7.17 16.54
C THR E 101 4.74 -6.84 17.85
N LEU E 102 5.49 -7.81 18.36
CA LEU E 102 6.24 -7.66 19.61
C LEU E 102 7.23 -6.49 19.53
N ALA E 103 7.81 -6.32 18.35
CA ALA E 103 8.73 -5.21 18.10
C ALA E 103 8.10 -3.82 18.38
N ASP E 104 6.77 -3.76 18.40
CA ASP E 104 6.07 -2.51 18.70
C ASP E 104 5.81 -2.29 20.19
N THR E 105 6.10 -3.29 21.03
CA THR E 105 6.03 -3.13 22.48
C THR E 105 7.34 -2.52 22.98
N LEU E 106 7.30 -1.96 24.20
CA LEU E 106 8.47 -1.29 24.78
C LEU E 106 9.65 -2.23 24.81
N LEU E 107 9.45 -3.41 25.38
CA LEU E 107 10.54 -4.36 25.57
C LEU E 107 11.15 -4.83 24.26
N GLY E 108 10.33 -5.12 23.27
CA GLY E 108 10.80 -5.56 21.95
C GLY E 108 11.52 -4.45 21.20
N TYR E 109 11.08 -3.22 21.41
CA TYR E 109 11.69 -2.05 20.79
C TYR E 109 13.06 -1.83 21.40
N LEU E 110 13.14 -1.94 22.72
CA LEU E 110 14.40 -1.81 23.44
C LEU E 110 15.46 -2.81 22.98
N ALA E 111 15.07 -4.08 22.86
CA ALA E 111 16.03 -5.19 22.66
C ALA E 111 16.30 -5.55 21.19
N ASP E 112 15.49 -5.00 20.27
CA ASP E 112 15.61 -5.30 18.85
C ASP E 112 17.05 -5.33 18.32
N ASP E 113 17.43 -6.46 17.71
CA ASP E 113 18.75 -6.65 17.07
C ASP E 113 19.98 -6.35 17.94
N LEU E 114 19.84 -6.40 19.26
CA LEU E 114 20.97 -6.23 20.18
C LEU E 114 21.45 -7.56 20.76
N THR E 115 22.71 -7.60 21.17
CA THR E 115 23.24 -8.71 21.95
C THR E 115 23.87 -8.16 23.22
N TRP E 116 23.81 -8.94 24.28
CA TRP E 116 24.39 -8.55 25.54
C TRP E 116 24.70 -9.77 26.38
N CYS E 117 25.73 -9.65 27.22
CA CYS E 117 25.94 -10.59 28.30
C CYS E 117 26.91 -10.03 29.35
N GLY E 118 26.99 -10.73 30.49
CA GLY E 118 27.95 -10.41 31.52
C GLY E 118 28.79 -11.61 31.86
N GLU E 119 29.36 -11.60 33.05
CA GLU E 119 30.13 -12.75 33.57
C GLU E 119 29.98 -12.84 35.09
N PHE E 120 30.19 -14.04 35.61
CA PHE E 120 30.03 -14.29 37.02
C PHE E 120 30.98 -13.41 37.86
N ASP E 121 32.26 -13.38 37.48
CA ASP E 121 33.30 -12.74 38.32
C ASP E 121 33.30 -11.19 38.38
N THR E 122 32.57 -10.55 37.50
CA THR E 122 32.72 -9.12 37.28
C THR E 122 31.38 -8.44 37.47
N SER E 123 31.37 -7.11 37.50
CA SER E 123 30.14 -6.32 37.38
C SER E 123 30.07 -5.61 36.02
N LYS E 124 30.96 -5.99 35.10
CA LYS E 124 31.03 -5.33 33.81
C LYS E 124 30.28 -6.09 32.74
N ILE E 125 29.84 -5.36 31.74
CA ILE E 125 29.26 -5.95 30.56
C ILE E 125 30.40 -6.55 29.76
N ASN E 126 30.14 -7.67 29.11
CA ASN E 126 31.16 -8.32 28.29
C ASN E 126 31.01 -7.93 26.82
N TYR E 127 31.92 -7.09 26.32
CA TYR E 127 31.89 -6.67 24.91
C TYR E 127 32.76 -7.55 24.01
N GLN E 128 33.44 -8.55 24.56
CA GLN E 128 34.36 -9.38 23.77
C GLN E 128 33.64 -10.54 23.10
N SER E 129 32.91 -11.30 23.90
CA SER E 129 32.19 -12.46 23.41
C SER E 129 30.97 -12.76 24.28
N CYS E 130 29.95 -13.35 23.66
CA CYS E 130 28.78 -13.84 24.37
C CYS E 130 28.38 -15.23 23.89
N PRO E 131 27.76 -16.03 24.74
CA PRO E 131 27.41 -17.38 24.30
C PRO E 131 26.56 -17.45 23.02
N ASP E 132 26.90 -18.36 22.12
CA ASP E 132 26.05 -18.75 20.99
C ASP E 132 25.06 -19.79 21.48
N TRP E 133 23.78 -19.57 21.18
CA TRP E 133 22.69 -20.46 21.53
C TRP E 133 22.99 -21.91 21.22
N ARG E 134 23.54 -22.16 20.03
CA ARG E 134 23.74 -23.52 19.50
C ARG E 134 25.08 -24.17 19.89
N LYS E 135 26.16 -23.40 19.85
CA LYS E 135 27.49 -23.93 20.15
C LYS E 135 27.80 -23.97 21.64
N ASP E 136 27.26 -22.99 22.37
CA ASP E 136 27.66 -22.77 23.76
C ASP E 136 26.56 -23.19 24.75
N CYS E 137 25.44 -22.46 24.77
CA CYS E 137 24.34 -22.77 25.69
C CYS E 137 23.06 -21.99 25.36
N SER E 138 21.91 -22.62 25.60
CA SER E 138 20.64 -21.98 25.33
C SER E 138 20.21 -20.98 26.41
N ASN E 139 20.67 -21.17 27.64
CA ASN E 139 20.23 -20.35 28.77
C ASN E 139 21.08 -19.10 28.95
N ASN E 140 21.24 -18.37 27.84
CA ASN E 140 22.03 -17.17 27.78
C ASN E 140 21.15 -15.92 27.85
N PRO E 141 21.73 -14.76 28.22
CA PRO E 141 20.94 -13.58 28.47
C PRO E 141 19.97 -13.13 27.37
N VAL E 142 20.38 -13.24 26.10
CA VAL E 142 19.57 -12.88 24.95
C VAL E 142 18.43 -13.85 24.67
N SER E 143 18.75 -15.14 24.54
CA SER E 143 17.74 -16.16 24.30
C SER E 143 16.71 -16.19 25.43
N VAL E 144 17.17 -16.06 26.67
CA VAL E 144 16.27 -16.16 27.81
C VAL E 144 15.36 -14.92 27.89
N PHE E 145 15.88 -13.75 27.55
CA PHE E 145 15.07 -12.54 27.47
C PHE E 145 13.92 -12.74 26.49
N TRP E 146 14.25 -13.17 25.28
CA TRP E 146 13.22 -13.29 24.23
C TRP E 146 12.21 -14.35 24.57
N LYS E 147 12.67 -15.42 25.21
CA LYS E 147 11.78 -16.49 25.63
C LYS E 147 10.77 -15.97 26.66
N THR E 148 11.26 -15.24 27.65
CA THR E 148 10.42 -14.70 28.72
C THR E 148 9.36 -13.79 28.13
N VAL E 149 9.81 -12.78 27.41
CA VAL E 149 8.92 -11.82 26.78
C VAL E 149 7.91 -12.55 25.87
N SER E 150 8.35 -13.57 25.12
CA SER E 150 7.46 -14.31 24.23
C SER E 150 6.36 -15.10 24.97
N ARG E 151 6.73 -15.76 26.07
CA ARG E 151 5.78 -16.52 26.89
C ARG E 151 4.68 -15.60 27.38
N ARG E 152 5.09 -14.51 28.02
CA ARG E 152 4.15 -13.50 28.52
C ARG E 152 3.27 -12.89 27.42
N PHE E 153 3.86 -12.64 26.25
CA PHE E 153 3.14 -12.05 25.13
C PHE E 153 2.02 -12.98 24.60
N ALA E 154 2.33 -14.27 24.46
CA ALA E 154 1.33 -15.27 24.10
C ALA E 154 0.20 -15.39 25.15
N GLU E 155 0.57 -15.39 26.43
CA GLU E 155 -0.41 -15.42 27.53
C GLU E 155 -1.34 -14.22 27.56
N ALA E 156 -0.88 -13.11 26.99
CA ALA E 156 -1.66 -11.89 26.91
C ALA E 156 -2.75 -12.00 25.86
N ALA E 157 -2.46 -12.72 24.78
CA ALA E 157 -3.28 -12.71 23.56
C ALA E 157 -4.72 -13.07 23.82
N CYS E 158 -5.63 -12.54 23.01
CA CYS E 158 -7.07 -12.87 23.11
C CYS E 158 -7.79 -12.74 21.76
N ASP E 159 -9.04 -13.22 21.73
CA ASP E 159 -9.90 -13.15 20.54
C ASP E 159 -9.29 -13.93 19.35
N VAL E 160 -9.04 -13.25 18.21
CA VAL E 160 -8.43 -13.86 17.05
C VAL E 160 -6.96 -13.42 16.96
N VAL E 161 -6.05 -14.39 17.02
CA VAL E 161 -4.63 -14.09 16.94
C VAL E 161 -4.14 -14.49 15.55
N HIS E 162 -3.27 -13.68 14.98
CA HIS E 162 -2.80 -13.92 13.63
C HIS E 162 -1.32 -14.25 13.68
N VAL E 163 -0.90 -15.24 12.87
CA VAL E 163 0.50 -15.58 12.76
C VAL E 163 0.92 -15.64 11.30
N MET E 164 1.99 -14.93 10.97
CA MET E 164 2.57 -14.98 9.66
C MET E 164 3.69 -16.03 9.68
N LEU E 165 3.61 -16.98 8.75
CA LEU E 165 4.61 -18.05 8.60
C LEU E 165 5.24 -18.00 7.22
N ASP E 166 6.48 -18.48 7.13
CA ASP E 166 7.25 -18.46 5.89
C ASP E 166 7.14 -19.80 5.13
N GLY E 167 6.34 -19.82 4.07
CA GLY E 167 6.21 -21.00 3.24
C GLY E 167 7.49 -21.52 2.60
N SER E 168 8.51 -20.66 2.52
CA SER E 168 9.81 -21.05 1.94
C SER E 168 10.73 -21.81 2.91
N ARG E 169 10.28 -22.03 4.15
CA ARG E 169 11.05 -22.85 5.10
C ARG E 169 10.80 -24.33 4.95
N SER E 170 11.81 -25.14 5.30
CA SER E 170 11.70 -26.60 5.32
C SER E 170 10.57 -27.04 6.25
N LYS E 171 10.53 -26.42 7.41
CA LYS E 171 9.43 -26.61 8.33
C LYS E 171 8.69 -25.30 8.45
N ILE E 172 7.56 -25.19 7.75
CA ILE E 172 6.81 -23.93 7.73
C ILE E 172 6.42 -23.60 9.17
N PHE E 173 5.93 -24.61 9.88
CA PHE E 173 5.78 -24.54 11.32
C PHE E 173 6.87 -25.42 11.96
N ASP E 174 7.71 -24.82 12.80
CA ASP E 174 8.74 -25.52 13.50
C ASP E 174 8.37 -25.55 14.99
N LYS E 175 8.02 -26.74 15.46
CA LYS E 175 7.58 -26.93 16.85
C LYS E 175 8.66 -26.54 17.85
N ASP E 176 9.90 -26.41 17.40
CA ASP E 176 11.00 -26.11 18.30
C ASP E 176 11.44 -24.65 18.27
N SER E 177 10.89 -23.87 17.34
CA SER E 177 11.06 -22.42 17.34
C SER E 177 10.38 -21.79 18.57
N THR E 178 10.65 -20.51 18.81
CA THR E 178 10.01 -19.79 19.89
C THR E 178 8.49 -19.70 19.71
N PHE E 179 8.03 -19.46 18.49
CA PHE E 179 6.58 -19.47 18.22
C PHE E 179 5.96 -20.81 18.56
N GLY E 180 6.55 -21.88 18.03
CA GLY E 180 6.01 -23.23 18.19
C GLY E 180 6.19 -23.90 19.54
N SER E 181 7.10 -23.40 20.38
CA SER E 181 7.39 -24.06 21.67
C SER E 181 7.09 -23.25 22.92
N VAL E 182 6.83 -21.96 22.77
CA VAL E 182 6.51 -21.09 23.91
C VAL E 182 5.18 -20.36 23.68
N GLU E 183 4.97 -19.88 22.47
CA GLU E 183 3.84 -19.03 22.21
C GLU E 183 2.57 -19.87 22.04
N VAL E 184 2.56 -20.75 21.07
CA VAL E 184 1.41 -21.60 20.83
C VAL E 184 0.95 -22.37 22.08
N HIS E 185 1.88 -22.75 22.95
CA HIS E 185 1.50 -23.53 24.14
C HIS E 185 1.07 -22.68 25.33
N ASN E 186 0.97 -21.37 25.11
CA ASN E 186 0.52 -20.44 26.14
C ASN E 186 -0.51 -19.45 25.64
N LEU E 187 -1.18 -19.78 24.55
CA LEU E 187 -2.38 -19.07 24.14
C LEU E 187 -3.47 -19.67 25.04
N GLN E 188 -4.16 -18.82 25.79
CA GLN E 188 -5.11 -19.34 26.77
C GLN E 188 -6.43 -19.74 26.09
N PRO E 189 -6.83 -21.03 26.20
CA PRO E 189 -8.07 -21.58 25.64
C PRO E 189 -9.27 -20.72 26.02
N GLU E 190 -9.25 -20.26 27.25
CA GLU E 190 -10.22 -19.28 27.70
C GLU E 190 -10.30 -18.14 26.67
N LYS E 191 -9.33 -17.24 26.71
CA LYS E 191 -9.44 -15.90 26.12
C LYS E 191 -9.17 -15.80 24.62
N VAL E 192 -8.52 -16.81 24.04
CA VAL E 192 -8.28 -16.85 22.58
C VAL E 192 -9.33 -17.73 21.92
N GLN E 193 -10.00 -17.18 20.90
CA GLN E 193 -11.03 -17.91 20.16
C GLN E 193 -10.48 -18.61 18.92
N THR E 194 -9.59 -17.94 18.20
CA THR E 194 -9.08 -18.45 16.92
C THR E 194 -7.62 -18.07 16.68
N LEU E 195 -6.83 -19.02 16.18
CA LEU E 195 -5.52 -18.74 15.59
C LEU E 195 -5.64 -18.84 14.09
N GLU E 196 -5.43 -17.74 13.40
CA GLU E 196 -5.44 -17.72 11.94
C GLU E 196 -4.01 -17.57 11.49
N ALA E 197 -3.50 -18.58 10.79
CA ALA E 197 -2.15 -18.56 10.24
C ALA E 197 -2.18 -18.05 8.80
N TRP E 198 -1.16 -17.29 8.44
CA TRP E 198 -0.96 -16.84 7.07
C TRP E 198 0.34 -17.45 6.59
N VAL E 199 0.25 -18.38 5.65
CA VAL E 199 1.43 -18.97 5.04
C VAL E 199 1.84 -18.15 3.82
N ILE E 200 3.00 -17.51 3.92
CA ILE E 200 3.46 -16.58 2.90
C ILE E 200 4.24 -17.30 1.81
N HIS E 201 3.82 -17.11 0.56
CA HIS E 201 4.53 -17.56 -0.65
C HIS E 201 5.31 -16.41 -1.24
N GLY E 202 6.60 -16.63 -1.51
CA GLY E 202 7.47 -15.64 -2.18
C GLY E 202 7.99 -16.04 -3.57
N GLY E 203 7.48 -17.13 -4.14
CA GLY E 203 7.93 -17.61 -5.45
C GLY E 203 9.14 -18.55 -5.43
N ARG E 204 9.51 -19.00 -4.23
CA ARG E 204 10.63 -19.95 -4.05
C ARG E 204 10.19 -21.18 -3.24
N GLU E 205 8.91 -21.53 -3.39
CA GLU E 205 8.32 -22.75 -2.83
C GLU E 205 7.09 -23.19 -3.64
N ASP E 206 6.49 -24.30 -3.20
CA ASP E 206 5.32 -24.88 -3.82
C ASP E 206 4.17 -23.88 -3.75
N SER E 207 3.68 -23.49 -4.91
CA SER E 207 2.59 -22.52 -5.03
C SER E 207 1.20 -23.14 -4.86
N ARG E 208 1.12 -24.46 -4.70
CA ARG E 208 -0.13 -25.12 -4.29
C ARG E 208 -0.53 -24.65 -2.88
N ASP E 209 -1.62 -25.24 -2.36
CA ASP E 209 -2.12 -24.99 -1.01
C ASP E 209 -1.19 -25.53 0.11
N LEU E 210 -0.44 -24.66 0.76
CA LEU E 210 0.49 -25.11 1.78
C LEU E 210 -0.13 -25.27 3.19
N CYS E 211 -1.45 -25.06 3.31
CA CYS E 211 -2.16 -25.27 4.57
C CYS E 211 -2.45 -26.73 4.86
N GLN E 212 -2.19 -27.60 3.89
CA GLN E 212 -2.22 -29.05 4.11
C GLN E 212 -0.81 -29.62 4.32
N ASP E 213 0.21 -28.76 4.42
CA ASP E 213 1.56 -29.23 4.71
C ASP E 213 1.56 -29.99 6.04
N PRO E 214 2.36 -31.05 6.17
CA PRO E 214 2.38 -31.81 7.43
C PRO E 214 2.65 -30.97 8.68
N THR E 215 3.44 -29.90 8.58
CA THR E 215 3.73 -29.08 9.76
C THR E 215 2.58 -28.15 10.12
N ILE E 216 1.77 -27.78 9.14
CA ILE E 216 0.59 -26.97 9.42
C ILE E 216 -0.47 -27.84 10.06
N LYS E 217 -0.61 -29.07 9.57
CA LYS E 217 -1.47 -30.09 10.18
C LYS E 217 -1.09 -30.35 11.64
N GLU E 218 0.21 -30.30 11.92
CA GLU E 218 0.74 -30.37 13.27
C GLU E 218 0.27 -29.19 14.10
N LEU E 219 0.45 -27.98 13.58
CA LEU E 219 0.07 -26.74 14.27
C LEU E 219 -1.42 -26.76 14.57
N GLU E 220 -2.20 -27.18 13.57
CA GLU E 220 -3.64 -27.28 13.71
C GLU E 220 -4.03 -28.22 14.83
N SER E 221 -3.37 -29.38 14.88
CA SER E 221 -3.61 -30.38 15.92
C SER E 221 -3.33 -29.80 17.30
N ILE E 222 -2.24 -29.07 17.42
CA ILE E 222 -1.85 -28.51 18.71
C ILE E 222 -2.88 -27.47 19.16
N ILE E 223 -3.28 -26.59 18.24
CA ILE E 223 -4.27 -25.56 18.56
C ILE E 223 -5.64 -26.13 18.89
N SER E 224 -6.12 -27.08 18.09
CA SER E 224 -7.41 -27.74 18.35
C SER E 224 -7.47 -28.34 19.74
N LYS E 225 -6.38 -28.93 20.18
CA LYS E 225 -6.33 -29.64 21.45
C LYS E 225 -6.38 -28.69 22.67
N ARG E 226 -6.06 -27.42 22.44
CA ARG E 226 -6.27 -26.38 23.43
C ARG E 226 -7.65 -25.73 23.28
N ASN E 227 -8.54 -26.33 22.50
CA ASN E 227 -9.89 -25.81 22.30
C ASN E 227 -9.88 -24.40 21.67
N ILE E 228 -8.96 -24.17 20.75
CA ILE E 228 -8.95 -22.94 19.95
C ILE E 228 -9.15 -23.30 18.49
N GLN E 229 -10.03 -22.58 17.79
CA GLN E 229 -10.27 -22.84 16.36
C GLN E 229 -9.05 -22.44 15.52
N PHE E 230 -8.79 -23.20 14.47
CA PHE E 230 -7.66 -22.94 13.59
C PHE E 230 -8.09 -22.56 12.18
N SER E 231 -7.46 -21.52 11.67
CA SER E 231 -7.75 -21.00 10.34
C SER E 231 -6.41 -20.83 9.60
N CYS E 232 -6.40 -21.15 8.32
CA CYS E 232 -5.17 -21.03 7.52
C CYS E 232 -5.46 -20.48 6.11
N LYS E 233 -4.58 -19.60 5.65
CA LYS E 233 -4.75 -18.91 4.38
C LYS E 233 -3.40 -18.93 3.70
N ASN E 234 -3.40 -19.24 2.40
CA ASN E 234 -2.24 -19.06 1.53
C ASN E 234 -2.23 -17.62 1.03
N ILE E 235 -1.25 -16.82 1.50
CA ILE E 235 -1.12 -15.43 1.08
C ILE E 235 0.10 -15.31 0.19
N TYR E 236 0.00 -14.47 -0.83
CA TYR E 236 1.11 -14.29 -1.76
C TYR E 236 1.74 -12.91 -1.57
N ARG E 237 3.01 -12.93 -1.20
CA ARG E 237 3.76 -11.72 -0.99
C ARG E 237 3.85 -10.96 -2.31
N PRO E 238 3.48 -9.67 -2.31
CA PRO E 238 3.64 -8.85 -3.52
C PRO E 238 5.10 -8.78 -3.98
N TRP F 3 -53.67 -4.44 14.57
CA TRP F 3 -54.20 -3.05 14.57
C TRP F 3 -53.23 -2.18 15.33
N ARG F 4 -52.90 -1.03 14.77
CA ARG F 4 -51.84 -0.17 15.33
C ARG F 4 -52.43 0.73 16.42
N GLN F 5 -51.62 1.00 17.45
CA GLN F 5 -51.95 2.02 18.45
C GLN F 5 -50.92 3.14 18.42
N THR F 6 -51.31 4.32 18.93
CA THR F 6 -50.36 5.42 19.10
C THR F 6 -49.65 5.20 20.42
N TRP F 7 -48.36 5.51 20.46
CA TRP F 7 -47.53 5.30 21.64
C TRP F 7 -47.25 6.62 22.34
N SER F 8 -46.61 6.56 23.51
CA SER F 8 -46.37 7.73 24.35
C SER F 8 -45.09 8.47 23.98
N GLY F 9 -44.26 7.84 23.14
CA GLY F 9 -42.96 8.40 22.79
C GLY F 9 -42.93 9.00 21.41
N PRO F 10 -41.91 9.83 21.13
CA PRO F 10 -41.82 10.44 19.82
C PRO F 10 -41.57 9.38 18.75
N GLY F 11 -42.01 9.66 17.53
CA GLY F 11 -41.85 8.71 16.44
C GLY F 11 -40.42 8.61 15.94
N THR F 12 -40.21 7.69 15.01
CA THR F 12 -38.91 7.49 14.39
C THR F 12 -38.32 8.80 13.87
N THR F 13 -37.03 9.01 14.10
CA THR F 13 -36.33 10.22 13.65
C THR F 13 -36.55 10.41 12.17
N LYS F 14 -36.83 11.64 11.74
CA LYS F 14 -37.06 11.91 10.31
C LYS F 14 -35.82 11.47 9.56
N ARG F 15 -36.05 10.88 8.38
CA ARG F 15 -34.99 10.37 7.50
C ARG F 15 -34.04 9.40 8.21
N PHE F 16 -34.63 8.52 9.01
CA PHE F 16 -33.88 7.46 9.68
C PHE F 16 -33.13 6.57 8.67
N PRO F 17 -33.82 6.01 7.65
CA PRO F 17 -33.08 5.16 6.70
C PRO F 17 -31.83 5.80 6.10
N GLU F 18 -31.95 7.07 5.70
CA GLU F 18 -30.86 7.84 5.10
C GLU F 18 -29.75 8.23 6.08
N THR F 19 -30.12 8.55 7.32
CA THR F 19 -29.15 8.91 8.34
C THR F 19 -28.28 7.71 8.71
N VAL F 20 -28.91 6.55 8.90
CA VAL F 20 -28.18 5.34 9.28
C VAL F 20 -27.18 4.93 8.21
N LEU F 21 -27.66 4.83 6.98
CA LEU F 21 -26.82 4.51 5.84
C LEU F 21 -25.64 5.50 5.67
N ALA F 22 -25.91 6.80 5.79
CA ALA F 22 -24.85 7.82 5.67
C ALA F 22 -23.88 7.79 6.85
N ARG F 23 -24.38 7.50 8.06
CA ARG F 23 -23.47 7.31 9.20
C ARG F 23 -22.57 6.08 8.99
N CYS F 24 -23.13 5.02 8.43
CA CYS F 24 -22.36 3.82 8.11
C CYS F 24 -21.22 4.20 7.19
N VAL F 25 -21.55 4.89 6.09
CA VAL F 25 -20.53 5.37 5.14
C VAL F 25 -19.50 6.32 5.79
N LYS F 26 -19.96 7.29 6.57
CA LYS F 26 -19.05 8.23 7.24
C LYS F 26 -18.09 7.50 8.15
N TYR F 27 -18.62 6.57 8.93
CA TYR F 27 -17.81 5.77 9.86
C TYR F 27 -16.73 4.97 9.14
N THR F 28 -17.09 4.25 8.08
CA THR F 28 -16.12 3.41 7.36
C THR F 28 -14.98 4.22 6.75
N GLU F 29 -15.25 5.48 6.41
CA GLU F 29 -14.22 6.37 5.84
C GLU F 29 -13.29 6.96 6.91
N ILE F 30 -13.82 7.28 8.09
CA ILE F 30 -12.99 7.80 9.19
C ILE F 30 -12.17 6.68 9.83
N HIS F 31 -12.64 5.44 9.69
CA HIS F 31 -11.94 4.26 10.21
C HIS F 31 -11.54 3.30 9.07
N PRO F 32 -10.45 3.63 8.36
CA PRO F 32 -9.97 2.74 7.29
C PRO F 32 -9.38 1.40 7.78
N GLU F 33 -9.02 1.32 9.06
CA GLU F 33 -8.49 0.08 9.63
C GLU F 33 -9.60 -0.93 9.90
N MET F 34 -10.86 -0.48 9.84
CA MET F 34 -12.00 -1.38 9.86
C MET F 34 -11.89 -2.35 8.69
N ARG F 35 -12.35 -3.58 8.92
CA ARG F 35 -12.55 -4.53 7.82
C ARG F 35 -13.70 -4.01 6.96
N HIS F 36 -13.83 -4.56 5.76
CA HIS F 36 -14.86 -4.08 4.83
C HIS F 36 -16.27 -4.27 5.42
N VAL F 37 -17.10 -3.26 5.29
CA VAL F 37 -18.49 -3.34 5.75
C VAL F 37 -19.44 -3.03 4.59
N ASP F 38 -20.47 -3.87 4.41
CA ASP F 38 -21.47 -3.63 3.37
C ASP F 38 -22.63 -2.84 3.96
N CYS F 39 -22.57 -1.52 3.81
CA CYS F 39 -23.52 -0.63 4.47
C CYS F 39 -25.00 -0.85 4.09
N GLN F 40 -25.26 -1.25 2.85
CA GLN F 40 -26.60 -1.66 2.45
C GLN F 40 -27.07 -2.86 3.26
N SER F 41 -26.21 -3.86 3.43
CA SER F 41 -26.56 -5.06 4.18
C SER F 41 -26.73 -4.74 5.64
N VAL F 42 -25.93 -3.80 6.14
CA VAL F 42 -26.13 -3.33 7.53
C VAL F 42 -27.52 -2.76 7.68
N TRP F 43 -27.91 -1.85 6.79
CA TRP F 43 -29.23 -1.22 6.91
C TRP F 43 -30.37 -2.26 6.76
N ASP F 44 -30.23 -3.17 5.79
CA ASP F 44 -31.19 -4.27 5.60
C ASP F 44 -31.41 -5.08 6.89
N ALA F 45 -30.33 -5.41 7.60
CA ALA F 45 -30.44 -6.17 8.85
C ALA F 45 -30.99 -5.34 10.03
N PHE F 46 -30.71 -4.04 10.03
CA PHE F 46 -31.23 -3.12 11.06
C PHE F 46 -32.74 -3.08 10.88
N LYS F 47 -33.13 -2.75 9.66
CA LYS F 47 -34.53 -2.69 9.27
C LYS F 47 -35.26 -4.00 9.63
N GLY F 48 -34.64 -5.13 9.31
CA GLY F 48 -35.29 -6.43 9.48
C GLY F 48 -35.51 -6.84 10.93
N ALA F 49 -34.79 -6.19 11.85
CA ALA F 49 -34.99 -6.45 13.27
C ALA F 49 -36.30 -5.91 13.84
N PHE F 50 -36.88 -4.86 13.26
CA PHE F 50 -38.06 -4.22 13.88
C PHE F 50 -39.27 -3.95 12.98
N ILE F 51 -39.06 -3.94 11.67
CA ILE F 51 -40.16 -3.76 10.72
C ILE F 51 -41.08 -4.96 10.79
N SER F 52 -42.39 -4.72 10.71
CA SER F 52 -43.41 -5.77 10.73
C SER F 52 -43.37 -6.58 12.01
N LYS F 53 -43.06 -5.92 13.12
CA LYS F 53 -43.05 -6.55 14.42
C LYS F 53 -43.68 -5.61 15.43
N HIS F 54 -44.40 -6.18 16.38
CA HIS F 54 -45.00 -5.38 17.41
C HIS F 54 -43.86 -4.74 18.18
N PRO F 55 -43.90 -3.41 18.33
CA PRO F 55 -42.74 -2.75 18.95
C PRO F 55 -42.63 -2.95 20.47
N CYS F 56 -43.46 -3.81 21.06
CA CYS F 56 -43.26 -4.21 22.44
C CYS F 56 -42.79 -5.66 22.52
N ASP F 57 -42.57 -6.28 21.35
CA ASP F 57 -42.19 -7.71 21.23
C ASP F 57 -40.83 -7.96 20.61
N ILE F 58 -39.94 -6.98 20.70
CA ILE F 58 -38.61 -7.09 20.13
C ILE F 58 -37.72 -7.92 21.05
N THR F 59 -36.89 -8.77 20.46
CA THR F 59 -35.95 -9.62 21.18
C THR F 59 -34.52 -9.32 20.73
N GLU F 60 -33.55 -9.79 21.49
CA GLU F 60 -32.15 -9.66 21.11
C GLU F 60 -31.86 -10.49 19.85
N GLU F 61 -32.56 -11.62 19.69
CA GLU F 61 -32.39 -12.47 18.52
C GLU F 61 -32.75 -11.70 17.23
N ASP F 62 -33.75 -10.81 17.30
CA ASP F 62 -34.11 -9.97 16.14
C ASP F 62 -32.92 -9.16 15.63
N TYR F 63 -32.09 -8.70 16.56
CA TYR F 63 -30.91 -7.91 16.23
C TYR F 63 -29.66 -8.74 15.92
N GLN F 64 -29.74 -10.07 15.95
CA GLN F 64 -28.57 -10.91 15.73
C GLN F 64 -27.91 -10.71 14.33
N PRO F 65 -28.72 -10.64 13.26
CA PRO F 65 -28.10 -10.41 11.95
C PRO F 65 -27.35 -9.06 11.84
N LEU F 66 -27.92 -8.00 12.41
CA LEU F 66 -27.22 -6.72 12.52
C LEU F 66 -25.94 -6.84 13.35
N MET F 67 -26.01 -7.54 14.47
CA MET F 67 -24.82 -7.75 15.33
C MET F 67 -23.69 -8.46 14.57
N LYS F 68 -24.06 -9.46 13.77
CA LYS F 68 -23.10 -10.24 12.98
C LYS F 68 -22.42 -9.36 11.92
N LEU F 69 -23.19 -8.49 11.28
CA LEU F 69 -22.63 -7.57 10.29
C LEU F 69 -21.93 -6.39 10.94
N GLY F 70 -22.39 -5.97 12.11
CA GLY F 70 -21.97 -4.71 12.71
C GLY F 70 -20.83 -4.77 13.70
N THR F 71 -20.49 -5.98 14.15
CA THR F 71 -19.52 -6.15 15.22
C THR F 71 -18.13 -6.19 14.62
N GLN F 72 -17.23 -5.43 15.23
CA GLN F 72 -15.90 -5.20 14.68
C GLN F 72 -14.86 -5.69 15.68
N THR F 73 -13.60 -5.45 15.36
CA THR F 73 -12.51 -5.76 16.26
C THR F 73 -12.04 -4.49 16.93
N VAL F 74 -12.45 -4.33 18.18
CA VAL F 74 -12.08 -3.16 18.99
C VAL F 74 -10.83 -3.43 19.85
N PRO F 75 -10.12 -2.36 20.29
CA PRO F 75 -9.03 -2.55 21.26
C PRO F 75 -9.60 -2.83 22.66
N CYS F 76 -9.61 -4.08 23.05
CA CYS F 76 -10.37 -4.53 24.22
C CYS F 76 -9.85 -3.99 25.56
N ASN F 77 -8.61 -3.50 25.58
CA ASN F 77 -7.96 -3.07 26.82
C ASN F 77 -8.09 -1.57 27.06
N LYS F 78 -8.89 -0.90 26.22
CA LYS F 78 -8.99 0.54 26.26
C LYS F 78 -10.45 0.95 26.38
N ILE F 79 -11.27 0.01 26.84
CA ILE F 79 -12.70 0.23 26.92
C ILE F 79 -13.04 1.03 28.18
N LEU F 80 -13.91 2.01 28.01
CA LEU F 80 -14.43 2.80 29.10
C LEU F 80 -15.93 2.65 29.09
N LEU F 81 -16.44 1.95 30.10
CA LEU F 81 -17.89 1.89 30.36
C LEU F 81 -18.26 3.05 31.27
N TRP F 82 -19.54 3.33 31.34
CA TRP F 82 -20.05 4.38 32.21
C TRP F 82 -21.47 4.05 32.59
N SER F 83 -21.99 4.74 33.59
CA SER F 83 -23.39 4.64 33.96
C SER F 83 -23.92 6.02 34.32
N ARG F 84 -24.88 6.50 33.56
CA ARG F 84 -25.53 7.79 33.82
C ARG F 84 -24.55 8.97 33.77
N ILE F 85 -23.48 8.85 32.99
CA ILE F 85 -22.44 9.89 32.95
C ILE F 85 -21.76 9.89 31.57
N LYS F 86 -22.59 9.93 30.54
CA LYS F 86 -22.18 9.73 29.14
C LYS F 86 -21.31 10.87 28.60
N ASP F 87 -21.82 12.09 28.64
CA ASP F 87 -21.17 13.22 27.98
C ASP F 87 -19.86 13.59 28.68
N LEU F 88 -19.81 13.37 30.00
CA LEU F 88 -18.58 13.56 30.76
C LEU F 88 -17.55 12.47 30.44
N ALA F 89 -18.00 11.22 30.28
CA ALA F 89 -17.12 10.12 29.88
C ALA F 89 -16.52 10.37 28.50
N HIS F 90 -17.36 10.79 27.55
CA HIS F 90 -16.87 11.13 26.22
C HIS F 90 -15.95 12.36 26.25
N GLN F 91 -16.30 13.35 27.07
CA GLN F 91 -15.45 14.54 27.26
C GLN F 91 -14.07 14.15 27.81
N PHE F 92 -14.04 13.09 28.62
CA PHE F 92 -12.78 12.54 29.12
C PHE F 92 -11.98 11.87 27.98
N THR F 93 -12.67 11.12 27.13
CA THR F 93 -12.03 10.40 26.02
C THR F 93 -11.48 11.37 24.93
N GLN F 94 -11.62 12.68 25.19
CA GLN F 94 -10.90 13.70 24.43
C GLN F 94 -9.48 13.88 24.96
N VAL F 95 -9.08 13.06 25.94
CA VAL F 95 -7.71 13.04 26.45
C VAL F 95 -6.76 12.52 25.38
N ASP F 98 -7.13 8.19 23.93
CA ASP F 98 -6.65 6.81 23.87
C ASP F 98 -7.77 5.79 24.16
N MET F 99 -8.57 6.04 25.20
CA MET F 99 -9.69 5.15 25.52
C MET F 99 -10.88 5.44 24.61
N PHE F 100 -11.84 4.51 24.59
CA PHE F 100 -13.00 4.65 23.71
C PHE F 100 -14.26 4.06 24.35
N THR F 101 -15.39 4.73 24.10
CA THR F 101 -16.68 4.30 24.60
C THR F 101 -17.41 3.55 23.49
N LEU F 102 -18.59 3.03 23.82
CA LEU F 102 -19.47 2.36 22.86
C LEU F 102 -19.86 3.29 21.71
N ALA F 103 -20.00 4.58 22.02
CA ALA F 103 -20.26 5.60 21.01
C ALA F 103 -19.24 5.61 19.87
N ASP F 104 -18.05 5.08 20.13
CA ASP F 104 -16.98 5.02 19.13
C ASP F 104 -17.05 3.80 18.22
N THR F 105 -17.93 2.84 18.50
CA THR F 105 -18.10 1.67 17.63
C THR F 105 -19.08 1.95 16.50
N LEU F 106 -18.96 1.17 15.42
CA LEU F 106 -19.85 1.30 14.26
C LEU F 106 -21.30 1.37 14.70
N LEU F 107 -21.75 0.35 15.40
CA LEU F 107 -23.15 0.25 15.79
C LEU F 107 -23.59 1.33 16.77
N GLY F 108 -22.69 1.73 17.65
CA GLY F 108 -22.98 2.83 18.57
C GLY F 108 -23.06 4.14 17.82
N TYR F 109 -22.19 4.29 16.83
CA TYR F 109 -22.15 5.48 15.99
C TYR F 109 -23.41 5.59 15.11
N LEU F 110 -23.93 4.45 14.64
CA LEU F 110 -25.11 4.46 13.78
C LEU F 110 -26.36 4.88 14.55
N ALA F 111 -26.54 4.31 15.74
CA ALA F 111 -27.75 4.50 16.56
C ALA F 111 -27.78 5.72 17.50
N ASP F 112 -26.64 6.39 17.68
CA ASP F 112 -26.51 7.51 18.62
C ASP F 112 -27.61 8.56 18.48
N ASP F 113 -28.35 8.80 19.56
CA ASP F 113 -29.41 9.83 19.62
C ASP F 113 -30.50 9.72 18.52
N LEU F 114 -30.78 8.49 18.10
CA LEU F 114 -31.88 8.26 17.17
C LEU F 114 -32.96 7.49 17.88
N THR F 115 -34.16 7.56 17.31
CA THR F 115 -35.28 6.74 17.73
C THR F 115 -35.90 6.09 16.50
N TRP F 116 -36.48 4.89 16.70
CA TRP F 116 -37.12 4.15 15.63
C TRP F 116 -38.08 3.08 16.16
N CYS F 117 -39.15 2.85 15.40
CA CYS F 117 -39.96 1.64 15.57
C CYS F 117 -40.74 1.31 14.27
N GLY F 118 -41.36 0.13 14.27
CA GLY F 118 -42.24 -0.30 13.20
C GLY F 118 -43.63 -0.57 13.71
N GLU F 119 -44.40 -1.28 12.90
CA GLU F 119 -45.78 -1.66 13.21
C GLU F 119 -45.94 -3.17 13.01
N PHE F 120 -46.89 -3.76 13.74
CA PHE F 120 -47.19 -5.17 13.61
C PHE F 120 -47.85 -5.50 12.26
N ASP F 121 -48.68 -4.59 11.76
CA ASP F 121 -49.58 -4.87 10.63
C ASP F 121 -49.08 -4.41 9.25
N THR F 122 -48.03 -3.59 9.21
CA THR F 122 -47.45 -3.14 7.96
C THR F 122 -45.93 -3.33 7.94
N SER F 123 -45.35 -3.18 6.75
CA SER F 123 -43.89 -3.18 6.60
C SER F 123 -43.30 -1.76 6.66
N LYS F 124 -44.01 -0.83 7.29
CA LYS F 124 -43.63 0.57 7.31
C LYS F 124 -42.98 1.02 8.61
N ILE F 125 -42.10 2.00 8.48
CA ILE F 125 -41.51 2.66 9.62
C ILE F 125 -42.53 3.64 10.19
N ASN F 126 -42.61 3.69 11.52
CA ASN F 126 -43.62 4.49 12.19
C ASN F 126 -43.00 5.81 12.64
N TYR F 127 -43.27 6.87 11.88
CA TYR F 127 -42.78 8.22 12.19
C TYR F 127 -43.75 8.96 13.10
N GLN F 128 -44.93 8.37 13.34
CA GLN F 128 -45.93 9.01 14.22
C GLN F 128 -45.49 8.97 15.68
N SER F 129 -45.21 7.77 16.21
CA SER F 129 -44.90 7.58 17.62
C SER F 129 -44.28 6.20 17.90
N CYS F 130 -43.51 6.10 18.99
CA CYS F 130 -42.83 4.85 19.35
C CYS F 130 -42.94 4.60 20.86
N PRO F 131 -42.95 3.32 21.27
CA PRO F 131 -43.18 3.05 22.69
C PRO F 131 -42.21 3.80 23.58
N ASP F 132 -42.73 4.27 24.71
CA ASP F 132 -41.90 4.82 25.76
C ASP F 132 -41.50 3.69 26.70
N TRP F 133 -40.21 3.61 27.01
CA TRP F 133 -39.67 2.54 27.82
C TRP F 133 -40.44 2.36 29.16
N ARG F 134 -40.78 3.46 29.82
CA ARG F 134 -41.48 3.38 31.11
C ARG F 134 -43.00 3.25 30.98
N LYS F 135 -43.61 4.12 30.17
CA LYS F 135 -45.07 4.19 30.06
C LYS F 135 -45.66 3.00 29.29
N ASP F 136 -45.03 2.61 28.18
CA ASP F 136 -45.60 1.62 27.27
C ASP F 136 -45.03 0.20 27.42
N CYS F 137 -43.73 0.01 27.14
CA CYS F 137 -43.11 -1.31 27.23
C CYS F 137 -41.58 -1.30 27.17
N SER F 138 -40.98 -2.30 27.80
CA SER F 138 -39.53 -2.39 27.91
C SER F 138 -38.86 -3.02 26.67
N ASN F 139 -39.54 -3.97 26.04
CA ASN F 139 -38.93 -4.69 24.91
C ASN F 139 -39.21 -3.97 23.56
N ASN F 140 -38.84 -2.69 23.50
CA ASN F 140 -39.02 -1.88 22.31
C ASN F 140 -37.76 -1.85 21.46
N PRO F 141 -37.90 -1.47 20.16
CA PRO F 141 -36.77 -1.52 19.24
C PRO F 141 -35.51 -0.79 19.71
N VAL F 142 -35.67 0.40 20.25
CA VAL F 142 -34.51 1.17 20.77
C VAL F 142 -33.90 0.52 22.02
N SER F 143 -34.71 0.24 23.02
CA SER F 143 -34.19 -0.32 24.29
C SER F 143 -33.50 -1.69 24.10
N VAL F 144 -34.14 -2.55 23.32
CA VAL F 144 -33.60 -3.88 23.06
C VAL F 144 -32.31 -3.81 22.24
N PHE F 145 -32.24 -2.84 21.32
CA PHE F 145 -31.01 -2.60 20.57
C PHE F 145 -29.87 -2.28 21.52
N TRP F 146 -30.08 -1.31 22.41
CA TRP F 146 -29.00 -0.88 23.31
C TRP F 146 -28.59 -1.98 24.27
N LYS F 147 -29.56 -2.80 24.68
CA LYS F 147 -29.31 -3.96 25.52
C LYS F 147 -28.49 -5.00 24.77
N THR F 148 -28.86 -5.29 23.53
CA THR F 148 -28.11 -6.25 22.73
C THR F 148 -26.65 -5.82 22.47
N VAL F 149 -26.45 -4.60 22.01
CA VAL F 149 -25.11 -4.10 21.72
C VAL F 149 -24.28 -3.95 23.00
N SER F 150 -24.92 -3.52 24.08
CA SER F 150 -24.23 -3.35 25.35
C SER F 150 -23.67 -4.66 25.85
N ARG F 151 -24.47 -5.72 25.79
CA ARG F 151 -24.03 -7.07 26.14
C ARG F 151 -22.77 -7.48 25.37
N ARG F 152 -22.82 -7.33 24.04
CA ARG F 152 -21.71 -7.74 23.20
C ARG F 152 -20.42 -6.97 23.47
N PHE F 153 -20.55 -5.69 23.82
CA PHE F 153 -19.42 -4.83 24.13
C PHE F 153 -18.74 -5.29 25.44
N ALA F 154 -19.55 -5.66 26.43
CA ALA F 154 -19.04 -6.20 27.69
C ALA F 154 -18.35 -7.55 27.47
N GLU F 155 -18.87 -8.34 26.53
CA GLU F 155 -18.27 -9.64 26.23
C GLU F 155 -16.94 -9.48 25.53
N ALA F 156 -16.72 -8.35 24.86
CA ALA F 156 -15.44 -8.11 24.16
C ALA F 156 -14.32 -7.55 25.07
N ALA F 157 -14.70 -6.91 26.16
CA ALA F 157 -13.72 -6.23 27.01
C ALA F 157 -12.66 -7.20 27.54
N CYS F 158 -11.46 -6.69 27.75
CA CYS F 158 -10.36 -7.51 28.25
C CYS F 158 -9.49 -6.77 29.24
N ASP F 159 -8.65 -7.56 29.93
CA ASP F 159 -7.66 -7.07 30.89
C ASP F 159 -8.27 -6.17 31.98
N VAL F 160 -8.02 -4.86 31.92
CA VAL F 160 -8.55 -3.92 32.90
C VAL F 160 -9.63 -3.10 32.21
N VAL F 161 -10.86 -3.22 32.71
CA VAL F 161 -11.99 -2.50 32.16
C VAL F 161 -12.30 -1.36 33.11
N HIS F 162 -12.46 -0.17 32.55
CA HIS F 162 -12.71 1.01 33.37
C HIS F 162 -14.18 1.40 33.26
N VAL F 163 -14.79 1.76 34.40
CA VAL F 163 -16.14 2.31 34.40
C VAL F 163 -16.20 3.65 35.12
N MET F 164 -16.73 4.67 34.44
CA MET F 164 -16.94 5.97 35.04
C MET F 164 -18.33 6.04 35.64
N LEU F 165 -18.41 6.42 36.92
CA LEU F 165 -19.68 6.59 37.65
C LEU F 165 -19.86 8.01 38.18
N ASP F 166 -21.10 8.49 38.22
CA ASP F 166 -21.42 9.85 38.69
C ASP F 166 -21.64 9.88 40.20
N GLY F 167 -20.61 10.32 40.92
CA GLY F 167 -20.60 10.34 42.37
C GLY F 167 -21.54 11.34 43.04
N SER F 168 -22.19 12.20 42.26
CA SER F 168 -23.17 13.13 42.83
C SER F 168 -24.59 12.54 42.86
N ARG F 169 -24.83 11.47 42.11
CA ARG F 169 -26.16 10.82 42.08
C ARG F 169 -26.52 10.29 43.46
N SER F 170 -27.82 10.07 43.67
CA SER F 170 -28.28 9.52 44.96
C SER F 170 -27.99 8.02 45.00
N LYS F 171 -28.01 7.40 43.82
CA LYS F 171 -27.55 6.02 43.61
C LYS F 171 -26.40 6.05 42.62
N ILE F 172 -25.17 5.94 43.10
CA ILE F 172 -23.99 6.02 42.25
C ILE F 172 -23.91 4.78 41.36
N PHE F 173 -24.14 3.61 41.97
CA PHE F 173 -24.23 2.37 41.23
C PHE F 173 -25.65 1.86 41.36
N ASP F 174 -26.28 1.59 40.21
CA ASP F 174 -27.64 1.08 40.12
C ASP F 174 -27.65 -0.25 39.39
N LYS F 175 -27.99 -1.31 40.11
CA LYS F 175 -28.01 -2.66 39.56
C LYS F 175 -29.09 -2.87 38.50
N ASP F 176 -30.08 -1.98 38.41
CA ASP F 176 -31.09 -2.06 37.34
C ASP F 176 -30.73 -1.29 36.06
N SER F 177 -29.67 -0.51 36.11
CA SER F 177 -29.18 0.18 34.94
C SER F 177 -28.62 -0.83 33.97
N THR F 178 -28.45 -0.41 32.73
CA THR F 178 -27.87 -1.29 31.74
C THR F 178 -26.46 -1.70 32.15
N PHE F 179 -25.72 -0.78 32.77
CA PHE F 179 -24.38 -1.15 33.23
C PHE F 179 -24.44 -2.21 34.32
N GLY F 180 -25.36 -2.02 35.26
CA GLY F 180 -25.47 -2.87 36.43
C GLY F 180 -26.01 -4.25 36.19
N SER F 181 -27.00 -4.39 35.31
CA SER F 181 -27.55 -5.69 34.99
C SER F 181 -26.72 -6.38 33.89
N VAL F 182 -26.87 -5.89 32.65
CA VAL F 182 -26.30 -6.59 31.50
C VAL F 182 -24.78 -6.55 31.37
N GLU F 183 -24.14 -5.42 31.65
CA GLU F 183 -22.71 -5.29 31.41
C GLU F 183 -21.87 -5.96 32.50
N VAL F 184 -22.27 -5.76 33.75
CA VAL F 184 -21.53 -6.28 34.90
C VAL F 184 -21.53 -7.82 34.91
N HIS F 185 -22.66 -8.43 34.53
CA HIS F 185 -22.76 -9.89 34.49
C HIS F 185 -22.26 -10.55 33.19
N ASN F 186 -21.86 -9.76 32.19
CA ASN F 186 -21.30 -10.31 30.95
C ASN F 186 -19.86 -9.92 30.64
N LEU F 187 -19.15 -9.40 31.64
CA LEU F 187 -17.69 -9.31 31.55
C LEU F 187 -17.15 -10.73 31.69
N GLN F 188 -16.22 -11.13 30.81
CA GLN F 188 -15.70 -12.50 30.83
C GLN F 188 -14.53 -12.62 31.82
N PRO F 189 -14.71 -13.40 32.91
CA PRO F 189 -13.63 -13.59 33.91
C PRO F 189 -12.32 -14.12 33.33
N GLU F 190 -12.39 -14.72 32.15
CA GLU F 190 -11.22 -15.27 31.50
C GLU F 190 -10.42 -14.16 30.84
N LYS F 191 -11.13 -13.16 30.33
CA LYS F 191 -10.54 -12.07 29.57
C LYS F 191 -10.20 -10.92 30.49
N VAL F 192 -11.08 -10.67 31.45
CA VAL F 192 -11.01 -9.49 32.29
C VAL F 192 -10.36 -9.79 33.63
N GLN F 193 -9.27 -9.08 33.92
CA GLN F 193 -8.57 -9.20 35.18
C GLN F 193 -9.25 -8.34 36.25
N THR F 194 -9.51 -7.08 35.89
CA THR F 194 -9.97 -6.09 36.84
C THR F 194 -11.04 -5.18 36.23
N LEU F 195 -12.03 -4.83 37.05
CA LEU F 195 -12.91 -3.71 36.77
C LEU F 195 -12.53 -2.58 37.71
N GLU F 196 -12.14 -1.44 37.14
CA GLU F 196 -11.73 -0.28 37.91
C GLU F 196 -12.80 0.78 37.80
N ALA F 197 -13.42 1.15 38.92
CA ALA F 197 -14.45 2.16 38.93
C ALA F 197 -13.84 3.53 39.22
N TRP F 198 -14.15 4.51 38.37
CA TRP F 198 -13.80 5.90 38.67
C TRP F 198 -15.06 6.61 39.08
N VAL F 199 -15.14 6.94 40.37
CA VAL F 199 -16.28 7.68 40.88
C VAL F 199 -15.99 9.16 40.79
N ILE F 200 -16.71 9.84 39.91
CA ILE F 200 -16.47 11.26 39.66
C ILE F 200 -17.23 12.13 40.67
N HIS F 201 -16.47 12.92 41.41
CA HIS F 201 -17.06 13.85 42.38
C HIS F 201 -17.70 15.04 41.70
N GLY F 202 -18.77 15.55 42.30
CA GLY F 202 -19.48 16.70 41.76
C GLY F 202 -18.71 18.00 41.96
N GLY F 203 -18.03 18.10 43.10
CA GLY F 203 -17.38 19.35 43.50
C GLY F 203 -15.89 19.37 43.20
N ARG F 204 -15.27 20.50 43.53
CA ARG F 204 -13.84 20.70 43.33
C ARG F 204 -13.01 19.90 44.35
N GLU F 205 -13.50 19.88 45.59
CA GLU F 205 -12.84 19.13 46.65
C GLU F 205 -13.82 18.81 47.78
N ASP F 206 -13.71 17.60 48.33
CA ASP F 206 -14.46 17.20 49.52
C ASP F 206 -13.65 16.16 50.32
N SER F 207 -14.20 15.66 51.42
CA SER F 207 -13.46 14.76 52.30
C SER F 207 -14.01 13.35 52.27
N ARG F 208 -14.81 13.04 51.26
CA ARG F 208 -15.63 11.84 51.26
C ARG F 208 -15.00 10.77 50.38
N ASP F 209 -14.88 9.57 50.93
CA ASP F 209 -14.40 8.42 50.20
C ASP F 209 -15.63 7.74 49.60
N LEU F 210 -16.04 8.19 48.41
CA LEU F 210 -17.19 7.62 47.71
C LEU F 210 -16.97 6.17 47.27
N CYS F 211 -15.74 5.68 47.35
CA CYS F 211 -15.49 4.25 47.08
C CYS F 211 -16.02 3.39 48.24
N GLN F 212 -16.26 3.99 49.39
CA GLN F 212 -16.95 3.30 50.48
C GLN F 212 -18.47 3.49 50.50
N ASP F 213 -19.02 4.19 49.49
CA ASP F 213 -20.47 4.33 49.35
C ASP F 213 -21.11 2.94 49.25
N PRO F 214 -22.29 2.76 49.86
CA PRO F 214 -22.96 1.46 49.85
C PRO F 214 -23.18 0.82 48.47
N THR F 215 -23.55 1.62 47.46
CA THR F 215 -23.82 1.08 46.13
C THR F 215 -22.54 0.62 45.50
N ILE F 216 -21.43 1.26 45.87
CA ILE F 216 -20.12 0.84 45.39
C ILE F 216 -19.71 -0.44 46.09
N LYS F 217 -20.02 -0.60 47.38
CA LYS F 217 -19.75 -1.87 48.05
C LYS F 217 -20.54 -3.03 47.40
N GLU F 218 -21.78 -2.76 47.00
CA GLU F 218 -22.58 -3.73 46.24
C GLU F 218 -21.90 -4.11 44.92
N LEU F 219 -21.44 -3.12 44.18
CA LEU F 219 -20.75 -3.36 42.93
C LEU F 219 -19.50 -4.22 43.15
N GLU F 220 -18.74 -3.89 44.18
CA GLU F 220 -17.52 -4.62 44.53
C GLU F 220 -17.85 -6.08 44.78
N SER F 221 -18.91 -6.31 45.53
CA SER F 221 -19.34 -7.66 45.89
C SER F 221 -19.74 -8.48 44.67
N ILE F 222 -20.53 -7.88 43.78
CA ILE F 222 -20.97 -8.57 42.56
C ILE F 222 -19.76 -8.98 41.72
N ILE F 223 -18.86 -8.03 41.52
CA ILE F 223 -17.67 -8.24 40.71
C ILE F 223 -16.72 -9.31 41.27
N SER F 224 -16.51 -9.31 42.57
CA SER F 224 -15.63 -10.30 43.19
C SER F 224 -16.28 -11.69 43.22
N LYS F 225 -17.61 -11.75 43.24
CA LYS F 225 -18.30 -13.04 43.14
C LYS F 225 -18.19 -13.64 41.73
N ARG F 226 -17.90 -12.81 40.73
CA ARG F 226 -17.65 -13.30 39.36
C ARG F 226 -16.16 -13.56 39.04
N ASN F 227 -15.32 -13.61 40.08
CA ASN F 227 -13.88 -13.89 39.93
C ASN F 227 -13.17 -12.83 39.10
N ILE F 228 -13.55 -11.58 39.33
CA ILE F 228 -12.87 -10.44 38.72
C ILE F 228 -12.49 -9.51 39.85
N GLN F 229 -11.29 -8.95 39.80
CA GLN F 229 -10.82 -8.05 40.87
C GLN F 229 -11.53 -6.72 40.72
N PHE F 230 -11.75 -6.03 41.84
CA PHE F 230 -12.40 -4.72 41.81
C PHE F 230 -11.50 -3.63 42.37
N SER F 231 -11.47 -2.52 41.65
CA SER F 231 -10.63 -1.40 42.02
C SER F 231 -11.50 -0.15 41.95
N CYS F 232 -11.23 0.82 42.81
CA CYS F 232 -12.07 2.02 42.86
C CYS F 232 -11.24 3.24 43.20
N LYS F 233 -11.52 4.34 42.51
CA LYS F 233 -10.79 5.58 42.69
C LYS F 233 -11.76 6.75 42.77
N ASN F 234 -11.47 7.67 43.68
CA ASN F 234 -12.12 8.97 43.77
C ASN F 234 -11.47 9.94 42.83
N ILE F 235 -12.23 10.45 41.87
CA ILE F 235 -11.71 11.36 40.85
C ILE F 235 -12.41 12.71 40.95
N TYR F 236 -11.62 13.78 40.92
CA TYR F 236 -12.13 15.15 40.91
C TYR F 236 -11.87 15.80 39.57
N ARG F 237 -12.91 16.41 39.00
CA ARG F 237 -12.83 17.05 37.67
C ARG F 237 -12.63 18.55 37.79
N1 AVU G . 30.22 20.74 11.28
C2 AVU G . 28.94 20.40 11.17
N3 AVU G . 28.57 19.38 10.42
C4 AVU G . 29.50 18.63 9.77
C5 AVU G . 30.84 18.95 9.87
C6 AVU G . 31.20 20.04 10.66
N6 AVU G . 32.48 20.40 10.80
N7 AVU G . 31.51 18.08 9.12
C8 AVU G . 30.63 17.24 8.59
N9 AVU G . 29.38 17.58 8.97
PA AVU G . 29.67 11.65 7.38
PB AVU G . 32.44 11.77 8.19
C1' AVU G . 28.09 16.93 8.64
O1A AVU G . 29.47 11.16 6.01
O1B AVU G . 32.86 10.45 7.65
C1R AVU G . 35.62 15.68 5.81
C2' AVU G . 27.40 17.43 7.39
O2' AVU G . 25.99 17.55 7.69
O2A AVU G . 29.46 10.75 8.53
O2B AVU G . 32.30 11.96 9.64
C2R AVU G . 36.68 15.95 6.86
F2R AVU G . 36.95 17.30 7.00
C3' AVU G . 27.68 16.32 6.35
O3' AVU G . 26.65 16.25 5.36
O3A AVU G . 31.14 12.36 7.46
C3R AVU G . 36.06 15.41 8.14
O3R AVU G . 37.12 14.98 9.00
C4' AVU G . 27.67 15.07 7.24
O4' AVU G . 28.33 15.49 8.47
C4R AVU G . 35.33 14.18 7.60
O4R AVU G . 34.87 14.53 6.28
C5' AVU G . 28.49 13.90 6.64
O5' AVU G . 28.65 12.88 7.60
C5R AVU G . 34.05 13.85 8.29
O5R AVU G . 33.54 12.73 7.60
N1 AVU H . 25.91 0.07 -27.51
C2 AVU H . 27.22 -0.12 -27.70
N3 AVU H . 27.77 -1.31 -27.50
C4 AVU H . 27.03 -2.34 -27.09
C5 AVU H . 25.66 -2.18 -26.89
C6 AVU H . 25.10 -0.93 -27.10
N6 AVU H . 23.80 -0.71 -26.91
N7 AVU H . 25.17 -3.35 -26.48
C8 AVU H . 26.18 -4.22 -26.46
N9 AVU H . 27.32 -3.60 -26.81
PA AVU H . 26.36 -8.67 -28.93
PB AVU H . 23.65 -7.86 -29.37
C1' AVU H . 28.69 -4.20 -26.94
O1A AVU H . 26.23 -9.80 -28.00
O1B AVU H . 23.20 -9.27 -29.28
C1R AVU H . 20.84 -5.21 -25.11
C2' AVU H . 29.30 -4.67 -25.61
O2' AVU H . 30.73 -4.67 -25.71
O2A AVU H . 26.50 -8.94 -30.38
O2B AVU H . 23.63 -7.19 -30.67
C2R AVU H . 19.94 -4.26 -25.88
F2R AVU H . 20.04 -3.00 -25.37
C3' AVU H . 28.84 -6.10 -25.51
O3' AVU H . 29.76 -6.82 -24.69
O3A AVU H . 25.12 -7.63 -28.72
C3R AVU H . 20.54 -4.28 -27.28
O3R AVU H . 19.51 -4.03 -28.26
C4' AVU H . 28.96 -6.54 -26.96
O4' AVU H . 28.56 -5.39 -27.78
C4R AVU H . 21.01 -5.72 -27.37
O4R AVU H . 21.51 -6.07 -26.06
C5' AVU H . 28.00 -7.73 -27.17
O5' AVU H . 27.52 -7.73 -28.50
C5R AVU H . 22.19 -5.83 -28.37
O5R AVU H . 22.80 -7.10 -28.22
N1 AVU I . -13.39 17.66 -21.40
C2 AVU I . -14.70 17.54 -21.18
N3 AVU I . -15.16 16.68 -20.27
C4 AVU I . -14.33 15.91 -19.55
C5 AVU I . -12.95 16.01 -19.75
C6 AVU I . -12.49 16.91 -20.71
N6 AVU I . -11.19 17.05 -20.94
N7 AVU I . -12.35 15.13 -18.92
C8 AVU I . -13.33 14.52 -18.23
N9 AVU I . -14.54 14.99 -18.62
PA AVU I . -14.74 13.33 -12.18
PB AVU I . -11.94 13.16 -11.94
C1' AVU I . -15.89 14.59 -18.11
O1A AVU I . -15.18 12.17 -11.38
O1B AVU I . -12.03 12.36 -10.72
C1R AVU I . -9.26 10.56 -16.44
C2' AVU I . -16.00 13.06 -18.08
O2' AVU I . -17.35 12.67 -18.35
O2A AVU I . -14.82 14.68 -11.57
O2B AVU I . -11.56 14.59 -11.91
C2R AVU I . -7.87 11.18 -16.29
F2R AVU I . -7.33 11.47 -17.51
C3' AVU I . -15.57 12.74 -16.65
O3' AVU I . -16.10 11.48 -16.25
O3A AVU I . -13.28 13.05 -12.80
C3R AVU I . -8.17 12.46 -15.54
O3R AVU I . -6.96 12.96 -14.95
C4' AVU I . -16.19 13.89 -15.84
O4' AVU I . -16.12 15.06 -16.72
C4R AVU I . -9.13 11.95 -14.48
O4R AVU I . -9.95 10.96 -15.19
C5' AVU I . -15.34 14.24 -14.59
O5' AVU I . -15.60 13.32 -13.51
C5R AVU I . -10.21 12.92 -13.95
O5R AVU I . -10.87 12.34 -12.82
N1 AVU J . -31.12 -19.55 -8.77
C2 AVU J . -31.22 -19.16 -7.49
N3 AVU J . -30.20 -19.29 -6.65
C4 AVU J . -29.04 -19.82 -7.07
C5 AVU J . -28.89 -20.24 -8.39
C6 AVU J . -29.98 -20.09 -9.24
N6 AVU J . -29.89 -20.48 -10.52
N7 AVU J . -27.64 -20.73 -8.54
C8 AVU J . -27.04 -20.62 -7.35
N9 AVU J . -27.87 -20.07 -6.46
PA AVU J . -32.02 -20.92 -0.81
PB AVU J . -34.54 -20.35 -2.13
C1' AVU J . -27.58 -19.79 -5.02
O1A AVU J . -32.13 -20.31 0.53
O1B AVU J . -35.38 -19.93 -1.02
C1R AVU J . -35.12 -15.81 -5.79
C2' AVU J . -28.09 -18.44 -4.51
O2' AVU J . -27.07 -17.80 -3.72
O2A AVU J . -32.14 -22.39 -0.99
O2B AVU J . -34.71 -21.69 -2.73
C2R AVU J . -36.16 -16.45 -6.68
F2R AVU J . -35.83 -16.25 -7.99
C3' AVU J . -29.29 -18.82 -3.63
O3' AVU J . -29.42 -17.92 -2.51
O3A AVU J . -32.99 -20.08 -1.77
C3R AVU J . -36.04 -17.91 -6.29
O3R AVU J . -37.24 -18.60 -6.63
C4' AVU J . -28.92 -20.21 -3.13
O4' AVU J . -28.33 -20.83 -4.28
C4R AVU J . -35.96 -17.69 -4.81
O4R AVU J . -34.87 -16.76 -4.71
C5' AVU J . -30.19 -20.99 -2.70
O5' AVU J . -30.66 -20.48 -1.45
C5R AVU J . -35.84 -18.99 -3.99
O5R AVU J . -34.62 -19.23 -3.37
N1 AVU K . 10.30 -12.99 19.47
C2 AVU K . 11.13 -14.03 19.48
N3 AVU K . 12.37 -13.93 18.99
C4 AVU K . 12.82 -12.77 18.49
C5 AVU K . 11.98 -11.66 18.47
C6 AVU K . 10.70 -11.79 18.97
N6 AVU K . 9.88 -10.75 18.96
N7 AVU K . 12.65 -10.65 17.94
C8 AVU K . 13.87 -11.09 17.62
N9 AVU K . 13.98 -12.37 17.96
PA AVU K . 13.02 -18.28 16.59
PB AVU K . 10.34 -17.47 15.96
C1' AVU K . 15.18 -13.21 17.75
O1A AVU K . 13.15 -19.34 17.62
O1B AVU K . 9.74 -18.79 15.79
C1R AVU K . 7.32 -14.66 19.88
C2' AVU K . 15.89 -13.39 19.08
O2' AVU K . 17.31 -13.38 18.84
O2A AVU K . 13.24 -18.63 15.18
O2B AVU K . 10.64 -16.60 14.81
C2R AVU K . 6.55 -13.67 19.02
F2R AVU K . 6.47 -12.45 19.65
C3' AVU K . 15.46 -14.77 19.55
O3' AVU K . 16.51 -15.32 20.35
O3A AVU K . 11.58 -17.56 16.89
C3R AVU K . 7.39 -13.60 17.75
O3R AVU K . 6.56 -13.26 16.62
C4' AVU K . 15.34 -15.52 18.24
O4' AVU K . 14.77 -14.53 17.32
C4R AVU K . 7.82 -15.04 17.65
O4R AVU K . 8.15 -15.44 19.00
C5' AVU K . 14.41 -16.77 18.27
O5' AVU K . 13.98 -17.07 16.93
C5R AVU K . 9.09 -15.30 16.80
O5R AVU K . 9.32 -16.69 16.88
N1 AVU L . -25.17 2.11 26.26
C2 AVU L . -26.37 1.94 26.79
N3 AVU L . -27.33 2.84 26.61
C4 AVU L . -27.12 3.95 25.88
C5 AVU L . -25.87 4.15 25.30
C6 AVU L . -24.89 3.20 25.51
N6 AVU L . -23.67 3.36 24.98
N7 AVU L . -25.92 5.31 24.64
C8 AVU L . -27.15 5.82 24.78
N9 AVU L . -27.88 4.99 25.53
PA AVU L . -29.06 3.26 31.40
PB AVU L . -26.19 3.03 31.77
C1' AVU L . -29.28 5.18 25.94
O1A AVU L . -29.76 2.11 31.95
O1B AVU L . -26.19 2.40 33.11
C1R AVU L . -23.38 -0.04 27.72
C2' AVU L . -30.23 4.23 25.23
O2' AVU L . -31.44 4.95 24.96
O2A AVU L . -28.94 4.50 32.18
O2B AVU L . -25.83 4.45 31.62
C2R AVU L . -21.99 0.58 27.85
F2R AVU L . -21.47 0.77 26.59
C3' AVU L . -30.46 3.12 26.27
O3' AVU L . -31.74 2.52 26.11
O3A AVU L . -27.58 2.72 30.96
C3R AVU L . -22.33 1.91 28.44
O3R AVU L . -21.17 2.49 29.01
C4' AVU L . -30.34 3.87 27.60
O4' AVU L . -29.32 4.86 27.37
C4R AVU L . -23.30 1.51 29.54
O4R AVU L . -24.09 0.46 28.95
C5' AVU L . -29.85 2.99 28.81
O5' AVU L . -29.79 3.77 30.03
C5R AVU L . -24.32 2.59 29.87
O5R AVU L . -25.20 2.07 30.87
#